data_1VZS
#
_entry.id   1VZS
#
_cell.length_a   1.000
_cell.length_b   1.000
_cell.length_c   1.000
_cell.angle_alpha   90.00
_cell.angle_beta   90.00
_cell.angle_gamma   90.00
#
_symmetry.space_group_name_H-M   'P 1'
#
_entity_poly.entity_id   1
_entity_poly.type   'polypeptide(L)'
_entity_poly.pdbx_seq_one_letter_code
;NKELDPVQKLFVDKIREYRTKRQTSGGPVDAGPEYQQDLDRELFKLKQMYGKADMNTFPNFTFEDPKFEVVEKPQS
;
_entity_poly.pdbx_strand_id   A
#
# COMPACT_ATOMS: atom_id res chain seq x y z
N ASN A 1 1.10 -14.11 17.46
CA ASN A 1 1.53 -13.58 16.14
C ASN A 1 2.91 -12.93 16.24
N LYS A 2 3.86 -13.45 15.48
CA LYS A 2 5.22 -12.92 15.47
C LYS A 2 5.25 -11.53 14.83
N GLU A 3 5.13 -11.49 13.51
CA GLU A 3 5.15 -10.23 12.77
C GLU A 3 4.48 -10.39 11.42
N LEU A 4 3.46 -11.24 11.35
CA LEU A 4 2.73 -11.48 10.11
C LEU A 4 1.65 -12.53 10.32
N ASP A 5 0.41 -12.07 10.40
CA ASP A 5 -0.73 -12.97 10.59
C ASP A 5 -1.18 -13.57 9.26
N PRO A 6 -2.05 -14.59 9.30
CA PRO A 6 -2.56 -15.25 8.10
C PRO A 6 -3.51 -14.37 7.31
N VAL A 7 -3.03 -13.20 6.90
CA VAL A 7 -3.84 -12.25 6.14
C VAL A 7 -3.06 -10.97 5.86
N GLN A 8 -2.38 -10.46 6.90
CA GLN A 8 -1.59 -9.25 6.77
C GLN A 8 -0.58 -9.38 5.63
N LYS A 9 -0.14 -10.61 5.37
CA LYS A 9 0.82 -10.87 4.31
C LYS A 9 0.28 -10.41 2.96
N LEU A 10 -1.00 -10.67 2.72
CA LEU A 10 -1.65 -10.26 1.47
C LEU A 10 -1.52 -8.76 1.26
N PHE A 11 -1.44 -8.02 2.37
CA PHE A 11 -1.31 -6.57 2.32
C PHE A 11 0.02 -6.17 1.69
N VAL A 12 1.12 -6.62 2.28
CA VAL A 12 2.43 -6.31 1.74
C VAL A 12 2.52 -6.69 0.27
N ASP A 13 1.69 -7.65 -0.13
CA ASP A 13 1.66 -8.10 -1.51
C ASP A 13 0.58 -7.34 -2.30
N LYS A 14 0.08 -6.25 -1.71
CA LYS A 14 -0.92 -5.43 -2.38
C LYS A 14 -0.32 -4.08 -2.67
N ILE A 15 0.50 -3.60 -1.76
CA ILE A 15 1.16 -2.32 -1.96
C ILE A 15 2.29 -2.50 -2.97
N ARG A 16 2.69 -3.74 -3.21
CA ARG A 16 3.73 -3.99 -4.18
C ARG A 16 3.08 -4.25 -5.54
N GLU A 17 1.76 -4.07 -5.60
CA GLU A 17 1.01 -4.28 -6.82
C GLU A 17 0.45 -2.96 -7.36
N TYR A 18 0.29 -1.99 -6.48
CA TYR A 18 -0.22 -0.68 -6.86
C TYR A 18 0.94 0.30 -7.04
N ARG A 19 2.04 0.06 -6.31
CA ARG A 19 3.20 0.92 -6.41
C ARG A 19 4.04 0.49 -7.60
N THR A 20 3.96 -0.80 -7.90
CA THR A 20 4.66 -1.38 -9.02
C THR A 20 4.21 -0.72 -10.33
N LYS A 21 2.92 -0.41 -10.40
CA LYS A 21 2.36 0.23 -11.60
C LYS A 21 2.91 1.64 -11.75
N ARG A 22 3.03 2.36 -10.64
CA ARG A 22 3.54 3.72 -10.65
C ARG A 22 5.00 3.76 -11.09
N GLN A 23 5.71 2.67 -10.83
CA GLN A 23 7.13 2.58 -11.19
C GLN A 23 7.32 2.81 -12.70
N THR A 24 6.81 1.88 -13.50
CA THR A 24 6.92 1.97 -14.96
C THR A 24 8.37 2.19 -15.39
N SER A 25 8.81 3.43 -15.42
CA SER A 25 10.18 3.76 -15.83
C SER A 25 10.51 5.21 -15.52
N GLY A 26 10.02 5.69 -14.37
CA GLY A 26 10.28 7.06 -13.98
C GLY A 26 9.43 7.49 -12.79
N GLY A 27 10.06 7.56 -11.62
CA GLY A 27 9.35 7.96 -10.42
C GLY A 27 10.28 8.42 -9.32
N PRO A 28 9.88 8.24 -8.05
CA PRO A 28 10.71 8.65 -6.89
C PRO A 28 11.94 7.77 -6.73
N VAL A 29 12.90 8.26 -5.95
CA VAL A 29 14.15 7.53 -5.69
C VAL A 29 14.82 7.06 -6.98
N ASP A 30 16.11 6.75 -6.88
CA ASP A 30 16.87 6.28 -8.04
C ASP A 30 16.09 5.18 -8.76
N ALA A 31 15.28 4.44 -8.01
CA ALA A 31 14.47 3.37 -8.57
C ALA A 31 15.33 2.35 -9.31
N GLY A 32 16.51 2.08 -8.76
CA GLY A 32 17.40 1.13 -9.37
C GLY A 32 16.81 -0.27 -9.41
N PRO A 33 17.65 -1.32 -9.50
CA PRO A 33 17.18 -2.70 -9.55
C PRO A 33 16.83 -3.25 -8.17
N GLU A 34 17.16 -2.50 -7.12
CA GLU A 34 16.85 -2.95 -5.77
C GLU A 34 16.36 -1.79 -4.93
N TYR A 35 15.67 -0.86 -5.58
CA TYR A 35 15.09 0.30 -4.92
C TYR A 35 13.95 -0.13 -4.00
N GLN A 36 13.60 -1.42 -4.03
CA GLN A 36 12.50 -1.95 -3.23
C GLN A 36 12.51 -1.34 -1.83
N GLN A 37 13.68 -0.98 -1.37
CA GLN A 37 13.83 -0.38 -0.04
C GLN A 37 13.13 0.98 0.01
N ASP A 38 12.90 1.57 -1.16
CA ASP A 38 12.23 2.86 -1.24
C ASP A 38 10.72 2.65 -1.45
N LEU A 39 10.38 1.48 -1.98
CA LEU A 39 8.98 1.14 -2.22
C LEU A 39 8.35 0.55 -0.97
N ASP A 40 9.15 -0.14 -0.17
CA ASP A 40 8.67 -0.74 1.06
C ASP A 40 8.55 0.32 2.15
N ARG A 41 9.41 1.33 2.09
CA ARG A 41 9.40 2.40 3.05
C ARG A 41 8.15 3.26 2.88
N GLU A 42 7.69 3.38 1.64
CA GLU A 42 6.49 4.16 1.35
C GLU A 42 5.23 3.38 1.73
N LEU A 43 5.22 2.09 1.40
CA LEU A 43 4.09 1.25 1.73
C LEU A 43 4.08 0.96 3.23
N PHE A 44 5.25 0.95 3.83
CA PHE A 44 5.39 0.71 5.25
C PHE A 44 4.75 1.84 6.04
N LYS A 45 4.74 3.04 5.45
CA LYS A 45 4.15 4.20 6.10
C LYS A 45 2.66 3.99 6.34
N LEU A 46 2.02 3.23 5.46
CA LEU A 46 0.60 2.94 5.59
C LEU A 46 0.31 2.24 6.92
N LYS A 47 1.02 1.15 7.16
CA LYS A 47 0.85 0.38 8.39
C LYS A 47 0.87 1.29 9.61
N GLN A 48 1.58 2.41 9.49
CA GLN A 48 1.68 3.37 10.59
C GLN A 48 0.42 4.22 10.67
N MET A 49 -0.14 4.56 9.51
CA MET A 49 -1.37 5.36 9.47
C MET A 49 -2.57 4.50 9.81
N TYR A 50 -2.52 3.23 9.41
CA TYR A 50 -3.59 2.30 9.68
C TYR A 50 -3.65 1.95 11.17
N GLY A 51 -2.50 2.04 11.84
CA GLY A 51 -2.44 1.75 13.26
C GLY A 51 -3.19 2.77 14.08
N LYS A 52 -3.24 4.01 13.58
CA LYS A 52 -3.92 5.09 14.27
C LYS A 52 -5.25 5.41 13.59
N ALA A 53 -5.30 5.20 12.28
CA ALA A 53 -6.51 5.48 11.51
C ALA A 53 -7.54 4.36 11.70
N ASP A 54 -7.05 3.16 11.99
CA ASP A 54 -7.93 2.01 12.19
C ASP A 54 -8.66 1.64 10.90
N MET A 55 -8.01 1.89 9.77
CA MET A 55 -8.60 1.58 8.47
C MET A 55 -9.94 2.28 8.29
N ASN A 56 -10.10 3.43 8.94
CA ASN A 56 -11.33 4.20 8.85
C ASN A 56 -11.34 5.08 7.62
N THR A 57 -10.15 5.44 7.13
CA THR A 57 -10.02 6.29 5.96
C THR A 57 -10.08 5.46 4.68
N PHE A 58 -9.34 4.36 4.67
CA PHE A 58 -9.31 3.48 3.51
C PHE A 58 -10.29 2.32 3.68
N PRO A 59 -11.32 2.24 2.81
CA PRO A 59 -12.33 1.18 2.89
C PRO A 59 -11.73 -0.21 2.65
N ASN A 60 -10.55 -0.24 2.05
CA ASN A 60 -9.88 -1.50 1.76
C ASN A 60 -8.56 -1.23 1.03
N PHE A 61 -7.80 -0.26 1.54
CA PHE A 61 -6.51 0.11 0.94
C PHE A 61 -6.65 0.24 -0.58
N THR A 62 -7.03 1.43 -1.03
CA THR A 62 -7.20 1.68 -2.45
C THR A 62 -5.96 2.31 -3.07
N PHE A 63 -5.80 3.62 -2.87
CA PHE A 63 -4.65 4.34 -3.40
C PHE A 63 -4.59 4.22 -4.93
N GLU A 64 -5.75 4.01 -5.56
CA GLU A 64 -5.81 3.88 -7.01
C GLU A 64 -7.25 3.71 -7.49
N ASP A 65 -8.05 2.97 -6.72
CA ASP A 65 -9.44 2.73 -7.07
C ASP A 65 -10.15 4.03 -7.47
N PRO A 66 -11.24 3.93 -8.23
CA PRO A 66 -12.01 5.10 -8.68
C PRO A 66 -12.78 5.78 -7.55
N LYS A 67 -12.90 5.09 -6.42
CA LYS A 67 -13.61 5.62 -5.26
C LYS A 67 -13.10 7.02 -4.91
N PHE A 68 -11.84 7.30 -5.27
CA PHE A 68 -11.24 8.59 -4.99
C PHE A 68 -12.01 9.71 -5.69
N GLU A 69 -12.72 9.36 -6.76
CA GLU A 69 -13.49 10.35 -7.51
C GLU A 69 -14.51 11.04 -6.61
N VAL A 70 -14.08 12.13 -5.97
CA VAL A 70 -14.95 12.88 -5.08
C VAL A 70 -14.82 14.38 -5.32
N VAL A 71 -13.59 14.84 -5.44
CA VAL A 71 -13.31 16.26 -5.67
C VAL A 71 -12.07 16.44 -6.54
N GLU A 72 -12.08 15.83 -7.71
CA GLU A 72 -10.94 15.92 -8.63
C GLU A 72 -11.03 17.20 -9.46
N LYS A 73 -10.21 18.19 -9.11
CA LYS A 73 -10.18 19.45 -9.83
C LYS A 73 -9.21 20.43 -9.18
N PRO A 74 -9.34 20.67 -7.86
CA PRO A 74 -8.47 21.59 -7.13
C PRO A 74 -6.99 21.25 -7.32
N GLN A 75 -6.14 22.27 -7.24
CA GLN A 75 -4.70 22.08 -7.40
C GLN A 75 -4.16 21.12 -6.36
N SER A 76 -4.27 21.51 -5.09
CA SER A 76 -3.78 20.67 -4.00
C SER A 76 -2.29 20.43 -4.11
N ASN A 1 7.50 -12.94 7.42
CA ASN A 1 8.06 -11.93 6.47
C ASN A 1 7.36 -10.59 6.60
N LYS A 2 6.88 -10.31 7.81
CA LYS A 2 6.17 -9.05 8.07
C LYS A 2 5.82 -8.93 9.56
N GLU A 3 5.39 -10.03 10.15
CA GLU A 3 5.01 -10.04 11.55
C GLU A 3 3.84 -9.10 11.82
N LEU A 4 2.62 -9.58 11.55
CA LEU A 4 1.42 -8.79 11.77
C LEU A 4 0.25 -9.68 12.13
N ASP A 5 -0.40 -10.26 11.14
CA ASP A 5 -1.53 -11.14 11.34
C ASP A 5 -1.77 -12.00 10.11
N PRO A 6 -2.69 -12.98 10.19
CA PRO A 6 -2.99 -13.85 9.05
C PRO A 6 -3.80 -13.14 7.97
N VAL A 7 -3.28 -12.02 7.47
CA VAL A 7 -3.95 -11.26 6.43
C VAL A 7 -3.17 -9.99 6.07
N GLN A 8 -2.73 -9.25 7.09
CA GLN A 8 -1.97 -8.03 6.86
C GLN A 8 -0.77 -8.29 5.96
N LYS A 9 -0.24 -9.51 6.03
CA LYS A 9 0.91 -9.89 5.23
C LYS A 9 0.58 -9.79 3.73
N LEU A 10 -0.55 -10.36 3.35
CA LEU A 10 -0.97 -10.32 1.95
C LEU A 10 -1.11 -8.89 1.45
N PHE A 11 -1.39 -7.98 2.39
CA PHE A 11 -1.55 -6.57 2.06
C PHE A 11 -0.22 -5.97 1.61
N VAL A 12 0.81 -6.13 2.43
CA VAL A 12 2.13 -5.61 2.10
C VAL A 12 2.61 -6.14 0.74
N ASP A 13 2.14 -7.33 0.39
CA ASP A 13 2.50 -7.94 -0.88
C ASP A 13 1.45 -7.64 -1.95
N LYS A 14 0.57 -6.69 -1.64
CA LYS A 14 -0.46 -6.28 -2.59
C LYS A 14 -0.28 -4.82 -2.88
N ILE A 15 0.12 -4.07 -1.87
CA ILE A 15 0.38 -2.67 -2.02
C ILE A 15 1.72 -2.48 -2.73
N ARG A 16 2.50 -3.55 -2.81
CA ARG A 16 3.76 -3.48 -3.51
C ARG A 16 3.53 -3.85 -4.97
N GLU A 17 2.26 -4.07 -5.32
CA GLU A 17 1.89 -4.43 -6.68
C GLU A 17 1.13 -3.29 -7.37
N TYR A 18 0.49 -2.44 -6.57
CA TYR A 18 -0.24 -1.31 -7.11
C TYR A 18 0.63 -0.05 -7.07
N ARG A 19 1.57 -0.01 -6.13
CA ARG A 19 2.47 1.14 -6.00
C ARG A 19 3.61 0.97 -6.99
N THR A 20 3.98 -0.29 -7.22
CA THR A 20 5.03 -0.63 -8.15
C THR A 20 4.70 -0.08 -9.53
N LYS A 21 3.42 -0.12 -9.90
CA LYS A 21 2.97 0.37 -11.19
C LYS A 21 3.34 1.84 -11.38
N ARG A 22 3.48 2.55 -10.26
CA ARG A 22 3.84 3.96 -10.29
C ARG A 22 5.34 4.18 -10.11
N GLN A 23 6.11 3.09 -10.17
CA GLN A 23 7.55 3.17 -10.01
C GLN A 23 8.26 3.07 -11.37
N THR A 24 7.70 3.74 -12.36
CA THR A 24 8.28 3.73 -13.70
C THR A 24 9.05 5.02 -13.97
N SER A 25 9.71 5.54 -12.96
CA SER A 25 10.48 6.76 -13.09
C SER A 25 11.19 7.11 -11.79
N GLY A 26 12.05 8.12 -11.83
CA GLY A 26 12.78 8.53 -10.65
C GLY A 26 12.06 9.59 -9.85
N GLY A 27 10.78 9.38 -9.60
CA GLY A 27 9.99 10.33 -8.85
C GLY A 27 10.23 10.25 -7.36
N PRO A 28 9.82 9.13 -6.72
CA PRO A 28 10.00 8.93 -5.28
C PRO A 28 11.47 8.87 -4.88
N VAL A 29 12.22 7.98 -5.52
CA VAL A 29 13.64 7.82 -5.23
C VAL A 29 14.44 7.60 -6.50
N ASP A 30 15.74 7.32 -6.34
CA ASP A 30 16.61 7.09 -7.48
C ASP A 30 15.96 6.10 -8.45
N ALA A 31 15.13 5.22 -7.90
CA ALA A 31 14.42 4.23 -8.71
C ALA A 31 15.40 3.35 -9.47
N GLY A 32 16.50 3.00 -8.82
CA GLY A 32 17.50 2.15 -9.45
C GLY A 32 16.98 0.75 -9.73
N PRO A 33 17.87 -0.22 -9.93
CA PRO A 33 17.48 -1.60 -10.21
C PRO A 33 17.12 -2.39 -8.96
N GLU A 34 17.11 -1.72 -7.81
CA GLU A 34 16.77 -2.37 -6.56
C GLU A 34 16.16 -1.39 -5.57
N TYR A 35 15.55 -0.35 -6.12
CA TYR A 35 14.89 0.67 -5.32
C TYR A 35 13.72 0.06 -4.53
N GLN A 36 13.40 -1.20 -4.81
CA GLN A 36 12.29 -1.89 -4.15
C GLN A 36 12.26 -1.57 -2.67
N GLN A 37 13.41 -1.27 -2.11
CA GLN A 37 13.53 -0.93 -0.70
C GLN A 37 12.94 0.44 -0.41
N ASP A 38 12.65 1.21 -1.46
CA ASP A 38 12.09 2.54 -1.31
C ASP A 38 10.56 2.50 -1.40
N LEU A 39 10.04 1.51 -2.10
CA LEU A 39 8.59 1.36 -2.25
C LEU A 39 8.02 0.59 -1.07
N ASP A 40 8.84 -0.28 -0.47
CA ASP A 40 8.40 -1.06 0.68
C ASP A 40 8.44 -0.21 1.94
N ARG A 41 9.38 0.73 2.00
CA ARG A 41 9.51 1.61 3.16
C ARG A 41 8.37 2.62 3.19
N GLU A 42 7.99 3.13 2.03
CA GLU A 42 6.91 4.09 1.93
C GLU A 42 5.57 3.39 2.07
N LEU A 43 5.50 2.16 1.56
CA LEU A 43 4.29 1.36 1.63
C LEU A 43 4.09 0.82 3.04
N PHE A 44 5.20 0.52 3.71
CA PHE A 44 5.15 0.01 5.08
C PHE A 44 4.62 1.08 6.02
N LYS A 45 4.91 2.34 5.69
CA LYS A 45 4.45 3.46 6.51
C LYS A 45 2.92 3.51 6.52
N LEU A 46 2.31 2.92 5.49
CA LEU A 46 0.86 2.90 5.39
C LEU A 46 0.26 2.08 6.52
N LYS A 47 0.65 0.80 6.58
CA LYS A 47 0.15 -0.09 7.61
C LYS A 47 0.26 0.57 8.99
N GLN A 48 1.24 1.45 9.14
CA GLN A 48 1.46 2.15 10.40
C GLN A 48 0.51 3.34 10.52
N MET A 49 0.16 3.94 9.39
CA MET A 49 -0.74 5.08 9.37
C MET A 49 -2.19 4.63 9.49
N TYR A 50 -2.48 3.45 8.95
CA TYR A 50 -3.82 2.89 9.01
C TYR A 50 -4.10 2.29 10.38
N GLY A 51 -3.04 1.84 11.04
CA GLY A 51 -3.18 1.26 12.35
C GLY A 51 -3.44 2.30 13.42
N LYS A 52 -3.00 3.53 13.17
CA LYS A 52 -3.20 4.62 14.12
C LYS A 52 -4.10 5.71 13.53
N ALA A 53 -4.93 5.32 12.56
CA ALA A 53 -5.84 6.28 11.93
C ALA A 53 -7.30 5.79 12.03
N ASP A 54 -7.60 4.69 11.35
CA ASP A 54 -8.95 4.14 11.37
C ASP A 54 -9.02 2.87 10.51
N MET A 55 -8.29 2.86 9.40
CA MET A 55 -8.27 1.72 8.49
C MET A 55 -9.68 1.20 8.22
N ASN A 56 -10.63 2.12 8.07
CA ASN A 56 -12.02 1.76 7.81
C ASN A 56 -12.75 2.89 7.11
N THR A 57 -12.02 3.66 6.30
CA THR A 57 -12.60 4.78 5.58
C THR A 57 -11.78 5.10 4.34
N PHE A 58 -10.48 5.26 4.51
CA PHE A 58 -9.59 5.58 3.40
C PHE A 58 -9.58 4.44 2.38
N PRO A 59 -9.14 4.73 1.14
CA PRO A 59 -9.08 3.72 0.07
C PRO A 59 -8.15 2.56 0.41
N ASN A 60 -7.28 2.76 1.40
CA ASN A 60 -6.34 1.73 1.83
C ASN A 60 -5.28 1.48 0.76
N PHE A 61 -5.15 2.42 -0.19
CA PHE A 61 -4.16 2.28 -1.26
C PHE A 61 -4.23 3.48 -2.21
N THR A 62 -3.56 4.56 -1.83
CA THR A 62 -3.55 5.77 -2.64
C THR A 62 -2.47 6.74 -2.16
N PHE A 63 -2.40 6.93 -0.84
CA PHE A 63 -1.42 7.83 -0.24
C PHE A 63 -1.32 9.13 -1.04
N GLU A 64 -2.46 9.80 -1.20
CA GLU A 64 -2.52 11.05 -1.94
C GLU A 64 -2.28 10.81 -3.43
N ASP A 65 -2.68 9.63 -3.91
CA ASP A 65 -2.50 9.27 -5.31
C ASP A 65 -3.07 10.36 -6.23
N PRO A 66 -2.34 10.69 -7.32
CA PRO A 66 -2.78 11.72 -8.27
C PRO A 66 -3.95 11.25 -9.14
N LYS A 67 -4.33 9.98 -9.00
CA LYS A 67 -5.44 9.43 -9.77
C LYS A 67 -6.77 10.06 -9.38
N PHE A 68 -6.78 10.81 -8.27
CA PHE A 68 -8.02 11.45 -7.81
C PHE A 68 -8.32 12.73 -8.58
N GLU A 69 -7.48 13.06 -9.57
CA GLU A 69 -7.68 14.26 -10.37
C GLU A 69 -6.68 14.31 -11.53
N VAL A 70 -5.41 14.06 -11.23
CA VAL A 70 -4.37 14.08 -12.25
C VAL A 70 -4.21 15.47 -12.84
N VAL A 71 -3.97 16.45 -11.98
CA VAL A 71 -3.79 17.83 -12.43
C VAL A 71 -2.32 18.18 -12.56
N GLU A 72 -1.48 17.54 -11.73
CA GLU A 72 -0.04 17.80 -11.74
C GLU A 72 0.28 19.21 -11.26
N LYS A 73 -0.09 20.20 -12.05
CA LYS A 73 0.16 21.59 -11.70
C LYS A 73 -1.11 22.42 -11.82
N PRO A 74 -2.01 22.31 -10.83
CA PRO A 74 -3.28 23.06 -10.83
C PRO A 74 -3.07 24.55 -10.59
N GLN A 75 -2.00 24.88 -9.89
CA GLN A 75 -1.68 26.27 -9.59
C GLN A 75 -0.22 26.44 -9.21
N SER A 76 0.15 25.90 -8.05
CA SER A 76 1.53 25.98 -7.59
C SER A 76 2.45 25.11 -8.43
N ASN A 1 11.35 -14.57 10.31
CA ASN A 1 10.02 -15.22 10.30
C ASN A 1 8.90 -14.18 10.26
N LYS A 2 9.13 -13.04 10.88
CA LYS A 2 8.14 -11.96 10.92
C LYS A 2 6.93 -12.36 11.75
N GLU A 3 6.14 -13.30 11.23
CA GLU A 3 4.95 -13.77 11.92
C GLU A 3 3.97 -12.63 12.16
N LEU A 4 3.91 -11.71 11.20
CA LEU A 4 3.01 -10.56 11.29
C LEU A 4 1.57 -11.00 11.56
N ASP A 5 1.01 -11.77 10.63
CA ASP A 5 -0.35 -12.27 10.76
C ASP A 5 -0.79 -12.99 9.49
N PRO A 6 -1.83 -13.84 9.57
CA PRO A 6 -2.33 -14.60 8.43
C PRO A 6 -3.22 -13.74 7.52
N VAL A 7 -2.71 -12.60 7.10
CA VAL A 7 -3.48 -11.70 6.23
C VAL A 7 -2.68 -10.44 5.91
N GLN A 8 -2.02 -9.89 6.92
CA GLN A 8 -1.22 -8.68 6.73
C GLN A 8 -0.20 -8.87 5.61
N LYS A 9 0.24 -10.10 5.42
CA LYS A 9 1.21 -10.42 4.37
C LYS A 9 0.66 -10.06 3.00
N LEU A 10 -0.57 -10.48 2.73
CA LEU A 10 -1.21 -10.20 1.45
C LEU A 10 -1.22 -8.69 1.17
N PHE A 11 -1.28 -7.91 2.24
CA PHE A 11 -1.29 -6.45 2.13
C PHE A 11 0.03 -5.95 1.56
N VAL A 12 1.12 -6.28 2.23
CA VAL A 12 2.45 -5.87 1.79
C VAL A 12 2.67 -6.32 0.35
N ASP A 13 1.97 -7.37 -0.06
CA ASP A 13 2.08 -7.88 -1.42
C ASP A 13 1.00 -7.27 -2.32
N LYS A 14 0.36 -6.21 -1.83
CA LYS A 14 -0.68 -5.53 -2.60
C LYS A 14 -0.19 -4.13 -2.92
N ILE A 15 0.54 -3.54 -1.97
CA ILE A 15 1.08 -2.22 -2.19
C ILE A 15 2.26 -2.31 -3.16
N ARG A 16 2.82 -3.49 -3.30
CA ARG A 16 3.92 -3.68 -4.23
C ARG A 16 3.37 -4.08 -5.59
N GLU A 17 2.05 -4.04 -5.72
CA GLU A 17 1.39 -4.39 -6.96
C GLU A 17 0.69 -3.18 -7.58
N TYR A 18 0.36 -2.21 -6.75
CA TYR A 18 -0.29 -1.00 -7.22
C TYR A 18 0.73 0.12 -7.43
N ARG A 19 1.84 0.07 -6.67
CA ARG A 19 2.89 1.07 -6.81
C ARG A 19 3.81 0.67 -7.93
N THR A 20 3.91 -0.64 -8.15
CA THR A 20 4.73 -1.19 -9.20
C THR A 20 4.24 -0.70 -10.56
N LYS A 21 2.92 -0.55 -10.69
CA LYS A 21 2.32 -0.09 -11.94
C LYS A 21 2.57 1.40 -12.14
N ARG A 22 2.70 2.13 -11.03
CA ARG A 22 2.94 3.57 -11.09
C ARG A 22 4.43 3.88 -10.98
N GLN A 23 5.26 2.85 -10.94
CA GLN A 23 6.71 3.04 -10.83
C GLN A 23 7.37 2.94 -12.21
N THR A 24 6.72 3.53 -13.20
CA THR A 24 7.24 3.51 -14.57
C THR A 24 8.61 4.18 -14.63
N SER A 25 8.70 5.40 -14.14
CA SER A 25 9.95 6.15 -14.13
C SER A 25 9.79 7.49 -13.43
N GLY A 26 10.87 7.97 -12.83
CA GLY A 26 10.83 9.24 -12.12
C GLY A 26 9.84 9.24 -10.98
N GLY A 27 10.35 9.01 -9.77
CA GLY A 27 9.49 8.98 -8.60
C GLY A 27 10.14 9.63 -7.39
N PRO A 28 9.81 9.17 -6.17
CA PRO A 28 10.38 9.71 -4.93
C PRO A 28 11.85 9.39 -4.78
N VAL A 29 12.22 8.14 -5.03
CA VAL A 29 13.60 7.70 -4.91
C VAL A 29 14.20 7.43 -6.29
N ASP A 30 15.53 7.37 -6.36
CA ASP A 30 16.22 7.11 -7.62
C ASP A 30 15.52 5.98 -8.38
N ALA A 31 14.93 5.07 -7.63
CA ALA A 31 14.20 3.95 -8.21
C ALA A 31 15.13 3.06 -9.05
N GLY A 32 16.27 2.72 -8.48
CA GLY A 32 17.22 1.88 -9.18
C GLY A 32 16.67 0.48 -9.42
N PRO A 33 17.54 -0.51 -9.62
CA PRO A 33 17.12 -1.89 -9.86
C PRO A 33 16.73 -2.62 -8.59
N GLU A 34 17.06 -2.04 -7.45
CA GLU A 34 16.72 -2.65 -6.17
C GLU A 34 16.24 -1.61 -5.18
N TYR A 35 15.59 -0.59 -5.71
CA TYR A 35 15.03 0.49 -4.91
C TYR A 35 13.86 -0.04 -4.07
N GLN A 36 13.48 -1.30 -4.29
CA GLN A 36 12.37 -1.92 -3.56
C GLN A 36 12.37 -1.51 -2.10
N GLN A 37 13.56 -1.24 -1.58
CA GLN A 37 13.71 -0.83 -0.20
C GLN A 37 13.03 0.52 0.05
N ASP A 38 12.82 1.28 -1.03
CA ASP A 38 12.18 2.57 -0.92
C ASP A 38 10.67 2.44 -1.11
N LEU A 39 10.27 1.35 -1.76
CA LEU A 39 8.86 1.08 -2.01
C LEU A 39 8.23 0.36 -0.83
N ASP A 40 9.03 -0.47 -0.16
CA ASP A 40 8.55 -1.22 1.00
C ASP A 40 8.54 -0.35 2.24
N ARG A 41 9.40 0.67 2.26
CA ARG A 41 9.47 1.58 3.39
C ARG A 41 8.35 2.62 3.35
N GLU A 42 7.90 2.93 2.14
CA GLU A 42 6.83 3.91 1.97
C GLU A 42 5.46 3.24 2.05
N LEU A 43 5.42 1.92 1.89
CA LEU A 43 4.18 1.19 1.97
C LEU A 43 3.94 0.70 3.38
N PHE A 44 5.03 0.51 4.12
CA PHE A 44 4.94 0.06 5.50
C PHE A 44 4.41 1.19 6.37
N LYS A 45 4.73 2.43 6.00
CA LYS A 45 4.28 3.59 6.75
C LYS A 45 2.76 3.63 6.81
N LEU A 46 2.11 3.04 5.81
CA LEU A 46 0.65 3.00 5.76
C LEU A 46 0.11 2.30 6.99
N LYS A 47 0.57 1.07 7.22
CA LYS A 47 0.14 0.29 8.38
C LYS A 47 0.26 1.11 9.66
N GLN A 48 1.24 2.02 9.68
CA GLN A 48 1.46 2.87 10.84
C GLN A 48 0.39 3.96 10.92
N MET A 49 0.03 4.52 9.76
CA MET A 49 -0.99 5.56 9.70
C MET A 49 -2.37 4.94 9.95
N TYR A 50 -2.57 3.75 9.39
CA TYR A 50 -3.84 3.06 9.55
C TYR A 50 -4.07 2.67 11.01
N GLY A 51 -2.99 2.47 11.74
CA GLY A 51 -3.09 2.11 13.14
C GLY A 51 -3.20 3.32 14.05
N LYS A 52 -3.17 4.52 13.47
CA LYS A 52 -3.26 5.74 14.26
C LYS A 52 -4.02 6.83 13.49
N ALA A 53 -4.78 6.43 12.48
CA ALA A 53 -5.56 7.38 11.68
C ALA A 53 -6.98 6.86 11.42
N ASP A 54 -7.48 6.04 12.34
CA ASP A 54 -8.81 5.47 12.19
C ASP A 54 -8.92 4.65 10.91
N MET A 55 -8.54 3.38 10.99
CA MET A 55 -8.58 2.49 9.84
C MET A 55 -9.93 2.58 9.13
N ASN A 56 -10.97 2.92 9.87
CA ASN A 56 -12.31 3.05 9.30
C ASN A 56 -12.51 4.44 8.70
N THR A 57 -11.64 4.80 7.76
CA THR A 57 -11.72 6.10 7.10
C THR A 57 -11.54 5.95 5.60
N PHE A 58 -10.52 5.21 5.21
CA PHE A 58 -10.24 4.98 3.79
C PHE A 58 -11.19 3.94 3.20
N PRO A 59 -11.16 3.75 1.88
CA PRO A 59 -12.03 2.79 1.19
C PRO A 59 -11.53 1.35 1.33
N ASN A 60 -11.19 0.95 2.55
CA ASN A 60 -10.71 -0.39 2.83
C ASN A 60 -9.57 -0.78 1.89
N PHE A 61 -8.69 0.19 1.62
CA PHE A 61 -7.55 -0.05 0.73
C PHE A 61 -8.02 -0.46 -0.66
N THR A 62 -8.05 0.51 -1.57
CA THR A 62 -8.49 0.26 -2.94
C THR A 62 -7.79 1.19 -3.91
N PHE A 63 -6.55 1.57 -3.59
CA PHE A 63 -5.78 2.47 -4.44
C PHE A 63 -5.72 1.95 -5.88
N GLU A 64 -5.88 0.65 -6.05
CA GLU A 64 -5.84 0.04 -7.37
C GLU A 64 -7.19 0.15 -8.06
N ASP A 65 -8.26 0.19 -7.27
CA ASP A 65 -9.61 0.30 -7.82
C ASP A 65 -10.17 1.72 -7.65
N PRO A 66 -11.17 2.07 -8.47
CA PRO A 66 -11.80 3.40 -8.43
C PRO A 66 -12.49 3.68 -7.09
N LYS A 67 -12.68 2.63 -6.29
CA LYS A 67 -13.33 2.74 -4.98
C LYS A 67 -14.86 2.63 -5.11
N PHE A 68 -15.38 2.87 -6.31
CA PHE A 68 -16.82 2.79 -6.54
C PHE A 68 -17.59 3.69 -5.58
N GLU A 69 -16.92 4.70 -5.04
CA GLU A 69 -17.55 5.62 -4.10
C GLU A 69 -18.23 4.87 -2.96
N VAL A 70 -17.72 3.68 -2.66
CA VAL A 70 -18.28 2.86 -1.59
C VAL A 70 -17.84 3.36 -0.22
N VAL A 71 -16.67 3.98 -0.17
CA VAL A 71 -16.11 4.52 1.07
C VAL A 71 -16.25 3.51 2.21
N GLU A 72 -16.20 2.23 1.85
CA GLU A 72 -16.31 1.15 2.84
C GLU A 72 -17.66 1.18 3.53
N LYS A 73 -18.70 1.55 2.79
CA LYS A 73 -20.05 1.62 3.34
C LYS A 73 -21.09 1.43 2.24
N PRO A 74 -20.98 0.33 1.47
CA PRO A 74 -21.92 0.03 0.38
C PRO A 74 -23.29 -0.41 0.90
N GLN A 75 -24.26 -0.47 0.00
CA GLN A 75 -25.62 -0.87 0.37
C GLN A 75 -26.21 0.08 1.40
N SER A 76 -27.01 1.04 0.93
CA SER A 76 -27.64 2.01 1.81
C SER A 76 -28.52 1.31 2.84
N ASN A 1 -0.47 -15.79 17.14
CA ASN A 1 -0.75 -15.67 15.69
C ASN A 1 0.52 -15.88 14.85
N LYS A 2 0.34 -16.10 13.56
CA LYS A 2 1.47 -16.31 12.66
C LYS A 2 2.39 -15.09 12.64
N GLU A 3 1.80 -13.91 12.40
CA GLU A 3 2.56 -12.67 12.35
C GLU A 3 1.68 -11.48 12.66
N LEU A 4 0.62 -11.31 11.86
CA LEU A 4 -0.31 -10.19 12.06
C LEU A 4 -1.75 -10.68 11.96
N ASP A 5 -2.10 -11.27 10.81
CA ASP A 5 -3.45 -11.78 10.58
C ASP A 5 -3.63 -12.11 9.10
N PRO A 6 -4.73 -12.79 8.74
CA PRO A 6 -5.00 -13.16 7.35
C PRO A 6 -5.46 -11.97 6.51
N VAL A 7 -4.63 -10.93 6.46
CA VAL A 7 -4.95 -9.74 5.69
C VAL A 7 -3.82 -8.72 5.75
N GLN A 8 -3.32 -8.47 6.95
CA GLN A 8 -2.22 -7.52 7.12
C GLN A 8 -1.05 -7.89 6.23
N LYS A 9 -0.89 -9.20 6.01
CA LYS A 9 0.18 -9.70 5.16
C LYS A 9 -0.20 -9.51 3.69
N LEU A 10 -1.49 -9.70 3.40
CA LEU A 10 -2.00 -9.52 2.05
C LEU A 10 -1.81 -8.08 1.61
N PHE A 11 -1.82 -7.16 2.57
CA PHE A 11 -1.66 -5.74 2.29
C PHE A 11 -0.28 -5.46 1.73
N VAL A 12 0.75 -5.86 2.46
CA VAL A 12 2.13 -5.64 2.01
C VAL A 12 2.32 -6.25 0.63
N ASP A 13 1.49 -7.24 0.29
CA ASP A 13 1.56 -7.88 -1.00
C ASP A 13 0.58 -7.23 -1.98
N LYS A 14 0.08 -6.05 -1.62
CA LYS A 14 -0.84 -5.31 -2.46
C LYS A 14 -0.18 -4.03 -2.90
N ILE A 15 0.58 -3.43 -1.99
CA ILE A 15 1.29 -2.22 -2.32
C ILE A 15 2.48 -2.56 -3.23
N ARG A 16 2.83 -3.83 -3.28
CA ARG A 16 3.91 -4.26 -4.14
C ARG A 16 3.35 -4.66 -5.50
N GLU A 17 2.05 -4.42 -5.69
CA GLU A 17 1.39 -4.74 -6.94
C GLU A 17 0.93 -3.47 -7.66
N TYR A 18 0.78 -2.40 -6.92
CA TYR A 18 0.36 -1.12 -7.49
C TYR A 18 1.58 -0.22 -7.69
N ARG A 19 2.62 -0.42 -6.87
CA ARG A 19 3.83 0.37 -6.98
C ARG A 19 4.73 -0.26 -8.03
N THR A 20 4.59 -1.57 -8.18
CA THR A 20 5.35 -2.33 -9.16
C THR A 20 5.04 -1.81 -10.56
N LYS A 21 3.78 -1.43 -10.77
CA LYS A 21 3.35 -0.92 -12.08
C LYS A 21 4.18 0.29 -12.49
N ARG A 22 4.68 1.03 -11.51
CA ARG A 22 5.49 2.21 -11.76
C ARG A 22 6.84 1.83 -12.35
N GLN A 23 7.28 0.60 -12.04
CA GLN A 23 8.57 0.12 -12.54
C GLN A 23 8.40 -0.58 -13.88
N THR A 24 7.76 0.09 -14.83
CA THR A 24 7.54 -0.46 -16.16
C THR A 24 7.00 0.61 -17.11
N SER A 25 7.50 1.83 -16.96
CA SER A 25 7.07 2.94 -17.81
C SER A 25 8.25 3.84 -18.16
N GLY A 26 8.71 4.62 -17.18
CA GLY A 26 9.83 5.51 -17.40
C GLY A 26 10.35 6.13 -16.12
N GLY A 27 11.21 5.42 -15.42
CA GLY A 27 11.76 5.92 -14.17
C GLY A 27 10.89 5.60 -12.98
N PRO A 28 11.13 4.45 -12.32
CA PRO A 28 10.34 4.03 -11.16
C PRO A 28 10.39 5.07 -10.03
N VAL A 29 9.34 5.89 -9.94
CA VAL A 29 9.25 6.92 -8.91
C VAL A 29 10.56 7.69 -8.78
N ASP A 30 11.32 7.78 -9.87
CA ASP A 30 12.59 8.49 -9.85
C ASP A 30 13.51 7.93 -8.77
N ALA A 31 13.28 6.67 -8.40
CA ALA A 31 14.09 6.01 -7.37
C ALA A 31 15.01 4.96 -7.97
N GLY A 32 14.56 4.36 -9.08
CA GLY A 32 15.35 3.33 -9.73
C GLY A 32 14.58 2.03 -9.88
N PRO A 33 15.09 1.08 -10.70
CA PRO A 33 14.43 -0.20 -10.92
C PRO A 33 14.74 -1.22 -9.83
N GLU A 34 15.32 -0.77 -8.73
CA GLU A 34 15.64 -1.67 -7.63
C GLU A 34 15.56 -0.93 -6.31
N TYR A 35 14.78 0.14 -6.32
CA TYR A 35 14.54 0.96 -5.14
C TYR A 35 13.47 0.31 -4.24
N GLN A 36 13.26 -0.99 -4.41
CA GLN A 36 12.25 -1.71 -3.64
C GLN A 36 12.26 -1.31 -2.16
N GLN A 37 13.39 -0.78 -1.72
CA GLN A 37 13.54 -0.36 -0.33
C GLN A 37 12.94 1.02 -0.10
N ASP A 38 12.87 1.83 -1.16
CA ASP A 38 12.32 3.17 -1.07
C ASP A 38 10.80 3.14 -1.18
N LEU A 39 10.29 2.24 -2.01
CA LEU A 39 8.85 2.10 -2.19
C LEU A 39 8.23 1.37 -1.00
N ASP A 40 9.04 0.54 -0.35
CA ASP A 40 8.57 -0.23 0.80
C ASP A 40 8.45 0.68 2.03
N ARG A 41 9.35 1.65 2.14
CA ARG A 41 9.33 2.56 3.28
C ARG A 41 8.07 3.43 3.24
N GLU A 42 7.54 3.64 2.03
CA GLU A 42 6.33 4.44 1.86
C GLU A 42 5.11 3.60 2.18
N LEU A 43 5.08 2.37 1.69
CA LEU A 43 3.97 1.48 1.93
C LEU A 43 3.99 1.01 3.38
N PHE A 44 5.20 0.93 3.94
CA PHE A 44 5.39 0.51 5.31
C PHE A 44 4.77 1.53 6.27
N LYS A 45 4.74 2.79 5.84
CA LYS A 45 4.18 3.86 6.65
C LYS A 45 2.70 3.61 6.91
N LEU A 46 2.03 2.98 5.95
CA LEU A 46 0.61 2.68 6.08
C LEU A 46 0.36 1.77 7.27
N LYS A 47 1.13 0.68 7.34
CA LYS A 47 1.00 -0.27 8.44
C LYS A 47 0.99 0.44 9.79
N GLN A 48 1.74 1.55 9.87
CA GLN A 48 1.82 2.33 11.10
C GLN A 48 0.51 3.06 11.34
N MET A 49 -0.15 3.47 10.27
CA MET A 49 -1.42 4.19 10.36
C MET A 49 -2.56 3.20 10.58
N TYR A 50 -2.42 2.01 10.00
CA TYR A 50 -3.42 0.97 10.13
C TYR A 50 -3.34 0.29 11.50
N GLY A 51 -2.14 0.27 12.07
CA GLY A 51 -1.95 -0.34 13.37
C GLY A 51 -2.38 0.56 14.50
N LYS A 52 -2.31 1.86 14.28
CA LYS A 52 -2.70 2.84 15.29
C LYS A 52 -4.14 3.28 15.09
N ALA A 53 -4.58 3.31 13.83
CA ALA A 53 -5.94 3.72 13.51
C ALA A 53 -6.89 2.52 13.50
N ASP A 54 -6.35 1.34 13.22
CA ASP A 54 -7.15 0.12 13.19
C ASP A 54 -8.23 0.21 12.12
N MET A 55 -7.82 0.54 10.89
CA MET A 55 -8.74 0.66 9.78
C MET A 55 -9.80 1.73 10.06
N ASN A 56 -9.42 2.73 10.85
CA ASN A 56 -10.33 3.82 11.19
C ASN A 56 -9.85 5.13 10.58
N THR A 57 -9.20 5.03 9.42
CA THR A 57 -8.70 6.21 8.72
C THR A 57 -8.80 6.02 7.21
N PHE A 58 -8.36 4.87 6.73
CA PHE A 58 -8.40 4.57 5.29
C PHE A 58 -9.51 3.58 4.99
N PRO A 59 -10.36 3.89 3.98
CA PRO A 59 -11.47 3.02 3.59
C PRO A 59 -11.00 1.60 3.29
N ASN A 60 -9.80 1.49 2.74
CA ASN A 60 -9.21 0.19 2.39
C ASN A 60 -8.03 0.39 1.43
N PHE A 61 -8.12 1.43 0.62
CA PHE A 61 -7.09 1.74 -0.35
C PHE A 61 -7.44 3.01 -1.13
N THR A 62 -7.15 4.16 -0.54
CA THR A 62 -7.44 5.44 -1.18
C THR A 62 -6.17 6.30 -1.25
N PHE A 63 -5.03 5.65 -1.38
CA PHE A 63 -3.76 6.37 -1.47
C PHE A 63 -3.75 7.32 -2.66
N GLU A 64 -4.66 7.10 -3.61
CA GLU A 64 -4.76 7.94 -4.80
C GLU A 64 -5.89 8.95 -4.69
N ASP A 65 -6.56 8.99 -3.53
CA ASP A 65 -7.66 9.91 -3.32
C ASP A 65 -7.19 11.36 -3.47
N PRO A 66 -8.14 12.31 -3.58
CA PRO A 66 -7.82 13.74 -3.74
C PRO A 66 -7.16 14.32 -2.50
N LYS A 67 -7.71 13.98 -1.33
CA LYS A 67 -7.15 14.45 -0.07
C LYS A 67 -5.67 14.09 0.03
N PHE A 68 -5.23 13.17 -0.83
CA PHE A 68 -3.83 12.75 -0.83
C PHE A 68 -3.02 13.52 -1.87
N GLU A 69 -3.52 14.70 -2.26
CA GLU A 69 -2.85 15.53 -3.24
C GLU A 69 -2.61 14.75 -4.53
N VAL A 70 -3.50 13.79 -4.80
CA VAL A 70 -3.40 12.97 -6.00
C VAL A 70 -4.19 13.59 -7.15
N VAL A 71 -5.28 14.27 -6.82
CA VAL A 71 -6.12 14.90 -7.82
C VAL A 71 -6.85 16.12 -7.24
N GLU A 72 -6.07 17.08 -6.74
CA GLU A 72 -6.64 18.29 -6.16
C GLU A 72 -7.60 18.97 -7.12
N LYS A 73 -7.39 18.77 -8.42
CA LYS A 73 -8.24 19.37 -9.44
C LYS A 73 -9.69 18.94 -9.26
N PRO A 74 -10.64 19.81 -9.63
CA PRO A 74 -12.07 19.52 -9.51
C PRO A 74 -12.55 18.50 -10.53
N GLN A 75 -11.92 18.50 -11.70
CA GLN A 75 -12.27 17.58 -12.77
C GLN A 75 -11.35 17.75 -13.97
N SER A 76 -11.51 18.87 -14.67
CA SER A 76 -10.69 19.16 -15.84
C SER A 76 -10.90 18.11 -16.93
N ASN A 1 10.57 -7.55 7.74
CA ASN A 1 9.39 -8.14 8.41
C ASN A 1 9.56 -9.64 8.64
N LYS A 2 9.59 -10.04 9.91
CA LYS A 2 9.76 -11.45 10.27
C LYS A 2 8.70 -11.89 11.26
N GLU A 3 7.88 -12.86 10.87
CA GLU A 3 6.82 -13.37 11.73
C GLU A 3 5.83 -12.26 12.10
N LEU A 4 4.71 -12.22 11.37
CA LEU A 4 3.69 -11.21 11.62
C LEU A 4 2.30 -11.82 11.54
N ASP A 5 1.98 -12.43 10.40
CA ASP A 5 0.69 -13.06 10.18
C ASP A 5 0.50 -13.39 8.70
N PRO A 6 -0.49 -14.25 8.38
CA PRO A 6 -0.76 -14.65 7.00
C PRO A 6 -1.68 -13.67 6.28
N VAL A 7 -1.41 -12.37 6.45
CA VAL A 7 -2.21 -11.34 5.81
C VAL A 7 -1.46 -10.01 5.75
N GLN A 8 -0.93 -9.57 6.90
CA GLN A 8 -0.18 -8.33 6.96
C GLN A 8 0.95 -8.34 5.94
N LYS A 9 1.60 -9.50 5.80
CA LYS A 9 2.68 -9.65 4.84
C LYS A 9 2.12 -9.64 3.43
N LEU A 10 0.98 -10.29 3.26
CA LEU A 10 0.31 -10.34 1.97
C LEU A 10 -0.03 -8.94 1.49
N PHE A 11 -0.28 -8.05 2.45
CA PHE A 11 -0.61 -6.67 2.15
C PHE A 11 0.53 -5.99 1.42
N VAL A 12 1.70 -6.00 2.04
CA VAL A 12 2.88 -5.38 1.45
C VAL A 12 3.12 -5.89 0.03
N ASP A 13 2.61 -7.09 -0.27
CA ASP A 13 2.78 -7.67 -1.59
C ASP A 13 1.55 -7.41 -2.46
N LYS A 14 0.65 -6.56 -1.99
CA LYS A 14 -0.55 -6.21 -2.74
C LYS A 14 -0.56 -4.71 -2.96
N ILE A 15 -0.03 -3.99 -1.98
CA ILE A 15 0.06 -2.56 -2.09
C ILE A 15 1.29 -2.20 -2.93
N ARG A 16 2.16 -3.18 -3.15
CA ARG A 16 3.33 -2.94 -3.97
C ARG A 16 2.98 -3.30 -5.41
N GLU A 17 1.70 -3.64 -5.63
CA GLU A 17 1.23 -4.00 -6.95
C GLU A 17 0.27 -2.95 -7.51
N TYR A 18 -0.33 -2.17 -6.62
CA TYR A 18 -1.26 -1.12 -7.04
C TYR A 18 -0.53 0.22 -7.08
N ARG A 19 0.50 0.38 -6.24
CA ARG A 19 1.26 1.61 -6.21
C ARG A 19 2.30 1.59 -7.31
N THR A 20 2.73 0.38 -7.65
CA THR A 20 3.70 0.17 -8.70
C THR A 20 3.14 0.66 -10.03
N LYS A 21 1.85 0.45 -10.23
CA LYS A 21 1.19 0.88 -11.46
C LYS A 21 1.09 2.40 -11.52
N ARG A 22 1.04 3.02 -10.33
CA ARG A 22 0.96 4.47 -10.24
C ARG A 22 2.28 5.13 -10.64
N GLN A 23 3.36 4.36 -10.60
CA GLN A 23 4.68 4.87 -10.95
C GLN A 23 4.75 5.26 -12.43
N THR A 24 3.78 4.79 -13.21
CA THR A 24 3.73 5.08 -14.65
C THR A 24 5.09 4.88 -15.31
N SER A 25 5.90 5.93 -15.36
CA SER A 25 7.23 5.85 -15.97
C SER A 25 8.07 4.76 -15.31
N GLY A 26 9.26 4.53 -15.85
CA GLY A 26 10.14 3.52 -15.30
C GLY A 26 10.49 3.78 -13.85
N GLY A 27 10.84 5.02 -13.54
CA GLY A 27 11.18 5.38 -12.18
C GLY A 27 10.07 5.06 -11.19
N PRO A 28 10.25 4.07 -10.31
CA PRO A 28 9.24 3.69 -9.32
C PRO A 28 9.01 4.79 -8.27
N VAL A 29 10.10 5.45 -7.87
CA VAL A 29 10.02 6.51 -6.88
C VAL A 29 11.21 7.46 -6.99
N ASP A 30 11.76 7.56 -8.20
CA ASP A 30 12.91 8.44 -8.44
C ASP A 30 14.08 8.08 -7.52
N ALA A 31 14.18 6.80 -7.18
CA ALA A 31 15.26 6.33 -6.31
C ALA A 31 16.20 5.41 -7.06
N GLY A 32 15.67 4.63 -7.99
CA GLY A 32 16.48 3.71 -8.77
C GLY A 32 16.00 2.28 -8.66
N PRO A 33 16.15 1.48 -9.73
CA PRO A 33 15.71 0.08 -9.74
C PRO A 33 16.63 -0.82 -8.92
N GLU A 34 16.70 -0.55 -7.62
CA GLU A 34 17.53 -1.33 -6.73
C GLU A 34 17.36 -0.86 -5.29
N TYR A 35 16.22 -1.20 -4.71
CA TYR A 35 15.88 -0.82 -3.35
C TYR A 35 14.53 -1.41 -2.96
N GLN A 36 14.21 -2.58 -3.51
CA GLN A 36 12.94 -3.25 -3.23
C GLN A 36 12.63 -3.30 -1.74
N GLN A 37 13.64 -3.03 -0.91
CA GLN A 37 13.47 -3.04 0.54
C GLN A 37 13.13 -1.66 1.07
N ASP A 38 13.46 -0.62 0.30
CA ASP A 38 13.18 0.75 0.70
C ASP A 38 11.81 1.18 0.18
N LEU A 39 11.32 0.47 -0.84
CA LEU A 39 10.02 0.77 -1.43
C LEU A 39 8.91 0.14 -0.59
N ASP A 40 9.22 -0.96 0.09
CA ASP A 40 8.23 -1.63 0.93
C ASP A 40 7.93 -0.80 2.17
N ARG A 41 8.94 -0.10 2.68
CA ARG A 41 8.77 0.74 3.86
C ARG A 41 7.77 1.86 3.61
N GLU A 42 7.86 2.45 2.42
CA GLU A 42 6.95 3.54 2.06
C GLU A 42 5.52 3.05 1.98
N LEU A 43 5.33 1.89 1.36
CA LEU A 43 4.00 1.31 1.22
C LEU A 43 3.57 0.64 2.51
N PHE A 44 4.53 0.23 3.32
CA PHE A 44 4.23 -0.39 4.59
C PHE A 44 3.98 0.67 5.65
N LYS A 45 4.58 1.84 5.44
CA LYS A 45 4.43 2.96 6.37
C LYS A 45 3.00 3.49 6.34
N LEU A 46 2.36 3.44 5.17
CA LEU A 46 0.99 3.92 5.05
C LEU A 46 0.07 3.15 5.98
N LYS A 47 0.28 1.83 6.07
CA LYS A 47 -0.54 1.00 6.94
C LYS A 47 -0.37 1.43 8.39
N GLN A 48 0.82 1.91 8.74
CA GLN A 48 1.11 2.36 10.09
C GLN A 48 0.38 3.67 10.38
N MET A 49 0.28 4.52 9.37
CA MET A 49 -0.40 5.81 9.51
C MET A 49 -1.91 5.61 9.41
N TYR A 50 -2.32 4.61 8.65
CA TYR A 50 -3.72 4.30 8.47
C TYR A 50 -4.29 3.57 9.68
N GLY A 51 -3.42 2.83 10.37
CA GLY A 51 -3.85 2.09 11.54
C GLY A 51 -4.00 2.97 12.76
N LYS A 52 -3.22 4.04 12.82
CA LYS A 52 -3.27 4.96 13.94
C LYS A 52 -4.28 6.08 13.68
N ALA A 53 -4.42 6.46 12.42
CA ALA A 53 -5.35 7.52 12.03
C ALA A 53 -6.78 6.99 11.94
N ASP A 54 -6.93 5.66 11.92
CA ASP A 54 -8.24 5.04 11.83
C ASP A 54 -8.89 5.33 10.48
N MET A 55 -8.05 5.48 9.45
CA MET A 55 -8.52 5.76 8.09
C MET A 55 -9.64 6.81 8.09
N ASN A 56 -9.58 7.71 9.05
CA ASN A 56 -10.58 8.78 9.15
C ASN A 56 -10.03 10.09 8.60
N THR A 57 -9.39 10.02 7.45
CA THR A 57 -8.81 11.20 6.82
C THR A 57 -8.45 10.93 5.36
N PHE A 58 -7.87 9.76 5.11
CA PHE A 58 -7.48 9.38 3.75
C PHE A 58 -7.96 7.98 3.41
N PRO A 59 -8.01 7.64 2.11
CA PRO A 59 -8.45 6.32 1.64
C PRO A 59 -7.49 5.21 2.07
N ASN A 60 -7.84 4.53 3.15
CA ASN A 60 -7.01 3.44 3.68
C ASN A 60 -6.63 2.47 2.56
N PHE A 61 -7.48 2.37 1.55
CA PHE A 61 -7.23 1.47 0.42
C PHE A 61 -7.72 2.12 -0.88
N THR A 62 -8.97 1.88 -1.25
CA THR A 62 -9.54 2.44 -2.47
C THR A 62 -8.93 1.79 -3.71
N PHE A 63 -7.61 1.86 -3.82
CA PHE A 63 -6.90 1.28 -4.95
C PHE A 63 -7.56 1.68 -6.27
N GLU A 64 -7.79 2.98 -6.43
CA GLU A 64 -8.41 3.50 -7.65
C GLU A 64 -9.79 2.89 -7.85
N ASP A 65 -10.50 2.66 -6.76
CA ASP A 65 -11.85 2.09 -6.83
C ASP A 65 -12.81 2.82 -5.89
N PRO A 66 -13.11 4.10 -6.20
CA PRO A 66 -14.02 4.91 -5.39
C PRO A 66 -15.47 4.45 -5.53
N LYS A 67 -15.74 3.20 -5.18
CA LYS A 67 -17.09 2.65 -5.27
C LYS A 67 -17.69 2.87 -6.66
N PHE A 68 -16.83 2.90 -7.67
CA PHE A 68 -17.27 3.11 -9.05
C PHE A 68 -18.01 1.88 -9.57
N GLU A 69 -17.43 0.72 -9.35
CA GLU A 69 -18.04 -0.53 -9.81
C GLU A 69 -17.73 -1.68 -8.84
N VAL A 70 -18.72 -2.02 -8.01
CA VAL A 70 -18.56 -3.10 -7.04
C VAL A 70 -19.41 -4.31 -7.42
N VAL A 71 -20.52 -4.06 -8.09
CA VAL A 71 -21.41 -5.13 -8.50
C VAL A 71 -21.17 -5.53 -9.95
N GLU A 72 -19.94 -5.33 -10.41
CA GLU A 72 -19.57 -5.68 -11.78
C GLU A 72 -20.45 -4.92 -12.78
N LYS A 73 -20.84 -3.70 -12.41
CA LYS A 73 -21.69 -2.88 -13.29
C LYS A 73 -21.45 -1.40 -13.02
N PRO A 74 -20.49 -0.78 -13.74
CA PRO A 74 -20.18 0.64 -13.58
C PRO A 74 -21.27 1.54 -14.14
N GLN A 75 -21.99 1.04 -15.13
CA GLN A 75 -23.07 1.81 -15.75
C GLN A 75 -23.80 0.97 -16.80
N SER A 76 -23.03 0.26 -17.62
CA SER A 76 -23.60 -0.58 -18.66
C SER A 76 -23.99 -1.95 -18.12
N ASN A 1 9.93 -15.88 6.06
CA ASN A 1 8.56 -15.71 6.61
C ASN A 1 8.57 -14.95 7.92
N LYS A 2 7.53 -14.16 8.16
CA LYS A 2 7.43 -13.38 9.39
C LYS A 2 6.35 -13.95 10.31
N GLU A 3 5.32 -14.54 9.72
CA GLU A 3 4.23 -15.13 10.49
C GLU A 3 3.54 -14.08 11.35
N LEU A 4 2.71 -13.26 10.70
CA LEU A 4 1.98 -12.21 11.41
C LEU A 4 0.47 -12.42 11.31
N ASP A 5 0.04 -13.10 10.25
CA ASP A 5 -1.38 -13.38 10.03
C ASP A 5 -1.60 -13.86 8.60
N PRO A 6 -2.84 -14.28 8.27
CA PRO A 6 -3.17 -14.76 6.94
C PRO A 6 -3.58 -13.64 5.98
N VAL A 7 -3.24 -12.41 6.33
CA VAL A 7 -3.58 -11.26 5.49
C VAL A 7 -2.55 -10.15 5.58
N GLN A 8 -2.15 -9.80 6.80
CA GLN A 8 -1.16 -8.75 7.01
C GLN A 8 0.06 -8.99 6.12
N LYS A 9 0.31 -10.25 5.79
CA LYS A 9 1.42 -10.62 4.93
C LYS A 9 1.00 -10.50 3.47
N LEU A 10 -0.26 -10.84 3.21
CA LEU A 10 -0.80 -10.75 1.86
C LEU A 10 -0.96 -9.29 1.45
N PHE A 11 -1.23 -8.44 2.44
CA PHE A 11 -1.40 -7.02 2.20
C PHE A 11 -0.08 -6.38 1.79
N VAL A 12 0.96 -6.64 2.59
CA VAL A 12 2.28 -6.11 2.29
C VAL A 12 2.71 -6.51 0.88
N ASP A 13 2.19 -7.63 0.41
CA ASP A 13 2.51 -8.11 -0.93
C ASP A 13 1.47 -7.65 -1.93
N LYS A 14 0.65 -6.67 -1.54
CA LYS A 14 -0.36 -6.11 -2.41
C LYS A 14 -0.07 -4.64 -2.63
N ILE A 15 0.55 -4.01 -1.64
CA ILE A 15 0.92 -2.63 -1.77
C ILE A 15 2.22 -2.52 -2.54
N ARG A 16 2.91 -3.64 -2.70
CA ARG A 16 4.13 -3.66 -3.46
C ARG A 16 3.79 -3.92 -4.92
N GLU A 17 2.49 -4.02 -5.21
CA GLU A 17 2.01 -4.27 -6.56
C GLU A 17 1.31 -3.05 -7.14
N TYR A 18 0.82 -2.19 -6.27
CA TYR A 18 0.15 -0.97 -6.71
C TYR A 18 1.13 0.22 -6.64
N ARG A 19 2.10 0.12 -5.74
CA ARG A 19 3.10 1.18 -5.58
C ARG A 19 4.19 0.97 -6.62
N THR A 20 4.39 -0.29 -6.98
CA THR A 20 5.38 -0.66 -7.98
C THR A 20 5.05 0.02 -9.30
N LYS A 21 3.76 0.15 -9.60
CA LYS A 21 3.31 0.78 -10.84
C LYS A 21 3.87 2.19 -10.97
N ARG A 22 4.01 2.88 -9.84
CA ARG A 22 4.54 4.24 -9.85
C ARG A 22 5.94 4.28 -10.42
N GLN A 23 6.68 3.19 -10.26
CA GLN A 23 8.04 3.11 -10.77
C GLN A 23 8.06 3.08 -12.30
N THR A 24 7.07 2.43 -12.88
CA THR A 24 6.97 2.33 -14.34
C THR A 24 6.87 3.71 -14.97
N SER A 25 8.02 4.32 -15.25
CA SER A 25 8.05 5.65 -15.85
C SER A 25 7.35 6.67 -14.97
N GLY A 26 8.06 7.14 -13.95
CA GLY A 26 7.49 8.12 -13.04
C GLY A 26 8.44 8.51 -11.93
N GLY A 27 9.13 7.52 -11.37
CA GLY A 27 10.07 7.79 -10.29
C GLY A 27 9.40 8.41 -9.08
N PRO A 28 8.97 7.59 -8.12
CA PRO A 28 8.31 8.07 -6.90
C PRO A 28 9.29 8.72 -5.93
N VAL A 29 10.44 8.08 -5.74
CA VAL A 29 11.47 8.60 -4.84
C VAL A 29 12.71 9.05 -5.60
N ASP A 30 12.72 8.83 -6.92
CA ASP A 30 13.85 9.21 -7.75
C ASP A 30 15.12 8.46 -7.33
N ALA A 31 14.95 7.19 -6.98
CA ALA A 31 16.08 6.36 -6.55
C ALA A 31 16.46 5.36 -7.63
N GLY A 32 16.38 5.79 -8.89
CA GLY A 32 16.73 4.91 -9.99
C GLY A 32 15.85 3.68 -10.05
N PRO A 33 15.74 3.04 -11.23
CA PRO A 33 14.91 1.84 -11.39
C PRO A 33 15.57 0.59 -10.82
N GLU A 34 15.89 0.64 -9.54
CA GLU A 34 16.51 -0.49 -8.86
C GLU A 34 16.51 -0.26 -7.35
N TYR A 35 15.32 -0.33 -6.78
CA TYR A 35 15.13 -0.12 -5.35
C TYR A 35 13.76 -0.65 -4.93
N GLN A 36 13.27 -1.65 -5.65
CA GLN A 36 11.96 -2.24 -5.36
C GLN A 36 11.78 -2.57 -3.87
N GLN A 37 12.89 -2.55 -3.13
CA GLN A 37 12.86 -2.84 -1.71
C GLN A 37 12.68 -1.56 -0.90
N ASP A 38 13.00 -0.43 -1.51
CA ASP A 38 12.86 0.85 -0.84
C ASP A 38 11.42 1.33 -0.91
N LEU A 39 10.73 0.94 -1.98
CA LEU A 39 9.33 1.32 -2.15
C LEU A 39 8.48 0.71 -1.04
N ASP A 40 8.91 -0.45 -0.54
CA ASP A 40 8.19 -1.14 0.52
C ASP A 40 8.20 -0.31 1.80
N ARG A 41 9.12 0.64 1.91
CA ARG A 41 9.19 1.50 3.08
C ARG A 41 8.07 2.53 3.08
N GLU A 42 7.54 2.82 1.89
CA GLU A 42 6.46 3.79 1.75
C GLU A 42 5.11 3.14 1.97
N LEU A 43 5.03 1.84 1.73
CA LEU A 43 3.78 1.10 1.90
C LEU A 43 3.61 0.70 3.36
N PHE A 44 4.71 0.61 4.09
CA PHE A 44 4.66 0.25 5.50
C PHE A 44 4.13 1.41 6.32
N LYS A 45 4.43 2.63 5.87
CA LYS A 45 3.95 3.83 6.57
C LYS A 45 2.43 3.88 6.56
N LEU A 46 1.81 3.16 5.63
CA LEU A 46 0.36 3.13 5.54
C LEU A 46 -0.23 2.55 6.81
N LYS A 47 0.38 1.48 7.31
CA LYS A 47 -0.07 0.84 8.54
C LYS A 47 -0.16 1.82 9.68
N GLN A 48 0.87 2.67 9.81
CA GLN A 48 0.90 3.67 10.86
C GLN A 48 -0.29 4.61 10.75
N MET A 49 -0.66 4.94 9.52
CA MET A 49 -1.80 5.82 9.27
C MET A 49 -3.10 5.08 9.55
N TYR A 50 -3.15 3.81 9.12
CA TYR A 50 -4.32 2.98 9.32
C TYR A 50 -4.57 2.74 10.80
N GLY A 51 -3.48 2.72 11.58
CA GLY A 51 -3.61 2.50 13.01
C GLY A 51 -4.21 3.69 13.73
N LYS A 52 -4.05 4.87 13.15
CA LYS A 52 -4.59 6.09 13.75
C LYS A 52 -5.52 6.82 12.78
N ALA A 53 -6.16 6.06 11.90
CA ALA A 53 -7.08 6.62 10.92
C ALA A 53 -8.50 6.14 11.14
N ASP A 54 -8.64 4.88 11.54
CA ASP A 54 -9.95 4.30 11.80
C ASP A 54 -10.79 4.26 10.52
N MET A 55 -10.13 4.03 9.40
CA MET A 55 -10.82 3.98 8.11
C MET A 55 -11.46 5.32 7.77
N ASN A 56 -10.66 6.25 7.29
CA ASN A 56 -11.15 7.57 6.93
C ASN A 56 -10.20 8.28 5.97
N THR A 57 -9.50 7.49 5.16
CA THR A 57 -8.55 8.03 4.20
C THR A 57 -8.52 7.19 2.92
N PHE A 58 -8.47 5.88 3.09
CA PHE A 58 -8.43 4.96 1.96
C PHE A 58 -9.80 4.28 1.78
N PRO A 59 -10.01 3.62 0.62
CA PRO A 59 -11.27 2.93 0.32
C PRO A 59 -11.42 1.62 1.09
N ASN A 60 -11.20 1.67 2.41
CA ASN A 60 -11.33 0.49 3.24
C ASN A 60 -10.51 -0.67 2.69
N PHE A 61 -9.29 -0.38 2.24
CA PHE A 61 -8.41 -1.39 1.69
C PHE A 61 -9.03 -2.02 0.44
N THR A 62 -8.59 -1.55 -0.73
CA THR A 62 -9.11 -2.07 -1.99
C THR A 62 -8.02 -2.83 -2.74
N PHE A 63 -7.25 -2.12 -3.56
CA PHE A 63 -6.18 -2.73 -4.34
C PHE A 63 -6.73 -3.83 -5.26
N GLU A 64 -8.05 -3.83 -5.45
CA GLU A 64 -8.72 -4.81 -6.30
C GLU A 64 -10.21 -4.86 -5.98
N ASP A 65 -10.54 -5.19 -4.73
CA ASP A 65 -11.92 -5.26 -4.29
C ASP A 65 -12.73 -6.23 -5.17
N PRO A 66 -13.92 -6.64 -4.70
CA PRO A 66 -14.79 -7.56 -5.45
C PRO A 66 -15.31 -6.95 -6.75
N LYS A 67 -15.09 -5.64 -6.92
CA LYS A 67 -15.53 -4.94 -8.12
C LYS A 67 -15.08 -5.65 -9.39
N PHE A 68 -14.05 -6.48 -9.28
CA PHE A 68 -13.54 -7.21 -10.44
C PHE A 68 -14.50 -8.33 -10.87
N GLU A 69 -15.54 -8.57 -10.06
CA GLU A 69 -16.51 -9.60 -10.37
C GLU A 69 -15.88 -10.99 -10.30
N VAL A 70 -16.08 -11.66 -9.17
CA VAL A 70 -15.52 -12.99 -8.96
C VAL A 70 -15.99 -13.97 -10.04
N VAL A 71 -17.29 -13.90 -10.36
CA VAL A 71 -17.87 -14.78 -11.37
C VAL A 71 -18.79 -13.99 -12.30
N GLU A 72 -19.64 -13.16 -11.73
CA GLU A 72 -20.58 -12.36 -12.51
C GLU A 72 -21.43 -11.48 -11.61
N LYS A 73 -20.80 -10.43 -11.05
CA LYS A 73 -21.50 -9.51 -10.16
C LYS A 73 -22.02 -10.24 -8.92
N PRO A 74 -22.20 -9.51 -7.81
CA PRO A 74 -22.70 -10.09 -6.55
C PRO A 74 -24.17 -10.48 -6.64
N GLN A 75 -24.44 -11.78 -6.56
CA GLN A 75 -25.80 -12.28 -6.62
C GLN A 75 -26.66 -11.71 -5.51
N SER A 76 -26.04 -11.45 -4.37
CA SER A 76 -26.74 -10.89 -3.22
C SER A 76 -25.96 -9.73 -2.61
N ASN A 1 9.37 -6.63 15.79
CA ASN A 1 8.37 -7.64 15.38
C ASN A 1 6.98 -7.29 15.91
N LYS A 2 6.11 -6.84 15.03
CA LYS A 2 4.75 -6.46 15.40
C LYS A 2 3.93 -7.70 15.77
N GLU A 3 3.52 -8.45 14.75
CA GLU A 3 2.72 -9.65 14.96
C GLU A 3 2.44 -10.37 13.64
N LEU A 4 1.82 -9.65 12.71
CA LEU A 4 1.49 -10.21 11.41
C LEU A 4 0.59 -11.42 11.53
N ASP A 5 -0.69 -11.21 11.24
CA ASP A 5 -1.68 -12.27 11.31
C ASP A 5 -1.80 -12.99 9.97
N PRO A 6 -2.48 -14.15 9.94
CA PRO A 6 -2.65 -14.92 8.70
C PRO A 6 -3.59 -14.23 7.71
N VAL A 7 -3.20 -13.03 7.29
CA VAL A 7 -4.00 -12.25 6.34
C VAL A 7 -3.35 -10.89 6.09
N GLN A 8 -2.89 -10.25 7.16
CA GLN A 8 -2.25 -8.94 7.06
C GLN A 8 -0.98 -9.02 6.21
N LYS A 9 -0.46 -10.23 6.04
CA LYS A 9 0.75 -10.43 5.25
C LYS A 9 0.45 -10.39 3.74
N LEU A 10 -0.81 -10.60 3.40
CA LEU A 10 -1.23 -10.60 1.99
C LEU A 10 -1.32 -9.18 1.45
N PHE A 11 -1.79 -8.25 2.27
CA PHE A 11 -1.94 -6.87 1.85
C PHE A 11 -0.57 -6.21 1.65
N VAL A 12 0.42 -6.69 2.40
CA VAL A 12 1.76 -6.14 2.30
C VAL A 12 2.48 -6.66 1.06
N ASP A 13 1.95 -7.71 0.46
CA ASP A 13 2.55 -8.28 -0.75
C ASP A 13 1.74 -7.93 -1.99
N LYS A 14 0.73 -7.09 -1.83
CA LYS A 14 -0.09 -6.64 -2.93
C LYS A 14 0.10 -5.14 -3.09
N ILE A 15 0.45 -4.50 -1.99
CA ILE A 15 0.72 -3.08 -2.02
C ILE A 15 2.08 -2.84 -2.64
N ARG A 16 2.88 -3.89 -2.77
CA ARG A 16 4.17 -3.76 -3.40
C ARG A 16 4.01 -3.97 -4.90
N GLU A 17 2.76 -4.14 -5.34
CA GLU A 17 2.45 -4.34 -6.75
C GLU A 17 1.71 -3.15 -7.35
N TYR A 18 1.03 -2.40 -6.49
CA TYR A 18 0.30 -1.22 -6.94
C TYR A 18 1.16 0.04 -6.73
N ARG A 19 2.09 -0.01 -5.76
CA ARG A 19 2.97 1.12 -5.50
C ARG A 19 4.16 1.05 -6.43
N THR A 20 4.51 -0.17 -6.80
CA THR A 20 5.61 -0.42 -7.71
C THR A 20 5.32 0.23 -9.07
N LYS A 21 4.04 0.21 -9.46
CA LYS A 21 3.63 0.78 -10.73
C LYS A 21 4.06 2.24 -10.84
N ARG A 22 4.08 2.94 -9.71
CA ARG A 22 4.48 4.34 -9.69
C ARG A 22 5.92 4.51 -10.18
N GLN A 23 6.71 3.43 -10.08
CA GLN A 23 8.10 3.47 -10.52
C GLN A 23 8.23 4.09 -11.91
N THR A 24 7.18 3.93 -12.72
CA THR A 24 7.18 4.46 -14.08
C THR A 24 6.55 5.85 -14.11
N SER A 25 7.37 6.87 -13.92
CA SER A 25 6.89 8.26 -13.92
C SER A 25 8.04 9.22 -13.67
N GLY A 26 8.75 9.59 -14.74
CA GLY A 26 9.87 10.51 -14.61
C GLY A 26 10.93 10.00 -13.66
N GLY A 27 11.20 8.70 -13.73
CA GLY A 27 12.19 8.10 -12.85
C GLY A 27 11.57 7.14 -11.85
N PRO A 28 12.35 6.20 -11.30
CA PRO A 28 11.86 5.22 -10.32
C PRO A 28 11.44 5.89 -9.02
N VAL A 29 10.29 6.58 -9.05
CA VAL A 29 9.75 7.27 -7.88
C VAL A 29 10.84 8.05 -7.15
N ASP A 30 11.84 8.52 -7.88
CA ASP A 30 12.94 9.28 -7.29
C ASP A 30 13.66 8.44 -6.25
N ALA A 31 13.63 7.12 -6.42
CA ALA A 31 14.27 6.20 -5.49
C ALA A 31 15.49 5.55 -6.14
N GLY A 32 15.44 5.38 -7.45
CA GLY A 32 16.54 4.77 -8.16
C GLY A 32 16.14 3.48 -8.85
N PRO A 33 16.95 2.97 -9.78
CA PRO A 33 16.65 1.73 -10.50
C PRO A 33 16.74 0.50 -9.60
N GLU A 34 15.65 -0.23 -9.54
CA GLU A 34 15.57 -1.43 -8.72
C GLU A 34 15.49 -1.05 -7.25
N TYR A 35 14.85 0.08 -7.00
CA TYR A 35 14.64 0.59 -5.66
C TYR A 35 13.52 -0.19 -4.96
N GLN A 36 13.21 -1.37 -5.48
CA GLN A 36 12.13 -2.20 -4.93
C GLN A 36 12.12 -2.20 -3.41
N GLN A 37 13.28 -1.92 -2.83
CA GLN A 37 13.42 -1.89 -1.37
C GLN A 37 12.86 -0.58 -0.81
N ASP A 38 12.99 0.48 -1.58
CA ASP A 38 12.50 1.79 -1.17
C ASP A 38 10.97 1.82 -1.22
N LEU A 39 10.40 1.25 -2.27
CA LEU A 39 8.96 1.20 -2.41
C LEU A 39 8.33 0.47 -1.23
N ASP A 40 9.10 -0.43 -0.62
CA ASP A 40 8.63 -1.20 0.52
C ASP A 40 8.87 -0.43 1.83
N ARG A 41 9.34 0.81 1.72
CA ARG A 41 9.60 1.63 2.90
C ARG A 41 8.50 2.69 3.03
N GLU A 42 7.99 3.15 1.89
CA GLU A 42 6.94 4.15 1.87
C GLU A 42 5.59 3.50 2.12
N LEU A 43 5.48 2.22 1.75
CA LEU A 43 4.24 1.47 1.94
C LEU A 43 4.06 1.10 3.41
N PHE A 44 5.16 1.07 4.16
CA PHE A 44 5.11 0.73 5.57
C PHE A 44 4.50 1.88 6.38
N LYS A 45 4.70 3.10 5.88
CA LYS A 45 4.16 4.28 6.54
C LYS A 45 2.63 4.22 6.60
N LEU A 46 2.04 3.57 5.60
CA LEU A 46 0.59 3.43 5.53
C LEU A 46 0.06 2.72 6.77
N LYS A 47 0.70 1.62 7.14
CA LYS A 47 0.28 0.84 8.30
C LYS A 47 0.14 1.72 9.53
N GLN A 48 1.04 2.70 9.65
CA GLN A 48 1.01 3.62 10.78
C GLN A 48 -0.24 4.50 10.73
N MET A 49 -0.68 4.80 9.51
CA MET A 49 -1.87 5.62 9.31
C MET A 49 -3.13 4.76 9.44
N TYR A 50 -3.02 3.51 9.02
CA TYR A 50 -4.14 2.58 9.09
C TYR A 50 -4.30 2.04 10.51
N GLY A 51 -3.20 2.00 11.26
CA GLY A 51 -3.24 1.52 12.61
C GLY A 51 -3.76 2.57 13.60
N LYS A 52 -3.56 3.84 13.25
CA LYS A 52 -4.00 4.93 14.10
C LYS A 52 -5.35 5.48 13.62
N ALA A 53 -5.58 5.40 12.31
CA ALA A 53 -6.82 5.89 11.74
C ALA A 53 -7.85 4.76 11.61
N ASP A 54 -7.38 3.59 11.21
CA ASP A 54 -8.25 2.43 11.05
C ASP A 54 -9.33 2.70 9.99
N MET A 55 -8.92 2.73 8.74
CA MET A 55 -9.85 2.97 7.64
C MET A 55 -10.55 4.31 7.80
N ASN A 56 -9.81 5.31 8.28
CA ASN A 56 -10.35 6.64 8.49
C ASN A 56 -9.57 7.69 7.71
N THR A 57 -9.22 7.35 6.47
CA THR A 57 -8.45 8.27 5.62
C THR A 57 -8.41 7.76 4.18
N PHE A 58 -8.21 6.46 4.02
CA PHE A 58 -8.15 5.86 2.70
C PHE A 58 -9.46 5.15 2.35
N PRO A 59 -9.65 4.78 1.07
CA PRO A 59 -10.87 4.11 0.61
C PRO A 59 -11.02 2.70 1.20
N ASN A 60 -11.14 2.62 2.52
CA ASN A 60 -11.30 1.34 3.20
C ASN A 60 -10.11 0.41 2.96
N PHE A 61 -8.95 0.99 2.66
CA PHE A 61 -7.75 0.21 2.41
C PHE A 61 -7.81 -0.51 1.06
N THR A 62 -8.87 -0.27 0.30
CA THR A 62 -9.04 -0.89 -1.02
C THR A 62 -7.76 -0.84 -1.84
N PHE A 63 -7.10 0.32 -1.84
CA PHE A 63 -5.86 0.51 -2.60
C PHE A 63 -6.16 0.55 -4.09
N GLU A 64 -6.79 -0.51 -4.59
CA GLU A 64 -7.14 -0.61 -6.00
C GLU A 64 -8.09 -1.78 -6.23
N ASP A 65 -8.87 -2.14 -5.22
CA ASP A 65 -9.81 -3.24 -5.35
C ASP A 65 -10.82 -2.99 -6.47
N PRO A 66 -11.58 -1.87 -6.39
CA PRO A 66 -12.58 -1.53 -7.41
C PRO A 66 -11.98 -1.45 -8.80
N LYS A 67 -10.67 -1.18 -8.87
CA LYS A 67 -9.98 -1.09 -10.15
C LYS A 67 -10.11 -2.39 -10.94
N PHE A 68 -10.28 -3.50 -10.22
CA PHE A 68 -10.42 -4.81 -10.86
C PHE A 68 -11.63 -4.82 -11.80
N GLU A 69 -12.60 -3.96 -11.53
CA GLU A 69 -13.80 -3.89 -12.35
C GLU A 69 -14.59 -5.19 -12.29
N VAL A 70 -15.27 -5.41 -11.17
CA VAL A 70 -16.07 -6.61 -10.98
C VAL A 70 -17.30 -6.33 -10.13
N VAL A 71 -17.82 -5.11 -10.24
CA VAL A 71 -19.01 -4.72 -9.49
C VAL A 71 -20.15 -4.32 -10.42
N GLU A 72 -19.81 -3.61 -11.49
CA GLU A 72 -20.81 -3.17 -12.47
C GLU A 72 -21.83 -2.26 -11.81
N LYS A 73 -21.37 -1.40 -10.90
CA LYS A 73 -22.24 -0.47 -10.21
C LYS A 73 -21.43 0.55 -9.41
N PRO A 74 -20.72 1.46 -10.10
CA PRO A 74 -19.91 2.48 -9.44
C PRO A 74 -20.70 3.32 -8.46
N GLN A 75 -20.80 2.85 -7.22
CA GLN A 75 -21.53 3.56 -6.18
C GLN A 75 -21.41 2.84 -4.84
N SER A 76 -20.35 3.12 -4.11
CA SER A 76 -20.11 2.50 -2.81
C SER A 76 -18.85 3.06 -2.16
N ASN A 1 2.16 -5.08 13.88
CA ASN A 1 2.74 -4.90 15.24
C ASN A 1 3.62 -6.08 15.62
N LYS A 2 3.07 -7.28 15.54
CA LYS A 2 3.81 -8.49 15.87
C LYS A 2 5.03 -8.65 14.98
N GLU A 3 4.80 -8.95 13.70
CA GLU A 3 5.87 -9.12 12.74
C GLU A 3 5.31 -9.40 11.35
N LEU A 4 4.58 -10.50 11.24
CA LEU A 4 3.96 -10.90 9.98
C LEU A 4 3.29 -12.25 10.11
N ASP A 5 1.96 -12.24 10.15
CA ASP A 5 1.19 -13.47 10.27
C ASP A 5 0.98 -14.11 8.90
N PRO A 6 0.52 -15.37 8.87
CA PRO A 6 0.28 -16.10 7.62
C PRO A 6 -0.90 -15.54 6.84
N VAL A 7 -0.82 -14.26 6.49
CA VAL A 7 -1.88 -13.60 5.74
C VAL A 7 -1.55 -12.13 5.51
N GLN A 8 -1.09 -11.46 6.56
CA GLN A 8 -0.73 -10.06 6.47
C GLN A 8 0.37 -9.83 5.43
N LYS A 9 1.09 -10.90 5.11
CA LYS A 9 2.17 -10.81 4.14
C LYS A 9 1.61 -10.64 2.72
N LEU A 10 0.39 -11.12 2.52
CA LEU A 10 -0.25 -11.01 1.21
C LEU A 10 -0.60 -9.57 0.87
N PHE A 11 -1.08 -8.82 1.86
CA PHE A 11 -1.45 -7.42 1.65
C PHE A 11 -0.21 -6.55 1.48
N VAL A 12 0.84 -6.87 2.22
CA VAL A 12 2.08 -6.12 2.14
C VAL A 12 2.83 -6.43 0.84
N ASP A 13 2.55 -7.59 0.26
CA ASP A 13 3.21 -7.99 -0.98
C ASP A 13 2.33 -7.69 -2.19
N LYS A 14 1.20 -7.04 -1.96
CA LYS A 14 0.30 -6.68 -3.05
C LYS A 14 0.22 -5.17 -3.13
N ILE A 15 0.41 -4.53 -1.99
CA ILE A 15 0.42 -3.10 -1.93
C ILE A 15 1.75 -2.57 -2.44
N ARG A 16 2.73 -3.46 -2.56
CA ARG A 16 4.02 -3.07 -3.09
C ARG A 16 3.99 -3.21 -4.60
N GLU A 17 2.83 -3.57 -5.14
CA GLU A 17 2.67 -3.74 -6.57
C GLU A 17 1.76 -2.66 -7.16
N TYR A 18 0.88 -2.11 -6.33
CA TYR A 18 -0.02 -1.05 -6.77
C TYR A 18 0.56 0.33 -6.44
N ARG A 19 1.42 0.38 -5.41
CA ARG A 19 2.04 1.65 -5.03
C ARG A 19 3.29 1.87 -5.87
N THR A 20 3.87 0.76 -6.28
CA THR A 20 5.07 0.78 -7.11
C THR A 20 4.76 1.42 -8.46
N LYS A 21 3.54 1.19 -8.95
CA LYS A 21 3.12 1.74 -10.24
C LYS A 21 2.89 3.24 -10.14
N ARG A 22 2.33 3.69 -9.02
CA ARG A 22 2.06 5.11 -8.84
C ARG A 22 3.33 5.89 -8.49
N GLN A 23 4.36 5.17 -8.05
CA GLN A 23 5.63 5.79 -7.70
C GLN A 23 6.12 6.71 -8.82
N THR A 24 6.41 6.11 -9.97
CA THR A 24 6.89 6.85 -11.14
C THR A 24 8.06 7.77 -10.78
N SER A 25 7.76 8.99 -10.33
CA SER A 25 8.80 9.95 -9.96
C SER A 25 9.25 9.72 -8.52
N GLY A 26 8.29 9.49 -7.63
CA GLY A 26 8.61 9.26 -6.23
C GLY A 26 9.56 8.09 -6.04
N GLY A 27 9.53 7.15 -6.97
CA GLY A 27 10.39 5.99 -6.89
C GLY A 27 10.22 5.04 -8.06
N PRO A 28 10.81 5.37 -9.22
CA PRO A 28 10.72 4.54 -10.43
C PRO A 28 11.50 3.24 -10.29
N VAL A 29 10.78 2.14 -10.11
CA VAL A 29 11.41 0.83 -9.96
C VAL A 29 12.05 0.38 -11.28
N ASP A 30 13.26 0.89 -11.54
CA ASP A 30 13.98 0.54 -12.75
C ASP A 30 15.35 1.20 -12.79
N ALA A 31 15.99 1.28 -11.62
CA ALA A 31 17.30 1.90 -11.51
C ALA A 31 18.39 0.85 -11.34
N GLY A 32 18.33 0.13 -10.21
CA GLY A 32 19.31 -0.90 -9.94
C GLY A 32 18.66 -2.24 -9.66
N PRO A 33 18.64 -2.69 -8.39
CA PRO A 33 18.05 -3.96 -8.01
C PRO A 33 16.56 -3.87 -7.72
N GLU A 34 15.92 -2.87 -8.31
CA GLU A 34 14.50 -2.65 -8.10
C GLU A 34 14.26 -2.04 -6.72
N TYR A 35 15.24 -2.21 -5.82
CA TYR A 35 15.15 -1.67 -4.46
C TYR A 35 13.77 -1.92 -3.87
N GLN A 36 13.07 -2.91 -4.40
CA GLN A 36 11.72 -3.26 -3.95
C GLN A 36 11.58 -3.17 -2.44
N GLN A 37 12.70 -3.35 -1.74
CA GLN A 37 12.71 -3.27 -0.29
C GLN A 37 12.60 -1.82 0.18
N ASP A 38 13.11 -0.92 -0.64
CA ASP A 38 13.05 0.50 -0.35
C ASP A 38 11.66 1.05 -0.65
N LEU A 39 11.04 0.48 -1.68
CA LEU A 39 9.69 0.89 -2.07
C LEU A 39 8.71 0.59 -0.95
N ASP A 40 9.01 -0.45 -0.17
CA ASP A 40 8.17 -0.84 0.95
C ASP A 40 8.06 0.29 1.97
N ARG A 41 9.06 1.17 2.00
CA ARG A 41 9.06 2.29 2.93
C ARG A 41 7.88 3.22 2.66
N GLU A 42 7.49 3.31 1.38
CA GLU A 42 6.37 4.15 0.99
C GLU A 42 5.05 3.49 1.34
N LEU A 43 4.93 2.19 1.04
CA LEU A 43 3.73 1.45 1.34
C LEU A 43 3.63 1.20 2.84
N PHE A 44 4.78 1.21 3.50
CA PHE A 44 4.83 1.00 4.95
C PHE A 44 4.22 2.20 5.67
N LYS A 45 4.34 3.38 5.06
CA LYS A 45 3.79 4.60 5.64
C LYS A 45 2.27 4.48 5.82
N LEU A 46 1.65 3.68 4.97
CA LEU A 46 0.20 3.48 5.03
C LEU A 46 -0.20 2.94 6.39
N LYS A 47 0.53 1.94 6.87
CA LYS A 47 0.25 1.32 8.16
C LYS A 47 0.25 2.36 9.28
N GLN A 48 1.05 3.41 9.11
CA GLN A 48 1.13 4.48 10.10
C GLN A 48 -0.09 5.38 10.03
N MET A 49 -0.62 5.57 8.82
CA MET A 49 -1.80 6.40 8.63
C MET A 49 -3.06 5.60 8.96
N TYR A 50 -3.01 4.31 8.69
CA TYR A 50 -4.14 3.43 8.96
C TYR A 50 -4.24 3.13 10.45
N GLY A 51 -3.10 3.21 11.14
CA GLY A 51 -3.09 2.95 12.57
C GLY A 51 -3.69 4.10 13.37
N LYS A 52 -3.62 5.31 12.81
CA LYS A 52 -4.16 6.49 13.47
C LYS A 52 -5.68 6.51 13.38
N ALA A 53 -6.22 6.04 12.27
CA ALA A 53 -7.66 6.01 12.06
C ALA A 53 -8.24 4.64 12.43
N ASP A 54 -8.13 3.69 11.50
CA ASP A 54 -8.64 2.35 11.73
C ASP A 54 -8.35 1.43 10.53
N MET A 55 -9.22 1.47 9.53
CA MET A 55 -9.05 0.66 8.33
C MET A 55 -10.32 0.69 7.47
N ASN A 56 -11.47 0.81 8.12
CA ASN A 56 -12.74 0.85 7.41
C ASN A 56 -13.02 2.25 6.88
N THR A 57 -12.10 2.77 6.07
CA THR A 57 -12.26 4.10 5.49
C THR A 57 -11.82 4.11 4.04
N PHE A 58 -10.66 3.50 3.77
CA PHE A 58 -10.13 3.44 2.41
C PHE A 58 -10.18 2.02 1.86
N PRO A 59 -10.56 1.85 0.58
CA PRO A 59 -10.65 0.54 -0.06
C PRO A 59 -9.31 0.05 -0.60
N ASN A 60 -8.23 0.75 -0.26
CA ASN A 60 -6.90 0.36 -0.72
C ASN A 60 -6.46 -0.95 -0.08
N PHE A 61 -6.32 -0.92 1.24
CA PHE A 61 -5.90 -2.11 1.99
C PHE A 61 -7.10 -2.75 2.70
N THR A 62 -8.24 -2.77 2.00
CA THR A 62 -9.46 -3.35 2.55
C THR A 62 -9.58 -4.83 2.22
N PHE A 63 -8.44 -5.51 2.11
CA PHE A 63 -8.43 -6.94 1.79
C PHE A 63 -9.19 -7.74 2.85
N GLU A 64 -9.36 -7.15 4.03
CA GLU A 64 -10.06 -7.80 5.12
C GLU A 64 -11.57 -7.59 5.02
N ASP A 65 -11.96 -6.48 4.40
CA ASP A 65 -13.38 -6.15 4.24
C ASP A 65 -14.17 -7.34 3.70
N PRO A 66 -15.51 -7.23 3.65
CA PRO A 66 -16.37 -8.31 3.16
C PRO A 66 -16.45 -8.36 1.64
N LYS A 67 -16.22 -7.22 0.99
CA LYS A 67 -16.25 -7.15 -0.46
C LYS A 67 -15.24 -8.10 -1.08
N PHE A 68 -14.00 -8.04 -0.59
CA PHE A 68 -12.93 -8.89 -1.10
C PHE A 68 -12.64 -8.60 -2.57
N GLU A 69 -12.31 -7.35 -2.85
CA GLU A 69 -12.00 -6.93 -4.22
C GLU A 69 -10.50 -7.06 -4.49
N VAL A 70 -9.94 -8.22 -4.11
CA VAL A 70 -8.53 -8.48 -4.32
C VAL A 70 -8.24 -9.98 -4.30
N VAL A 71 -9.24 -10.77 -4.69
CA VAL A 71 -9.09 -12.22 -4.71
C VAL A 71 -8.77 -12.72 -6.11
N GLU A 72 -9.36 -12.07 -7.11
CA GLU A 72 -9.15 -12.45 -8.50
C GLU A 72 -9.79 -13.80 -8.81
N LYS A 73 -9.25 -14.86 -8.20
CA LYS A 73 -9.76 -16.21 -8.42
C LYS A 73 -9.84 -16.97 -7.10
N PRO A 74 -10.82 -17.88 -6.96
CA PRO A 74 -10.99 -18.68 -5.74
C PRO A 74 -9.91 -19.74 -5.59
N GLN A 75 -8.95 -19.47 -4.69
CA GLN A 75 -7.86 -20.39 -4.44
C GLN A 75 -6.96 -19.89 -3.33
N SER A 76 -6.29 -18.77 -3.59
CA SER A 76 -5.38 -18.18 -2.61
C SER A 76 -6.16 -17.39 -1.56
N ASN A 1 12.07 -8.78 9.85
CA ASN A 1 10.85 -7.98 9.57
C ASN A 1 10.01 -7.81 10.83
N LYS A 2 10.68 -7.56 11.96
CA LYS A 2 9.99 -7.38 13.23
C LYS A 2 9.25 -8.64 13.65
N GLU A 3 8.07 -8.86 13.05
CA GLU A 3 7.28 -10.04 13.37
C GLU A 3 6.44 -10.46 12.16
N LEU A 4 5.72 -9.51 11.58
CA LEU A 4 4.88 -9.79 10.42
C LEU A 4 3.63 -10.54 10.81
N ASP A 5 2.49 -9.85 10.79
CA ASP A 5 1.22 -10.45 11.15
C ASP A 5 0.80 -11.50 10.10
N PRO A 6 -0.06 -12.45 10.49
CA PRO A 6 -0.53 -13.50 9.58
C PRO A 6 -1.58 -13.00 8.59
N VAL A 7 -1.24 -11.94 7.86
CA VAL A 7 -2.16 -11.38 6.88
C VAL A 7 -1.52 -10.18 6.17
N GLN A 8 -0.92 -9.29 6.95
CA GLN A 8 -0.28 -8.11 6.39
C GLN A 8 0.76 -8.52 5.34
N LYS A 9 1.25 -9.75 5.46
CA LYS A 9 2.24 -10.26 4.52
C LYS A 9 1.69 -10.25 3.10
N LEU A 10 0.48 -10.77 2.94
CA LEU A 10 -0.17 -10.81 1.64
C LEU A 10 -0.39 -9.39 1.12
N PHE A 11 -0.77 -8.49 2.03
CA PHE A 11 -1.00 -7.10 1.67
C PHE A 11 0.28 -6.46 1.16
N VAL A 12 1.38 -6.71 1.87
CA VAL A 12 2.67 -6.17 1.47
C VAL A 12 2.99 -6.53 0.02
N ASP A 13 2.42 -7.64 -0.44
CA ASP A 13 2.63 -8.10 -1.80
C ASP A 13 1.53 -7.60 -2.72
N LYS A 14 0.75 -6.63 -2.24
CA LYS A 14 -0.33 -6.05 -3.03
C LYS A 14 -0.06 -4.58 -3.21
N ILE A 15 0.58 -3.98 -2.20
CA ILE A 15 0.92 -2.58 -2.29
C ILE A 15 2.20 -2.44 -3.12
N ARG A 16 2.85 -3.56 -3.38
CA ARG A 16 4.03 -3.53 -4.21
C ARG A 16 3.61 -3.72 -5.66
N GLU A 17 2.29 -3.79 -5.88
CA GLU A 17 1.75 -3.97 -7.21
C GLU A 17 1.03 -2.71 -7.69
N TYR A 18 0.54 -1.92 -6.75
CA TYR A 18 -0.15 -0.67 -7.08
C TYR A 18 0.84 0.50 -7.04
N ARG A 19 1.88 0.39 -6.22
CA ARG A 19 2.88 1.44 -6.11
C ARG A 19 3.90 1.27 -7.22
N THR A 20 4.10 0.02 -7.60
CA THR A 20 5.03 -0.31 -8.67
C THR A 20 4.57 0.35 -9.97
N LYS A 21 3.25 0.44 -10.14
CA LYS A 21 2.68 1.05 -11.33
C LYS A 21 3.26 2.45 -11.56
N ARG A 22 3.50 3.17 -10.47
CA ARG A 22 4.06 4.50 -10.56
C ARG A 22 5.45 4.44 -11.19
N GLN A 23 6.37 3.75 -10.52
CA GLN A 23 7.74 3.60 -11.01
C GLN A 23 8.30 4.92 -11.51
N THR A 24 7.83 6.02 -10.92
CA THR A 24 8.28 7.35 -11.31
C THR A 24 8.33 8.27 -10.10
N SER A 25 8.78 7.73 -8.97
CA SER A 25 8.89 8.51 -7.74
C SER A 25 10.15 9.36 -7.73
N GLY A 26 10.02 10.63 -8.09
CA GLY A 26 11.17 11.52 -8.10
C GLY A 26 11.44 12.12 -6.75
N GLY A 27 11.64 11.28 -5.74
CA GLY A 27 11.91 11.74 -4.41
C GLY A 27 12.53 10.67 -3.52
N PRO A 28 11.79 9.59 -3.23
CA PRO A 28 12.27 8.50 -2.38
C PRO A 28 13.65 8.01 -2.82
N VAL A 29 13.70 7.32 -3.97
CA VAL A 29 14.95 6.79 -4.49
C VAL A 29 14.92 6.71 -6.00
N ASP A 30 16.06 6.36 -6.59
CA ASP A 30 16.16 6.23 -8.04
C ASP A 30 15.00 5.39 -8.57
N ALA A 31 14.51 4.48 -7.72
CA ALA A 31 13.39 3.63 -8.07
C ALA A 31 13.74 2.75 -9.27
N GLY A 32 14.90 2.12 -9.20
CA GLY A 32 15.35 1.24 -10.26
C GLY A 32 14.53 -0.03 -10.34
N PRO A 33 15.11 -1.12 -10.86
CA PRO A 33 14.40 -2.39 -10.99
C PRO A 33 14.46 -3.25 -9.74
N GLU A 34 14.94 -2.67 -8.63
CA GLU A 34 15.02 -3.41 -7.39
C GLU A 34 14.92 -2.49 -6.18
N TYR A 35 14.28 -1.35 -6.38
CA TYR A 35 14.07 -0.39 -5.31
C TYR A 35 13.00 -0.90 -4.33
N GLN A 36 12.56 -2.16 -4.52
CA GLN A 36 11.52 -2.74 -3.67
C GLN A 36 11.75 -2.40 -2.20
N GLN A 37 13.00 -2.17 -1.85
CA GLN A 37 13.36 -1.82 -0.48
C GLN A 37 12.85 -0.43 -0.12
N ASP A 38 12.61 0.39 -1.14
CA ASP A 38 12.10 1.74 -0.92
C ASP A 38 10.58 1.76 -1.01
N LEU A 39 10.03 0.79 -1.72
CA LEU A 39 8.59 0.67 -1.88
C LEU A 39 7.99 -0.07 -0.70
N ASP A 40 8.79 -0.93 -0.06
CA ASP A 40 8.33 -1.70 1.09
C ASP A 40 8.57 -0.95 2.39
N ARG A 41 9.21 0.22 2.31
CA ARG A 41 9.47 1.03 3.48
C ARG A 41 8.48 2.19 3.56
N GLU A 42 8.05 2.65 2.39
CA GLU A 42 7.08 3.75 2.32
C GLU A 42 5.66 3.21 2.49
N LEU A 43 5.47 1.95 2.12
CA LEU A 43 4.16 1.32 2.24
C LEU A 43 3.89 0.93 3.70
N PHE A 44 4.96 0.82 4.49
CA PHE A 44 4.83 0.47 5.89
C PHE A 44 4.24 1.64 6.68
N LYS A 45 4.48 2.85 6.18
CA LYS A 45 3.97 4.04 6.83
C LYS A 45 2.43 4.02 6.87
N LEU A 46 1.84 3.33 5.90
CA LEU A 46 0.39 3.22 5.82
C LEU A 46 -0.17 2.58 7.08
N LYS A 47 0.37 1.41 7.44
CA LYS A 47 -0.08 0.69 8.63
C LYS A 47 -0.12 1.60 9.84
N GLN A 48 0.75 2.61 9.85
CA GLN A 48 0.81 3.56 10.95
C GLN A 48 -0.32 4.58 10.85
N MET A 49 -0.65 4.97 9.62
CA MET A 49 -1.71 5.93 9.38
C MET A 49 -3.07 5.26 9.54
N TYR A 50 -3.14 3.99 9.15
CA TYR A 50 -4.38 3.22 9.24
C TYR A 50 -4.71 2.91 10.70
N GLY A 51 -3.66 2.79 11.52
CA GLY A 51 -3.86 2.49 12.94
C GLY A 51 -4.44 3.66 13.70
N LYS A 52 -4.15 4.88 13.23
CA LYS A 52 -4.63 6.09 13.88
C LYS A 52 -5.82 6.67 13.12
N ALA A 53 -5.78 6.57 11.80
CA ALA A 53 -6.85 7.09 10.96
C ALA A 53 -8.16 6.35 11.22
N ASP A 54 -8.24 5.11 10.76
CA ASP A 54 -9.43 4.30 10.95
C ASP A 54 -10.64 4.94 10.28
N MET A 55 -10.90 4.56 9.03
CA MET A 55 -12.01 5.10 8.28
C MET A 55 -11.85 6.60 8.07
N ASN A 56 -10.62 7.02 7.79
CA ASN A 56 -10.33 8.44 7.58
C ASN A 56 -9.54 8.64 6.28
N THR A 57 -8.52 7.81 6.07
CA THR A 57 -7.69 7.90 4.87
C THR A 57 -8.06 6.81 3.87
N PHE A 58 -9.25 6.24 4.01
CA PHE A 58 -9.72 5.19 3.10
C PHE A 58 -9.47 5.57 1.64
N PRO A 59 -8.44 4.98 1.01
CA PRO A 59 -8.10 5.26 -0.38
C PRO A 59 -8.92 4.44 -1.36
N ASN A 60 -8.95 3.12 -1.13
CA ASN A 60 -9.68 2.20 -1.99
C ASN A 60 -9.22 0.76 -1.75
N PHE A 61 -7.95 0.61 -1.38
CA PHE A 61 -7.39 -0.72 -1.12
C PHE A 61 -7.99 -1.33 0.14
N THR A 62 -7.65 -0.74 1.29
CA THR A 62 -8.15 -1.20 2.58
C THR A 62 -7.42 -2.46 3.02
N PHE A 63 -7.51 -3.52 2.20
CA PHE A 63 -6.87 -4.79 2.49
C PHE A 63 -7.01 -5.15 3.96
N GLU A 64 -8.12 -4.73 4.56
CA GLU A 64 -8.37 -5.01 5.98
C GLU A 64 -9.77 -4.54 6.38
N ASP A 65 -10.20 -3.41 5.82
CA ASP A 65 -11.52 -2.85 6.12
C ASP A 65 -12.61 -3.93 6.09
N PRO A 66 -12.71 -4.70 4.99
CA PRO A 66 -13.72 -5.75 4.86
C PRO A 66 -13.54 -6.86 5.89
N LYS A 67 -12.31 -7.00 6.38
CA LYS A 67 -12.00 -8.03 7.37
C LYS A 67 -12.59 -7.67 8.73
N PHE A 68 -12.85 -6.38 8.95
CA PHE A 68 -13.41 -5.91 10.20
C PHE A 68 -14.74 -6.61 10.49
N GLU A 69 -15.49 -6.90 9.45
CA GLU A 69 -16.78 -7.56 9.59
C GLU A 69 -17.73 -6.72 10.43
N VAL A 70 -18.22 -5.64 9.86
CA VAL A 70 -19.14 -4.74 10.56
C VAL A 70 -20.23 -4.23 9.63
N VAL A 71 -19.82 -3.73 8.46
CA VAL A 71 -20.77 -3.22 7.49
C VAL A 71 -20.90 -4.16 6.29
N GLU A 72 -19.80 -4.84 5.96
CA GLU A 72 -19.78 -5.78 4.84
C GLU A 72 -19.91 -5.04 3.50
N LYS A 73 -21.07 -4.44 3.28
CA LYS A 73 -21.32 -3.70 2.04
C LYS A 73 -22.01 -2.37 2.33
N PRO A 74 -21.22 -1.31 2.62
CA PRO A 74 -21.76 0.01 2.92
C PRO A 74 -22.36 0.69 1.69
N GLN A 75 -23.61 0.35 1.39
CA GLN A 75 -24.30 0.92 0.24
C GLN A 75 -25.42 1.86 0.68
N SER A 76 -26.45 1.30 1.30
CA SER A 76 -27.58 2.10 1.78
C SER A 76 -27.28 2.69 3.14
N ASN A 1 6.95 -8.13 12.40
CA ASN A 1 7.88 -9.12 11.79
C ASN A 1 7.85 -10.45 12.53
N LYS A 2 7.58 -10.38 13.84
CA LYS A 2 7.52 -11.58 14.67
C LYS A 2 6.08 -11.89 15.07
N GLU A 3 5.13 -11.53 14.21
CA GLU A 3 3.72 -11.76 14.47
C GLU A 3 2.94 -11.95 13.17
N LEU A 4 2.72 -10.85 12.47
CA LEU A 4 1.99 -10.88 11.20
C LEU A 4 0.54 -11.30 11.42
N ASP A 5 -0.36 -10.32 11.39
CA ASP A 5 -1.77 -10.58 11.57
C ASP A 5 -2.32 -11.42 10.41
N PRO A 6 -3.41 -12.16 10.64
CA PRO A 6 -4.01 -13.01 9.60
C PRO A 6 -4.74 -12.21 8.53
N VAL A 7 -4.03 -11.27 7.91
CA VAL A 7 -4.60 -10.42 6.86
C VAL A 7 -3.60 -9.38 6.39
N GLN A 8 -3.00 -8.67 7.34
CA GLN A 8 -2.02 -7.63 7.01
C GLN A 8 -0.97 -8.17 6.03
N LYS A 9 -0.72 -9.47 6.08
CA LYS A 9 0.24 -10.10 5.19
C LYS A 9 -0.18 -9.89 3.74
N LEU A 10 -1.45 -10.15 3.47
CA LEU A 10 -1.99 -9.98 2.13
C LEU A 10 -1.81 -8.53 1.67
N PHE A 11 -1.75 -7.63 2.64
CA PHE A 11 -1.59 -6.21 2.37
C PHE A 11 -0.24 -5.93 1.71
N VAL A 12 0.83 -6.38 2.36
CA VAL A 12 2.17 -6.19 1.83
C VAL A 12 2.25 -6.71 0.39
N ASP A 13 1.37 -7.65 0.07
CA ASP A 13 1.35 -8.23 -1.27
C ASP A 13 0.34 -7.48 -2.15
N LYS A 14 -0.11 -6.32 -1.69
CA LYS A 14 -1.03 -5.50 -2.45
C LYS A 14 -0.36 -4.20 -2.80
N ILE A 15 0.40 -3.68 -1.85
CA ILE A 15 1.14 -2.45 -2.08
C ILE A 15 2.34 -2.76 -2.97
N ARG A 16 2.68 -4.03 -3.08
CA ARG A 16 3.78 -4.42 -3.94
C ARG A 16 3.25 -4.70 -5.34
N GLU A 17 1.95 -4.45 -5.53
CA GLU A 17 1.32 -4.68 -6.82
C GLU A 17 0.89 -3.36 -7.47
N TYR A 18 0.72 -2.33 -6.66
CA TYR A 18 0.34 -1.02 -7.15
C TYR A 18 1.57 -0.13 -7.29
N ARG A 19 2.58 -0.39 -6.45
CA ARG A 19 3.81 0.41 -6.50
C ARG A 19 4.73 -0.17 -7.57
N THR A 20 4.57 -1.47 -7.80
CA THR A 20 5.34 -2.17 -8.81
C THR A 20 5.06 -1.57 -10.18
N LYS A 21 3.81 -1.19 -10.40
CA LYS A 21 3.40 -0.60 -11.68
C LYS A 21 4.11 0.73 -11.92
N ARG A 22 4.40 1.43 -10.83
CA ARG A 22 5.08 2.73 -10.92
C ARG A 22 6.51 2.56 -11.42
N GLN A 23 7.13 1.45 -11.06
CA GLN A 23 8.50 1.16 -11.47
C GLN A 23 8.63 1.19 -12.99
N THR A 24 7.55 0.82 -13.68
CA THR A 24 7.55 0.81 -15.14
C THR A 24 6.67 1.93 -15.68
N SER A 25 6.58 3.02 -14.93
CA SER A 25 5.77 4.16 -15.34
C SER A 25 5.89 5.31 -14.34
N GLY A 26 7.09 5.49 -13.80
CA GLY A 26 7.31 6.55 -12.84
C GLY A 26 7.62 6.02 -11.46
N GLY A 27 8.70 5.24 -11.35
CA GLY A 27 9.09 4.68 -10.07
C GLY A 27 10.08 5.57 -9.32
N PRO A 28 11.36 5.58 -9.77
CA PRO A 28 12.43 6.36 -9.17
C PRO A 28 11.96 7.59 -8.40
N VAL A 29 11.57 7.38 -7.15
CA VAL A 29 11.13 8.46 -6.29
C VAL A 29 12.32 9.33 -5.90
N ASP A 30 12.90 10.01 -6.87
CA ASP A 30 14.06 10.84 -6.63
C ASP A 30 15.23 9.97 -6.20
N ALA A 31 15.24 8.74 -6.70
CA ALA A 31 16.28 7.78 -6.37
C ALA A 31 16.88 7.15 -7.63
N GLY A 32 16.02 6.49 -8.40
CA GLY A 32 16.46 5.84 -9.61
C GLY A 32 15.87 4.44 -9.73
N PRO A 33 15.83 3.86 -10.93
CA PRO A 33 15.27 2.52 -11.14
C PRO A 33 16.11 1.44 -10.46
N GLU A 34 16.11 1.44 -9.13
CA GLU A 34 16.86 0.46 -8.37
C GLU A 34 16.80 0.74 -6.88
N TYR A 35 15.66 0.41 -6.30
CA TYR A 35 15.41 0.63 -4.88
C TYR A 35 14.01 0.15 -4.49
N GLN A 36 13.50 -0.83 -5.22
CA GLN A 36 12.15 -1.36 -4.97
C GLN A 36 11.93 -1.68 -3.49
N GLN A 37 13.01 -1.71 -2.72
CA GLN A 37 12.92 -2.00 -1.30
C GLN A 37 12.78 -0.71 -0.49
N ASP A 38 13.17 0.41 -1.09
CA ASP A 38 13.08 1.70 -0.42
C ASP A 38 11.68 2.29 -0.58
N LEU A 39 11.02 1.94 -1.67
CA LEU A 39 9.67 2.42 -1.94
C LEU A 39 8.68 1.77 -0.98
N ASP A 40 8.94 0.52 -0.63
CA ASP A 40 8.09 -0.23 0.28
C ASP A 40 8.06 0.43 1.66
N ARG A 41 9.13 1.13 1.99
CA ARG A 41 9.24 1.81 3.28
C ARG A 41 8.16 2.87 3.41
N GLU A 42 7.86 3.55 2.30
CA GLU A 42 6.83 4.59 2.29
C GLU A 42 5.45 3.98 2.40
N LEU A 43 5.20 2.93 1.62
CA LEU A 43 3.92 2.25 1.65
C LEU A 43 3.75 1.48 2.95
N PHE A 44 4.88 1.05 3.51
CA PHE A 44 4.86 0.32 4.77
C PHE A 44 4.51 1.26 5.92
N LYS A 45 4.66 2.56 5.69
CA LYS A 45 4.35 3.56 6.69
C LYS A 45 2.84 3.68 6.90
N LEU A 46 2.07 3.29 5.88
CA LEU A 46 0.61 3.36 5.98
C LEU A 46 0.10 2.39 7.03
N LYS A 47 0.64 1.18 7.03
CA LYS A 47 0.22 0.16 7.98
C LYS A 47 0.33 0.68 9.41
N GLN A 48 1.33 1.51 9.67
CA GLN A 48 1.54 2.08 10.98
C GLN A 48 0.43 3.07 11.34
N MET A 49 -0.07 3.76 10.32
CA MET A 49 -1.15 4.73 10.52
C MET A 49 -2.48 4.02 10.61
N TYR A 50 -2.61 2.93 9.85
CA TYR A 50 -3.84 2.15 9.85
C TYR A 50 -3.96 1.33 11.13
N GLY A 51 -2.82 0.97 11.71
CA GLY A 51 -2.83 0.19 12.93
C GLY A 51 -3.22 1.01 14.14
N LYS A 52 -2.99 2.32 14.07
CA LYS A 52 -3.32 3.23 15.17
C LYS A 52 -4.59 4.02 14.86
N ALA A 53 -4.83 4.25 13.57
CA ALA A 53 -6.00 5.00 13.14
C ALA A 53 -7.29 4.30 13.59
N ASP A 54 -7.70 3.29 12.82
CA ASP A 54 -8.93 2.54 13.13
C ASP A 54 -9.23 1.54 12.02
N MET A 55 -8.93 1.91 10.79
CA MET A 55 -9.19 1.04 9.64
C MET A 55 -10.68 0.92 9.37
N ASN A 56 -11.31 2.03 8.97
CA ASN A 56 -12.73 2.05 8.69
C ASN A 56 -13.13 3.37 8.03
N THR A 57 -12.24 3.92 7.23
CA THR A 57 -12.50 5.18 6.53
C THR A 57 -12.04 5.12 5.09
N PHE A 58 -10.80 4.70 4.88
CA PHE A 58 -10.24 4.59 3.53
C PHE A 58 -11.06 3.63 2.67
N PRO A 59 -11.05 3.83 1.35
CA PRO A 59 -11.80 2.97 0.42
C PRO A 59 -11.09 1.64 0.15
N ASN A 60 -10.78 0.91 1.22
CA ASN A 60 -10.11 -0.38 1.10
C ASN A 60 -8.85 -0.27 0.26
N PHE A 61 -8.10 0.83 0.45
CA PHE A 61 -6.87 1.05 -0.28
C PHE A 61 -7.14 1.14 -1.77
N THR A 62 -7.21 2.37 -2.29
CA THR A 62 -7.47 2.59 -3.70
C THR A 62 -6.78 3.87 -4.18
N PHE A 63 -5.53 4.05 -3.77
CA PHE A 63 -4.76 5.22 -4.16
C PHE A 63 -4.31 5.12 -5.61
N GLU A 64 -5.28 4.96 -6.51
CA GLU A 64 -5.00 4.84 -7.94
C GLU A 64 -6.29 4.68 -8.73
N ASP A 65 -7.25 3.96 -8.16
CA ASP A 65 -8.53 3.73 -8.82
C ASP A 65 -9.21 5.05 -9.21
N PRO A 66 -9.25 6.03 -8.29
CA PRO A 66 -9.87 7.33 -8.54
C PRO A 66 -9.34 8.01 -9.78
N LYS A 67 -8.16 7.59 -10.22
CA LYS A 67 -7.57 8.13 -11.42
C LYS A 67 -8.51 7.91 -12.61
N PHE A 68 -9.57 7.13 -12.38
CA PHE A 68 -10.54 6.85 -13.43
C PHE A 68 -11.91 6.51 -12.83
N GLU A 69 -11.91 5.73 -11.76
CA GLU A 69 -13.15 5.35 -11.09
C GLU A 69 -13.98 4.42 -11.97
N VAL A 70 -13.37 3.32 -12.40
CA VAL A 70 -14.05 2.35 -13.25
C VAL A 70 -14.19 2.87 -14.68
N VAL A 71 -13.07 3.02 -15.36
CA VAL A 71 -13.06 3.51 -16.74
C VAL A 71 -12.85 2.35 -17.72
N GLU A 72 -13.34 1.17 -17.34
CA GLU A 72 -13.21 -0.01 -18.19
C GLU A 72 -11.76 -0.47 -18.28
N LYS A 73 -10.94 0.33 -18.96
CA LYS A 73 -9.52 0.01 -19.12
C LYS A 73 -8.71 0.53 -17.93
N PRO A 74 -7.73 -0.26 -17.46
CA PRO A 74 -6.89 0.13 -16.33
C PRO A 74 -5.88 1.22 -16.70
N GLN A 75 -5.47 2.00 -15.71
CA GLN A 75 -4.52 3.09 -15.92
C GLN A 75 -5.18 4.30 -16.54
N SER A 76 -5.84 4.09 -17.68
CA SER A 76 -6.53 5.18 -18.38
C SER A 76 -5.55 6.27 -18.79
N ASN A 1 6.34 -17.56 10.81
CA ASN A 1 5.43 -18.14 9.79
C ASN A 1 4.80 -17.04 8.93
N LYS A 2 3.99 -16.20 9.56
CA LYS A 2 3.32 -15.11 8.84
C LYS A 2 3.98 -13.77 9.16
N GLU A 3 4.47 -13.64 10.39
CA GLU A 3 5.13 -12.41 10.82
C GLU A 3 4.15 -11.24 10.84
N LEU A 4 2.87 -11.56 11.06
CA LEU A 4 1.84 -10.52 11.11
C LEU A 4 0.48 -11.14 11.44
N ASP A 5 -0.10 -11.84 10.47
CA ASP A 5 -1.40 -12.48 10.65
C ASP A 5 -1.87 -13.13 9.35
N PRO A 6 -2.89 -14.00 9.42
CA PRO A 6 -3.43 -14.68 8.24
C PRO A 6 -4.32 -13.77 7.40
N VAL A 7 -3.77 -12.63 6.97
CA VAL A 7 -4.52 -11.69 6.16
C VAL A 7 -3.67 -10.47 5.81
N GLN A 8 -2.98 -9.93 6.81
CA GLN A 8 -2.12 -8.78 6.60
C GLN A 8 -1.07 -9.06 5.53
N LYS A 9 -0.77 -10.33 5.32
CA LYS A 9 0.22 -10.73 4.32
C LYS A 9 -0.27 -10.39 2.91
N LEU A 10 -1.57 -10.51 2.69
CA LEU A 10 -2.16 -10.22 1.39
C LEU A 10 -2.06 -8.72 1.06
N PHE A 11 -2.22 -7.89 2.09
CA PHE A 11 -2.13 -6.44 1.91
C PHE A 11 -0.72 -6.02 1.53
N VAL A 12 0.28 -6.59 2.22
CA VAL A 12 1.67 -6.27 1.95
C VAL A 12 2.13 -6.89 0.63
N ASP A 13 1.41 -7.92 0.18
CA ASP A 13 1.75 -8.59 -1.07
C ASP A 13 0.88 -8.10 -2.22
N LYS A 14 0.01 -7.13 -1.95
CA LYS A 14 -0.83 -6.56 -2.98
C LYS A 14 -0.43 -5.11 -3.18
N ILE A 15 0.05 -4.51 -2.12
CA ILE A 15 0.51 -3.15 -2.17
C ILE A 15 1.87 -3.11 -2.87
N ARG A 16 2.52 -4.25 -2.98
CA ARG A 16 3.78 -4.30 -3.67
C ARG A 16 3.54 -4.55 -5.14
N GLU A 17 2.25 -4.55 -5.54
CA GLU A 17 1.87 -4.77 -6.92
C GLU A 17 1.26 -3.51 -7.53
N TYR A 18 0.71 -2.66 -6.67
CA TYR A 18 0.10 -1.41 -7.14
C TYR A 18 1.10 -0.26 -7.03
N ARG A 19 2.04 -0.37 -6.10
CA ARG A 19 3.06 0.68 -5.92
C ARG A 19 4.22 0.42 -6.87
N THR A 20 4.35 -0.85 -7.26
CA THR A 20 5.39 -1.27 -8.17
C THR A 20 5.14 -0.74 -9.57
N LYS A 21 3.87 -0.71 -9.97
CA LYS A 21 3.52 -0.22 -11.30
C LYS A 21 3.71 1.29 -11.40
N ARG A 22 3.94 1.93 -10.26
CA ARG A 22 4.15 3.38 -10.21
C ARG A 22 5.61 3.73 -10.47
N GLN A 23 6.50 2.75 -10.30
CA GLN A 23 7.93 2.98 -10.51
C GLN A 23 8.20 3.52 -11.92
N THR A 24 7.59 2.90 -12.92
CA THR A 24 7.76 3.30 -14.31
C THR A 24 9.21 3.62 -14.65
N SER A 25 10.13 2.95 -13.95
CA SER A 25 11.56 3.15 -14.18
C SER A 25 11.92 4.63 -14.11
N GLY A 26 12.40 5.07 -12.95
CA GLY A 26 12.78 6.46 -12.78
C GLY A 26 11.59 7.37 -12.62
N GLY A 27 11.35 7.81 -11.40
CA GLY A 27 10.22 8.69 -11.13
C GLY A 27 10.43 9.55 -9.89
N PRO A 28 9.82 9.17 -8.76
CA PRO A 28 9.95 9.93 -7.51
C PRO A 28 11.31 9.70 -6.84
N VAL A 29 11.74 8.44 -6.82
CA VAL A 29 13.02 8.08 -6.22
C VAL A 29 14.08 7.87 -7.28
N ASP A 30 15.35 7.89 -6.87
CA ASP A 30 16.47 7.69 -7.80
C ASP A 30 16.17 6.53 -8.74
N ALA A 31 15.40 5.56 -8.23
CA ALA A 31 15.01 4.40 -9.02
C ALA A 31 16.23 3.59 -9.46
N GLY A 32 17.20 3.47 -8.56
CA GLY A 32 18.40 2.70 -8.88
C GLY A 32 18.08 1.26 -9.23
N PRO A 33 19.08 0.36 -9.17
CA PRO A 33 18.88 -1.05 -9.49
C PRO A 33 18.27 -1.84 -8.33
N GLU A 34 18.18 -1.21 -7.16
CA GLU A 34 17.59 -1.86 -6.00
C GLU A 34 16.84 -0.87 -5.15
N TYR A 35 16.36 0.20 -5.79
CA TYR A 35 15.58 1.22 -5.12
C TYR A 35 14.29 0.62 -4.54
N GLN A 36 13.99 -0.62 -4.92
CA GLN A 36 12.78 -1.30 -4.45
C GLN A 36 12.54 -1.03 -2.96
N GLN A 37 13.62 -0.81 -2.24
CA GLN A 37 13.53 -0.54 -0.81
C GLN A 37 12.98 0.87 -0.55
N ASP A 38 12.85 1.67 -1.61
CA ASP A 38 12.34 3.03 -1.47
C ASP A 38 10.84 3.09 -1.76
N LEU A 39 10.35 2.09 -2.48
CA LEU A 39 8.93 2.03 -2.82
C LEU A 39 8.18 1.28 -1.72
N ASP A 40 8.84 0.28 -1.15
CA ASP A 40 8.23 -0.51 -0.08
C ASP A 40 8.14 0.32 1.20
N ARG A 41 9.02 1.31 1.33
CA ARG A 41 9.03 2.18 2.50
C ARG A 41 7.75 3.00 2.57
N GLU A 42 7.19 3.32 1.40
CA GLU A 42 5.95 4.11 1.36
C GLU A 42 4.75 3.24 1.71
N LEU A 43 4.96 1.94 1.87
CA LEU A 43 3.89 1.04 2.24
C LEU A 43 3.86 0.88 3.74
N PHE A 44 5.05 0.73 4.32
CA PHE A 44 5.17 0.59 5.76
C PHE A 44 4.48 1.76 6.46
N LYS A 45 4.56 2.94 5.85
CA LYS A 45 3.93 4.13 6.43
C LYS A 45 2.43 3.91 6.61
N LEU A 46 1.87 2.99 5.83
CA LEU A 46 0.46 2.68 5.93
C LEU A 46 0.17 2.05 7.28
N LYS A 47 0.79 0.90 7.53
CA LYS A 47 0.61 0.20 8.79
C LYS A 47 0.79 1.16 9.96
N GLN A 48 1.65 2.16 9.77
CA GLN A 48 1.91 3.15 10.81
C GLN A 48 0.79 4.18 10.85
N MET A 49 0.28 4.55 9.67
CA MET A 49 -0.80 5.53 9.58
C MET A 49 -2.11 4.90 10.04
N TYR A 50 -2.23 3.58 9.89
CA TYR A 50 -3.43 2.87 10.31
C TYR A 50 -3.31 2.45 11.76
N GLY A 51 -2.09 2.22 12.21
CA GLY A 51 -1.87 1.82 13.58
C GLY A 51 -1.73 3.02 14.51
N LYS A 52 -1.42 4.17 13.93
CA LYS A 52 -1.25 5.40 14.70
C LYS A 52 -2.52 6.24 14.65
N ALA A 53 -3.30 6.10 13.58
CA ALA A 53 -4.53 6.85 13.42
C ALA A 53 -5.75 6.02 13.83
N ASP A 54 -5.50 4.94 14.57
CA ASP A 54 -6.57 4.06 15.02
C ASP A 54 -7.40 3.54 13.84
N MET A 55 -6.79 3.55 12.65
CA MET A 55 -7.46 3.07 11.44
C MET A 55 -8.90 3.58 11.37
N ASN A 56 -9.10 4.83 11.78
CA ASN A 56 -10.44 5.43 11.76
C ASN A 56 -10.46 6.70 10.90
N THR A 57 -9.63 6.71 9.87
CA THR A 57 -9.55 7.87 8.97
C THR A 57 -9.23 7.43 7.54
N PHE A 58 -9.51 6.16 7.23
CA PHE A 58 -9.25 5.63 5.90
C PHE A 58 -9.95 4.28 5.72
N PRO A 59 -10.05 3.80 4.47
CA PRO A 59 -10.70 2.52 4.18
C PRO A 59 -10.07 1.36 4.94
N ASN A 60 -8.82 1.56 5.37
CA ASN A 60 -8.09 0.54 6.13
C ASN A 60 -7.55 -0.56 5.21
N PHE A 61 -7.89 -0.49 3.92
CA PHE A 61 -7.44 -1.47 2.94
C PHE A 61 -8.25 -1.33 1.66
N THR A 62 -7.60 -0.83 0.61
CA THR A 62 -8.25 -0.65 -0.68
C THR A 62 -7.25 -0.17 -1.73
N PHE A 63 -6.46 0.85 -1.37
CA PHE A 63 -5.46 1.39 -2.28
C PHE A 63 -6.05 1.61 -3.66
N GLU A 64 -7.14 2.38 -3.72
CA GLU A 64 -7.82 2.66 -4.98
C GLU A 64 -8.50 1.41 -5.51
N ASP A 65 -8.91 0.53 -4.61
CA ASP A 65 -9.58 -0.71 -4.99
C ASP A 65 -10.78 -0.43 -5.90
N PRO A 66 -10.99 -1.27 -6.92
CA PRO A 66 -12.10 -1.12 -7.86
C PRO A 66 -13.40 -1.72 -7.36
N LYS A 67 -13.30 -2.56 -6.33
CA LYS A 67 -14.48 -3.22 -5.75
C LYS A 67 -15.58 -2.21 -5.44
N PHE A 68 -15.18 -0.99 -5.09
CA PHE A 68 -16.15 0.05 -4.76
C PHE A 68 -16.68 0.72 -6.04
N GLU A 69 -15.90 0.64 -7.12
CA GLU A 69 -16.30 1.23 -8.38
C GLU A 69 -15.27 0.94 -9.47
N VAL A 70 -15.75 0.52 -10.64
CA VAL A 70 -14.87 0.21 -11.76
C VAL A 70 -15.67 -0.21 -12.99
N VAL A 71 -16.44 0.73 -13.53
CA VAL A 71 -17.24 0.46 -14.71
C VAL A 71 -18.33 -0.58 -14.41
N GLU A 72 -18.87 -0.52 -13.20
CA GLU A 72 -19.91 -1.46 -12.78
C GLU A 72 -21.20 -1.21 -13.56
N LYS A 73 -21.44 0.04 -13.93
CA LYS A 73 -22.64 0.41 -14.67
C LYS A 73 -22.33 1.51 -15.70
N PRO A 74 -21.83 1.12 -16.88
CA PRO A 74 -21.49 2.06 -17.94
C PRO A 74 -22.72 2.69 -18.58
N GLN A 75 -22.50 3.72 -19.40
CA GLN A 75 -23.61 4.41 -20.06
C GLN A 75 -23.29 4.64 -21.54
N SER A 76 -23.47 3.60 -22.35
CA SER A 76 -23.21 3.69 -23.78
C SER A 76 -24.26 2.94 -24.57
N ASN A 1 7.97 -7.52 14.05
CA ASN A 1 7.52 -8.25 12.84
C ASN A 1 7.21 -9.71 13.15
N LYS A 2 8.00 -10.30 14.05
CA LYS A 2 7.81 -11.69 14.43
C LYS A 2 8.17 -12.62 13.29
N GLU A 3 7.35 -12.62 12.24
CA GLU A 3 7.58 -13.46 11.08
C GLU A 3 6.54 -13.19 10.01
N LEU A 4 5.30 -13.00 10.46
CA LEU A 4 4.18 -12.71 9.55
C LEU A 4 2.86 -12.73 10.30
N ASP A 5 2.29 -11.56 10.50
CA ASP A 5 1.02 -11.44 11.20
C ASP A 5 -0.13 -11.97 10.33
N PRO A 6 -1.27 -12.31 10.95
CA PRO A 6 -2.43 -12.84 10.24
C PRO A 6 -3.23 -11.74 9.53
N VAL A 7 -2.54 -10.94 8.71
CA VAL A 7 -3.19 -9.86 7.97
C VAL A 7 -2.17 -9.09 7.14
N GLN A 8 -1.04 -8.76 7.76
CA GLN A 8 0.02 -8.01 7.06
C GLN A 8 0.36 -8.70 5.74
N LYS A 9 0.17 -10.01 5.69
CA LYS A 9 0.46 -10.77 4.48
C LYS A 9 -0.38 -10.26 3.32
N LEU A 10 -1.69 -10.14 3.56
CA LEU A 10 -2.60 -9.65 2.55
C LEU A 10 -2.23 -8.23 2.12
N PHE A 11 -1.79 -7.44 3.09
CA PHE A 11 -1.39 -6.07 2.83
C PHE A 11 -0.19 -6.03 1.89
N VAL A 12 0.79 -6.88 2.16
CA VAL A 12 1.98 -6.95 1.33
C VAL A 12 1.60 -7.18 -0.12
N ASP A 13 0.44 -7.78 -0.33
CA ASP A 13 -0.06 -8.05 -1.68
C ASP A 13 -0.95 -6.91 -2.15
N LYS A 14 -0.90 -5.77 -1.45
CA LYS A 14 -1.68 -4.61 -1.82
C LYS A 14 -0.73 -3.48 -2.20
N ILE A 15 0.36 -3.38 -1.44
CA ILE A 15 1.35 -2.38 -1.73
C ILE A 15 2.18 -2.82 -2.94
N ARG A 16 2.10 -4.10 -3.27
CA ARG A 16 2.81 -4.58 -4.44
C ARG A 16 1.90 -4.46 -5.66
N GLU A 17 0.72 -3.88 -5.46
CA GLU A 17 -0.25 -3.71 -6.53
C GLU A 17 -0.39 -2.23 -6.91
N TYR A 18 -0.06 -1.35 -5.98
CA TYR A 18 -0.12 0.08 -6.22
C TYR A 18 1.29 0.59 -6.56
N ARG A 19 2.30 -0.10 -6.05
CA ARG A 19 3.69 0.26 -6.30
C ARG A 19 4.08 -0.25 -7.67
N THR A 20 3.56 -1.43 -7.99
CA THR A 20 3.80 -2.06 -9.28
C THR A 20 3.46 -1.09 -10.41
N LYS A 21 2.40 -0.32 -10.21
CA LYS A 21 1.96 0.65 -11.22
C LYS A 21 3.06 1.68 -11.48
N ARG A 22 3.43 2.42 -10.44
CA ARG A 22 4.48 3.43 -10.56
C ARG A 22 5.82 2.78 -10.87
N GLN A 23 5.98 1.53 -10.45
CA GLN A 23 7.21 0.79 -10.68
C GLN A 23 7.53 0.71 -12.16
N THR A 24 6.65 0.05 -12.92
CA THR A 24 6.84 -0.09 -14.36
C THR A 24 6.08 0.99 -15.11
N SER A 25 6.75 2.11 -15.38
CA SER A 25 6.14 3.21 -16.10
C SER A 25 7.16 4.31 -16.37
N GLY A 26 8.36 3.92 -16.78
CA GLY A 26 9.40 4.89 -17.07
C GLY A 26 9.97 5.52 -15.82
N GLY A 27 11.08 4.98 -15.34
CA GLY A 27 11.71 5.50 -14.14
C GLY A 27 10.98 5.09 -12.88
N PRO A 28 11.37 3.96 -12.27
CA PRO A 28 10.73 3.46 -11.03
C PRO A 28 10.69 4.52 -9.94
N VAL A 29 9.53 5.13 -9.76
CA VAL A 29 9.33 6.16 -8.74
C VAL A 29 10.49 7.17 -8.74
N ASP A 30 11.14 7.34 -9.89
CA ASP A 30 12.26 8.26 -10.00
C ASP A 30 13.33 7.94 -8.95
N ALA A 31 13.37 6.70 -8.50
CA ALA A 31 14.33 6.27 -7.50
C ALA A 31 15.53 5.59 -8.14
N GLY A 32 15.31 4.41 -8.71
CA GLY A 32 16.37 3.67 -9.36
C GLY A 32 15.94 2.27 -9.76
N PRO A 33 16.88 1.41 -10.20
CA PRO A 33 16.57 0.06 -10.62
C PRO A 33 16.70 -0.96 -9.49
N GLU A 34 16.80 -0.47 -8.26
CA GLU A 34 16.91 -1.36 -7.12
C GLU A 34 16.65 -0.60 -5.82
N TYR A 35 15.82 0.42 -5.94
CA TYR A 35 15.42 1.25 -4.81
C TYR A 35 14.32 0.55 -4.00
N GLN A 36 13.99 -0.69 -4.39
CA GLN A 36 12.93 -1.46 -3.72
C GLN A 36 12.98 -1.27 -2.21
N GLN A 37 14.16 -0.98 -1.70
CA GLN A 37 14.33 -0.77 -0.26
C GLN A 37 13.69 0.54 0.19
N ASP A 38 13.54 1.48 -0.74
CA ASP A 38 12.92 2.76 -0.43
C ASP A 38 11.42 2.66 -0.57
N LEU A 39 10.98 1.83 -1.51
CA LEU A 39 9.57 1.62 -1.75
C LEU A 39 8.97 0.80 -0.63
N ASP A 40 9.73 -0.18 -0.14
CA ASP A 40 9.29 -1.04 0.94
C ASP A 40 9.13 -0.24 2.23
N ARG A 41 10.10 0.63 2.50
CA ARG A 41 10.06 1.46 3.70
C ARG A 41 8.95 2.49 3.60
N GLU A 42 8.73 2.99 2.38
CA GLU A 42 7.68 3.98 2.14
C GLU A 42 6.32 3.32 2.13
N LEU A 43 6.24 2.14 1.51
CA LEU A 43 4.99 1.39 1.44
C LEU A 43 4.68 0.79 2.80
N PHE A 44 5.72 0.48 3.55
CA PHE A 44 5.56 -0.11 4.87
C PHE A 44 4.96 0.93 5.83
N LYS A 45 5.21 2.21 5.54
CA LYS A 45 4.69 3.29 6.35
C LYS A 45 3.17 3.32 6.31
N LEU A 46 2.60 2.79 5.24
CA LEU A 46 1.15 2.75 5.09
C LEU A 46 0.52 1.95 6.22
N LYS A 47 1.17 0.84 6.56
CA LYS A 47 0.68 -0.03 7.64
C LYS A 47 0.35 0.79 8.88
N GLN A 48 1.12 1.85 9.11
CA GLN A 48 0.91 2.71 10.26
C GLN A 48 -0.42 3.47 10.12
N MET A 49 -0.76 3.81 8.89
CA MET A 49 -2.00 4.52 8.62
C MET A 49 -3.18 3.53 8.62
N TYR A 50 -2.89 2.30 8.22
CA TYR A 50 -3.89 1.25 8.18
C TYR A 50 -4.30 0.84 9.60
N GLY A 51 -3.35 0.94 10.53
CA GLY A 51 -3.64 0.59 11.90
C GLY A 51 -4.55 1.60 12.58
N LYS A 52 -4.36 2.87 12.23
CA LYS A 52 -5.17 3.94 12.81
C LYS A 52 -6.12 4.52 11.76
N ALA A 53 -6.41 3.73 10.73
CA ALA A 53 -7.31 4.18 9.66
C ALA A 53 -8.77 3.90 10.01
N ASP A 54 -9.00 3.26 11.16
CA ASP A 54 -10.36 2.95 11.60
C ASP A 54 -11.04 1.98 10.63
N MET A 55 -10.24 1.09 10.04
CA MET A 55 -10.75 0.09 9.10
C MET A 55 -11.75 0.71 8.12
N ASN A 56 -11.25 1.23 7.02
CA ASN A 56 -12.09 1.85 6.01
C ASN A 56 -11.24 2.39 4.87
N THR A 57 -10.17 1.67 4.52
CA THR A 57 -9.28 2.09 3.45
C THR A 57 -8.39 0.96 2.96
N PHE A 58 -8.89 -0.27 3.10
CA PHE A 58 -8.13 -1.43 2.65
C PHE A 58 -8.91 -2.25 1.62
N PRO A 59 -9.77 -1.60 0.79
CA PRO A 59 -10.55 -2.30 -0.22
C PRO A 59 -9.71 -2.67 -1.44
N ASN A 60 -8.86 -1.73 -1.87
CA ASN A 60 -8.01 -1.97 -3.03
C ASN A 60 -6.93 -0.90 -3.15
N PHE A 61 -6.52 -0.33 -2.02
CA PHE A 61 -5.50 0.71 -2.01
C PHE A 61 -5.83 1.81 -3.02
N THR A 62 -6.50 2.85 -2.55
CA THR A 62 -6.88 3.97 -3.41
C THR A 62 -6.36 5.29 -2.84
N PHE A 63 -6.62 5.51 -1.55
CA PHE A 63 -6.19 6.74 -0.88
C PHE A 63 -6.41 7.96 -1.76
N GLU A 64 -7.67 8.19 -2.14
CA GLU A 64 -8.01 9.32 -2.99
C GLU A 64 -7.35 9.19 -4.36
N ASP A 65 -7.10 7.95 -4.78
CA ASP A 65 -6.47 7.69 -6.06
C ASP A 65 -7.26 8.32 -7.22
N PRO A 66 -8.60 8.19 -7.20
CA PRO A 66 -9.46 8.75 -8.26
C PRO A 66 -9.12 10.20 -8.59
N LYS A 67 -9.29 11.08 -7.61
CA LYS A 67 -9.02 12.50 -7.80
C LYS A 67 -7.54 12.81 -7.61
N PHE A 68 -6.74 11.79 -7.34
CA PHE A 68 -5.31 11.97 -7.14
C PHE A 68 -4.65 12.56 -8.39
N GLU A 69 -5.25 12.32 -9.55
CA GLU A 69 -4.73 12.82 -10.82
C GLU A 69 -5.47 12.19 -11.99
N VAL A 70 -5.76 12.99 -13.01
CA VAL A 70 -6.46 12.51 -14.19
C VAL A 70 -6.65 13.63 -15.21
N VAL A 71 -5.54 14.04 -15.84
CA VAL A 71 -5.59 15.09 -16.84
C VAL A 71 -6.38 14.66 -18.07
N GLU A 72 -6.40 13.35 -18.32
CA GLU A 72 -7.13 12.81 -19.46
C GLU A 72 -6.51 13.29 -20.77
N LYS A 73 -6.97 12.72 -21.88
CA LYS A 73 -6.46 13.08 -23.20
C LYS A 73 -4.96 12.81 -23.30
N PRO A 74 -4.54 11.56 -23.01
CA PRO A 74 -3.13 11.18 -23.07
C PRO A 74 -2.63 11.06 -24.51
N GLN A 75 -3.54 10.76 -25.43
CA GLN A 75 -3.18 10.62 -26.83
C GLN A 75 -3.43 11.93 -27.59
N SER A 76 -3.01 13.03 -26.99
CA SER A 76 -3.17 14.35 -27.60
C SER A 76 -2.19 15.35 -27.02
N ASN A 1 4.03 -12.64 17.16
CA ASN A 1 4.88 -13.77 16.71
C ASN A 1 6.00 -13.29 15.80
N LYS A 2 6.82 -14.23 15.32
CA LYS A 2 7.93 -13.89 14.44
C LYS A 2 7.60 -14.27 13.00
N GLU A 3 6.82 -13.42 12.34
CA GLU A 3 6.43 -13.66 10.96
C GLU A 3 5.49 -12.55 10.48
N LEU A 4 4.20 -12.72 10.76
CA LEU A 4 3.20 -11.72 10.37
C LEU A 4 1.79 -12.17 10.76
N ASP A 5 1.13 -12.91 9.87
CA ASP A 5 -0.22 -13.40 10.12
C ASP A 5 -0.82 -13.98 8.84
N PRO A 6 -1.94 -14.70 8.95
CA PRO A 6 -2.60 -15.30 7.80
C PRO A 6 -3.53 -14.34 7.07
N VAL A 7 -3.04 -13.14 6.79
CA VAL A 7 -3.84 -12.14 6.10
C VAL A 7 -3.05 -10.86 5.85
N GLN A 8 -2.36 -10.38 6.88
CA GLN A 8 -1.58 -9.15 6.76
C GLN A 8 -0.59 -9.26 5.60
N LYS A 9 -0.26 -10.49 5.22
CA LYS A 9 0.67 -10.71 4.11
C LYS A 9 0.00 -10.41 2.78
N LEU A 10 -1.33 -10.57 2.73
CA LEU A 10 -2.08 -10.33 1.51
C LEU A 10 -2.05 -8.86 1.13
N PHE A 11 -2.12 -7.98 2.12
CA PHE A 11 -2.10 -6.55 1.88
C PHE A 11 -0.68 -6.08 1.56
N VAL A 12 0.30 -6.70 2.20
CA VAL A 12 1.69 -6.36 1.98
C VAL A 12 2.16 -6.87 0.63
N ASP A 13 1.52 -7.94 0.15
CA ASP A 13 1.87 -8.53 -1.14
C ASP A 13 0.95 -8.00 -2.25
N LYS A 14 0.15 -6.99 -1.93
CA LYS A 14 -0.73 -6.38 -2.90
C LYS A 14 -0.33 -4.94 -3.10
N ILE A 15 0.15 -4.33 -2.02
CA ILE A 15 0.60 -2.98 -2.08
C ILE A 15 1.98 -2.93 -2.74
N ARG A 16 2.61 -4.09 -2.87
CA ARG A 16 3.89 -4.16 -3.54
C ARG A 16 3.65 -4.44 -5.01
N GLU A 17 2.36 -4.43 -5.41
CA GLU A 17 1.98 -4.67 -6.79
C GLU A 17 1.39 -3.41 -7.42
N TYR A 18 0.87 -2.52 -6.60
CA TYR A 18 0.29 -1.27 -7.08
C TYR A 18 1.33 -0.15 -7.00
N ARG A 19 2.25 -0.26 -6.04
CA ARG A 19 3.30 0.73 -5.87
C ARG A 19 4.43 0.46 -6.85
N THR A 20 4.60 -0.83 -7.14
CA THR A 20 5.61 -1.28 -8.07
C THR A 20 5.36 -0.68 -9.46
N LYS A 21 4.07 -0.55 -9.80
CA LYS A 21 3.69 0.01 -11.09
C LYS A 21 4.32 1.38 -11.31
N ARG A 22 4.45 2.14 -10.23
CA ARG A 22 5.05 3.46 -10.29
C ARG A 22 6.48 3.40 -10.82
N GLN A 23 7.10 2.23 -10.67
CA GLN A 23 8.48 2.04 -11.12
C GLN A 23 8.51 1.60 -12.59
N THR A 24 7.77 2.31 -13.43
CA THR A 24 7.72 1.98 -14.85
C THR A 24 8.46 3.03 -15.67
N SER A 25 7.99 4.27 -15.63
CA SER A 25 8.61 5.35 -16.37
C SER A 25 7.91 6.68 -16.10
N GLY A 26 8.63 7.62 -15.50
CA GLY A 26 8.06 8.91 -15.19
C GLY A 26 8.61 9.51 -13.91
N GLY A 27 9.02 8.64 -13.00
CA GLY A 27 9.57 9.10 -11.73
C GLY A 27 8.70 8.71 -10.55
N PRO A 28 8.86 7.50 -10.01
CA PRO A 28 8.07 7.03 -8.86
C PRO A 28 8.43 7.76 -7.57
N VAL A 29 9.73 7.89 -7.31
CA VAL A 29 10.20 8.57 -6.10
C VAL A 29 11.62 9.09 -6.30
N ASP A 30 11.95 9.44 -7.54
CA ASP A 30 13.28 9.97 -7.86
C ASP A 30 14.37 8.96 -7.47
N ALA A 31 14.00 7.68 -7.48
CA ALA A 31 14.95 6.63 -7.14
C ALA A 31 15.25 5.73 -8.34
N GLY A 32 14.29 5.64 -9.26
CA GLY A 32 14.48 4.82 -10.44
C GLY A 32 13.96 3.41 -10.25
N PRO A 33 13.81 2.63 -11.34
CA PRO A 33 13.32 1.26 -11.27
C PRO A 33 14.34 0.30 -10.66
N GLU A 34 14.73 0.56 -9.42
CA GLU A 34 15.69 -0.27 -8.72
C GLU A 34 15.86 0.20 -7.29
N TYR A 35 14.84 -0.08 -6.48
CA TYR A 35 14.82 0.31 -5.09
C TYR A 35 13.60 -0.30 -4.40
N GLN A 36 13.16 -1.46 -4.87
CA GLN A 36 11.99 -2.14 -4.32
C GLN A 36 12.01 -2.16 -2.79
N GLN A 37 13.17 -1.91 -2.21
CA GLN A 37 13.32 -1.88 -0.75
C GLN A 37 13.02 -0.49 -0.21
N ASP A 38 13.27 0.53 -1.02
CA ASP A 38 13.02 1.90 -0.62
C ASP A 38 11.56 2.27 -0.88
N LEU A 39 10.92 1.49 -1.76
CA LEU A 39 9.52 1.70 -2.08
C LEU A 39 8.63 1.19 -0.96
N ASP A 40 9.05 0.10 -0.33
CA ASP A 40 8.29 -0.48 0.77
C ASP A 40 8.26 0.48 1.97
N ARG A 41 9.19 1.44 1.96
CA ARG A 41 9.26 2.43 3.03
C ARG A 41 8.03 3.33 2.99
N GLU A 42 7.57 3.63 1.78
CA GLU A 42 6.39 4.48 1.61
C GLU A 42 5.14 3.74 2.07
N LEU A 43 4.98 2.51 1.60
CA LEU A 43 3.83 1.70 1.97
C LEU A 43 3.88 1.43 3.46
N PHE A 44 5.09 1.28 3.98
CA PHE A 44 5.28 1.04 5.41
C PHE A 44 4.66 2.17 6.22
N LYS A 45 4.55 3.35 5.60
CA LYS A 45 3.96 4.50 6.26
C LYS A 45 2.46 4.33 6.45
N LEU A 46 1.89 3.31 5.79
CA LEU A 46 0.48 3.05 5.90
C LEU A 46 0.21 2.27 7.19
N LYS A 47 1.01 1.25 7.45
CA LYS A 47 0.86 0.46 8.66
C LYS A 47 0.85 1.37 9.90
N GLN A 48 1.55 2.49 9.80
CA GLN A 48 1.62 3.44 10.91
C GLN A 48 0.39 4.34 10.92
N MET A 49 -0.11 4.68 9.74
CA MET A 49 -1.30 5.50 9.62
C MET A 49 -2.55 4.66 9.90
N TYR A 50 -2.44 3.38 9.60
CA TYR A 50 -3.54 2.45 9.81
C TYR A 50 -3.82 2.29 11.30
N GLY A 51 -2.77 2.39 12.10
CA GLY A 51 -2.93 2.27 13.54
C GLY A 51 -3.85 3.33 14.10
N LYS A 52 -3.91 4.47 13.44
CA LYS A 52 -4.75 5.57 13.87
C LYS A 52 -6.06 5.62 13.07
N ALA A 53 -6.37 4.52 12.37
CA ALA A 53 -7.58 4.45 11.57
C ALA A 53 -8.74 3.86 12.37
N ASP A 54 -8.82 2.53 12.41
CA ASP A 54 -9.88 1.84 13.14
C ASP A 54 -9.83 0.34 12.87
N MET A 55 -10.42 -0.08 11.77
CA MET A 55 -10.46 -1.49 11.39
C MET A 55 -11.22 -1.70 10.09
N ASN A 56 -11.05 -0.78 9.15
CA ASN A 56 -11.73 -0.86 7.87
C ASN A 56 -10.86 -0.27 6.76
N THR A 57 -9.55 -0.29 6.95
CA THR A 57 -8.62 0.23 5.98
C THR A 57 -7.79 -0.88 5.34
N PHE A 58 -7.54 -1.93 6.12
CA PHE A 58 -6.76 -3.08 5.65
C PHE A 58 -7.52 -3.86 4.58
N PRO A 59 -8.83 -4.08 4.76
CA PRO A 59 -9.67 -4.83 3.82
C PRO A 59 -10.20 -3.97 2.68
N ASN A 60 -10.24 -2.65 2.89
CA ASN A 60 -10.74 -1.74 1.86
C ASN A 60 -9.62 -0.91 1.24
N PHE A 61 -8.45 -0.91 1.86
CA PHE A 61 -7.31 -0.15 1.35
C PHE A 61 -7.67 1.34 1.35
N THR A 62 -8.32 1.78 2.41
CA THR A 62 -8.75 3.16 2.55
C THR A 62 -7.56 4.12 2.43
N PHE A 63 -6.54 3.90 3.25
CA PHE A 63 -5.33 4.74 3.25
C PHE A 63 -5.65 6.13 3.81
N GLU A 64 -6.62 6.80 3.21
CA GLU A 64 -7.03 8.13 3.65
C GLU A 64 -8.30 8.57 2.92
N ASP A 65 -9.17 7.61 2.61
CA ASP A 65 -10.42 7.92 1.92
C ASP A 65 -11.29 8.87 2.73
N PRO A 66 -11.70 8.45 3.94
CA PRO A 66 -12.54 9.27 4.82
C PRO A 66 -11.82 10.50 5.34
N LYS A 67 -10.61 10.31 5.87
CA LYS A 67 -9.82 11.40 6.41
C LYS A 67 -9.39 12.36 5.30
N PHE A 68 -9.05 11.81 4.14
CA PHE A 68 -8.64 12.61 3.01
C PHE A 68 -7.39 13.43 3.35
N GLU A 69 -6.62 12.96 4.32
CA GLU A 69 -5.40 13.65 4.74
C GLU A 69 -5.70 15.09 5.14
N VAL A 70 -6.90 15.32 5.65
CA VAL A 70 -7.31 16.65 6.07
C VAL A 70 -8.44 16.59 7.10
N VAL A 71 -8.17 15.96 8.23
CA VAL A 71 -9.16 15.83 9.30
C VAL A 71 -9.09 17.00 10.26
N GLU A 72 -7.88 17.48 10.52
CA GLU A 72 -7.69 18.62 11.42
C GLU A 72 -8.20 18.29 12.82
N LYS A 73 -8.12 17.02 13.19
CA LYS A 73 -8.59 16.58 14.50
C LYS A 73 -8.31 15.09 14.71
N PRO A 74 -7.04 14.74 15.01
CA PRO A 74 -6.65 13.34 15.23
C PRO A 74 -7.22 12.77 16.52
N GLN A 75 -7.46 13.65 17.50
CA GLN A 75 -8.00 13.24 18.79
C GLN A 75 -9.00 14.28 19.31
N SER A 76 -8.58 15.54 19.28
CA SER A 76 -9.44 16.62 19.76
C SER A 76 -8.94 17.97 19.26
N ASN A 1 7.76 -13.04 13.42
CA ASN A 1 9.03 -13.78 13.16
C ASN A 1 9.62 -13.40 11.81
N LYS A 2 10.94 -13.41 11.72
CA LYS A 2 11.63 -13.07 10.48
C LYS A 2 11.48 -11.59 10.16
N GLU A 3 10.26 -11.18 9.84
CA GLU A 3 9.97 -9.78 9.51
C GLU A 3 8.55 -9.41 9.89
N LEU A 4 7.60 -10.21 9.42
CA LEU A 4 6.18 -9.97 9.71
C LEU A 4 5.45 -11.28 9.98
N ASP A 5 5.11 -11.99 8.92
CA ASP A 5 4.40 -13.27 9.04
C ASP A 5 4.05 -13.83 7.66
N PRO A 6 3.48 -15.03 7.61
CA PRO A 6 3.11 -15.67 6.34
C PRO A 6 1.76 -15.17 5.81
N VAL A 7 1.57 -13.85 5.82
CA VAL A 7 0.34 -13.25 5.35
C VAL A 7 0.51 -11.76 5.10
N GLN A 8 1.19 -11.08 6.03
CA GLN A 8 1.42 -9.65 5.91
C GLN A 8 2.15 -9.33 4.60
N LYS A 9 2.96 -10.27 4.14
CA LYS A 9 3.72 -10.08 2.91
C LYS A 9 2.79 -10.06 1.69
N LEU A 10 1.56 -10.53 1.88
CA LEU A 10 0.58 -10.58 0.80
C LEU A 10 -0.04 -9.19 0.58
N PHE A 11 -0.25 -8.46 1.67
CA PHE A 11 -0.83 -7.13 1.57
C PHE A 11 0.23 -6.14 1.09
N VAL A 12 1.43 -6.30 1.61
CA VAL A 12 2.54 -5.43 1.23
C VAL A 12 2.92 -5.62 -0.23
N ASP A 13 2.55 -6.77 -0.79
CA ASP A 13 2.86 -7.06 -2.19
C ASP A 13 1.65 -6.86 -3.10
N LYS A 14 0.59 -6.25 -2.56
CA LYS A 14 -0.59 -5.96 -3.33
C LYS A 14 -0.80 -4.46 -3.29
N ILE A 15 -0.27 -3.86 -2.22
CA ILE A 15 -0.34 -2.44 -2.05
C ILE A 15 0.76 -1.77 -2.87
N ARG A 16 1.95 -2.33 -2.83
CA ARG A 16 3.03 -1.77 -3.62
C ARG A 16 2.62 -1.74 -5.09
N GLU A 17 2.00 -2.83 -5.51
CA GLU A 17 1.53 -3.00 -6.87
C GLU A 17 0.71 -1.79 -7.34
N TYR A 18 -0.22 -1.36 -6.51
CA TYR A 18 -1.07 -0.23 -6.87
C TYR A 18 -0.24 0.99 -7.26
N ARG A 19 0.96 1.11 -6.69
CA ARG A 19 1.85 2.22 -6.99
C ARG A 19 2.80 1.82 -8.11
N THR A 20 2.94 0.53 -8.29
CA THR A 20 3.82 -0.03 -9.31
C THR A 20 3.09 -0.10 -10.64
N LYS A 21 1.77 -0.24 -10.60
CA LYS A 21 0.97 -0.30 -11.80
C LYS A 21 0.75 1.09 -12.37
N ARG A 22 0.79 2.10 -11.48
CA ARG A 22 0.60 3.48 -11.88
C ARG A 22 1.91 4.09 -12.37
N GLN A 23 2.99 3.83 -11.62
CA GLN A 23 4.31 4.35 -11.97
C GLN A 23 4.26 5.84 -12.28
N THR A 24 3.76 6.62 -11.32
CA THR A 24 3.66 8.06 -11.49
C THR A 24 5.03 8.68 -11.76
N SER A 25 6.06 8.07 -11.21
CA SER A 25 7.43 8.56 -11.39
C SER A 25 8.16 7.74 -12.45
N GLY A 26 9.45 8.02 -12.63
CA GLY A 26 10.25 7.30 -13.60
C GLY A 26 11.15 6.27 -12.97
N GLY A 27 11.54 6.52 -11.72
CA GLY A 27 12.41 5.60 -11.02
C GLY A 27 12.08 5.49 -9.54
N PRO A 28 11.24 4.51 -9.16
CA PRO A 28 10.85 4.31 -7.75
C PRO A 28 12.05 4.25 -6.82
N VAL A 29 12.06 5.14 -5.82
CA VAL A 29 13.14 5.20 -4.84
C VAL A 29 14.51 4.97 -5.49
N ASP A 30 15.50 4.57 -4.70
CA ASP A 30 16.85 4.31 -5.21
C ASP A 30 16.80 3.52 -6.50
N ALA A 31 15.76 2.69 -6.65
CA ALA A 31 15.58 1.88 -7.84
C ALA A 31 16.75 0.91 -8.02
N GLY A 32 17.41 0.57 -6.92
CA GLY A 32 18.52 -0.35 -6.99
C GLY A 32 18.07 -1.77 -7.27
N PRO A 33 18.99 -2.76 -7.20
CA PRO A 33 18.65 -4.15 -7.45
C PRO A 33 17.98 -4.83 -6.27
N GLU A 34 17.77 -4.08 -5.20
CA GLU A 34 17.13 -4.62 -4.01
C GLU A 34 16.40 -3.53 -3.24
N TYR A 35 16.01 -2.49 -3.97
CA TYR A 35 15.27 -1.38 -3.39
C TYR A 35 13.94 -1.86 -2.82
N GLN A 36 13.58 -3.13 -3.09
CA GLN A 36 12.32 -3.69 -2.63
C GLN A 36 12.03 -3.29 -1.19
N GLN A 37 13.10 -3.05 -0.43
CA GLN A 37 12.96 -2.66 0.96
C GLN A 37 12.71 -1.15 1.10
N ASP A 38 12.62 -0.45 -0.03
CA ASP A 38 12.37 0.99 -0.01
C ASP A 38 10.93 1.28 -0.40
N LEU A 39 10.37 0.41 -1.23
CA LEU A 39 8.99 0.57 -1.67
C LEU A 39 8.04 -0.05 -0.66
N ASP A 40 8.54 -1.02 0.10
CA ASP A 40 7.73 -1.69 1.11
C ASP A 40 7.66 -0.85 2.39
N ARG A 41 8.71 -0.07 2.64
CA ARG A 41 8.76 0.78 3.82
C ARG A 41 7.83 1.97 3.67
N GLU A 42 7.69 2.45 2.44
CA GLU A 42 6.81 3.59 2.16
C GLU A 42 5.36 3.19 2.34
N LEU A 43 4.99 2.02 1.83
CA LEU A 43 3.63 1.53 1.97
C LEU A 43 3.37 1.16 3.41
N PHE A 44 4.31 0.44 3.99
CA PHE A 44 4.22 0.02 5.38
C PHE A 44 4.04 1.25 6.29
N LYS A 45 4.48 2.41 5.81
CA LYS A 45 4.36 3.63 6.58
C LYS A 45 2.92 4.14 6.57
N LEU A 46 2.08 3.56 5.70
CA LEU A 46 0.68 3.97 5.62
C LEU A 46 -0.11 3.36 6.77
N LYS A 47 0.16 2.09 7.07
CA LYS A 47 -0.54 1.41 8.15
C LYS A 47 -0.35 2.17 9.46
N GLN A 48 0.76 2.91 9.56
CA GLN A 48 1.06 3.69 10.75
C GLN A 48 0.15 4.92 10.82
N MET A 49 0.08 5.65 9.72
CA MET A 49 -0.75 6.85 9.65
C MET A 49 -2.22 6.48 9.82
N TYR A 50 -2.58 5.30 9.34
CA TYR A 50 -3.95 4.81 9.45
C TYR A 50 -4.20 4.18 10.80
N GLY A 51 -3.11 3.76 11.46
CA GLY A 51 -3.24 3.15 12.77
C GLY A 51 -3.25 4.17 13.88
N LYS A 52 -2.67 5.34 13.62
CA LYS A 52 -2.62 6.41 14.60
C LYS A 52 -3.72 7.44 14.34
N ALA A 53 -4.07 7.61 13.07
CA ALA A 53 -5.11 8.56 12.70
C ALA A 53 -6.50 7.95 12.87
N ASP A 54 -6.58 6.63 12.78
CA ASP A 54 -7.85 5.92 12.92
C ASP A 54 -8.80 6.28 11.79
N MET A 55 -8.29 6.26 10.57
CA MET A 55 -9.09 6.59 9.40
C MET A 55 -9.66 8.00 9.49
N ASN A 56 -8.86 8.92 10.03
CA ASN A 56 -9.29 10.30 10.19
C ASN A 56 -8.60 11.20 9.15
N THR A 57 -8.62 10.76 7.90
CA THR A 57 -8.00 11.51 6.82
C THR A 57 -8.46 10.99 5.46
N PHE A 58 -8.53 9.66 5.32
CA PHE A 58 -8.96 9.05 4.07
C PHE A 58 -10.17 8.14 4.30
N PRO A 59 -10.85 7.74 3.21
CA PRO A 59 -12.03 6.88 3.29
C PRO A 59 -11.68 5.46 3.71
N ASN A 60 -11.10 5.33 4.91
CA ASN A 60 -10.71 4.02 5.44
C ASN A 60 -9.87 3.25 4.44
N PHE A 61 -8.96 3.95 3.76
CA PHE A 61 -8.07 3.33 2.79
C PHE A 61 -8.88 2.78 1.61
N THR A 62 -8.89 3.51 0.51
CA THR A 62 -9.63 3.09 -0.68
C THR A 62 -9.40 4.06 -1.84
N PHE A 63 -8.21 4.65 -1.88
CA PHE A 63 -7.87 5.59 -2.93
C PHE A 63 -7.95 4.92 -4.31
N GLU A 64 -7.88 3.60 -4.32
CA GLU A 64 -7.95 2.84 -5.57
C GLU A 64 -9.39 2.60 -6.00
N ASP A 65 -10.33 2.88 -5.10
CA ASP A 65 -11.76 2.69 -5.39
C ASP A 65 -12.27 3.76 -6.37
N PRO A 66 -12.07 5.04 -6.04
CA PRO A 66 -12.52 6.16 -6.88
C PRO A 66 -12.19 5.97 -8.35
N LYS A 67 -11.09 5.29 -8.62
CA LYS A 67 -10.69 5.04 -9.99
C LYS A 67 -11.69 4.10 -10.67
N PHE A 68 -12.74 3.72 -9.93
CA PHE A 68 -13.76 2.83 -10.47
C PHE A 68 -14.34 3.39 -11.77
N GLU A 69 -14.63 4.69 -11.77
CA GLU A 69 -15.20 5.35 -12.94
C GLU A 69 -15.41 6.84 -12.68
N VAL A 70 -14.31 7.60 -12.69
CA VAL A 70 -14.37 9.04 -12.46
C VAL A 70 -12.99 9.68 -12.55
N VAL A 71 -12.32 9.45 -13.67
CA VAL A 71 -10.99 9.99 -13.90
C VAL A 71 -10.70 10.15 -15.39
N GLU A 72 -11.58 10.84 -16.09
CA GLU A 72 -11.43 11.06 -17.52
C GLU A 72 -11.24 12.55 -17.83
N LYS A 73 -12.02 13.39 -17.17
CA LYS A 73 -11.94 14.83 -17.36
C LYS A 73 -11.27 15.51 -16.17
N PRO A 74 -9.93 15.44 -16.08
CA PRO A 74 -9.18 16.05 -14.98
C PRO A 74 -9.20 17.58 -15.05
N GLN A 75 -8.36 18.20 -14.22
CA GLN A 75 -8.28 19.66 -14.19
C GLN A 75 -9.61 20.27 -13.80
N SER A 76 -9.76 20.57 -12.51
CA SER A 76 -11.00 21.16 -12.00
C SER A 76 -10.69 22.21 -10.93
N ASN A 1 3.02 -13.65 15.78
CA ASN A 1 2.39 -12.97 16.94
C ASN A 1 3.21 -11.76 17.38
N LYS A 2 4.52 -11.83 17.19
CA LYS A 2 5.41 -10.74 17.57
C LYS A 2 6.38 -10.41 16.44
N GLU A 3 5.92 -10.60 15.20
CA GLU A 3 6.75 -10.34 14.03
C GLU A 3 5.95 -10.61 12.76
N LEU A 4 5.48 -9.54 12.12
CA LEU A 4 4.70 -9.66 10.91
C LEU A 4 3.36 -10.31 11.21
N ASP A 5 2.31 -9.50 11.23
CA ASP A 5 0.96 -9.99 11.51
C ASP A 5 0.54 -10.99 10.45
N PRO A 6 -0.24 -12.02 10.84
CA PRO A 6 -0.70 -13.05 9.90
C PRO A 6 -1.71 -12.51 8.88
N VAL A 7 -1.29 -11.50 8.13
CA VAL A 7 -2.14 -10.89 7.12
C VAL A 7 -1.46 -9.67 6.50
N GLN A 8 -0.98 -8.76 7.35
CA GLN A 8 -0.31 -7.55 6.89
C GLN A 8 0.75 -7.89 5.84
N LYS A 9 1.34 -9.08 5.99
CA LYS A 9 2.36 -9.53 5.05
C LYS A 9 1.81 -9.56 3.64
N LEU A 10 0.63 -10.13 3.47
CA LEU A 10 -0.01 -10.20 2.17
C LEU A 10 -0.30 -8.79 1.66
N PHE A 11 -0.54 -7.88 2.60
CA PHE A 11 -0.82 -6.49 2.28
C PHE A 11 0.38 -5.85 1.59
N VAL A 12 1.55 -5.97 2.22
CA VAL A 12 2.76 -5.40 1.65
C VAL A 12 2.99 -5.89 0.23
N ASP A 13 2.42 -7.05 -0.10
CA ASP A 13 2.55 -7.61 -1.43
C ASP A 13 1.36 -7.23 -2.31
N LYS A 14 0.54 -6.29 -1.83
CA LYS A 14 -0.61 -5.83 -2.57
C LYS A 14 -0.44 -4.36 -2.86
N ILE A 15 0.12 -3.65 -1.89
CA ILE A 15 0.39 -2.24 -2.07
C ILE A 15 1.66 -2.06 -2.90
N ARG A 16 2.38 -3.16 -3.11
CA ARG A 16 3.57 -3.10 -3.94
C ARG A 16 3.18 -3.40 -5.38
N GLU A 17 1.86 -3.60 -5.60
CA GLU A 17 1.36 -3.91 -6.92
C GLU A 17 0.56 -2.73 -7.49
N TYR A 18 0.05 -1.88 -6.61
CA TYR A 18 -0.71 -0.71 -7.03
C TYR A 18 0.19 0.53 -7.02
N ARG A 19 1.22 0.51 -6.17
CA ARG A 19 2.16 1.62 -6.09
C ARG A 19 3.19 1.47 -7.18
N THR A 20 3.48 0.22 -7.51
CA THR A 20 4.43 -0.11 -8.55
C THR A 20 4.00 0.53 -9.87
N LYS A 21 2.69 0.51 -10.12
CA LYS A 21 2.15 1.09 -11.35
C LYS A 21 2.54 2.55 -11.49
N ARG A 22 2.81 3.20 -10.35
CA ARG A 22 3.21 4.59 -10.34
C ARG A 22 4.67 4.74 -9.94
N GLN A 23 5.45 3.70 -10.17
CA GLN A 23 6.87 3.71 -9.83
C GLN A 23 7.71 4.37 -10.93
N THR A 24 7.22 4.27 -12.17
CA THR A 24 7.91 4.85 -13.31
C THR A 24 7.88 6.37 -13.27
N SER A 25 6.67 6.93 -13.30
CA SER A 25 6.49 8.37 -13.26
C SER A 25 6.52 8.89 -11.83
N GLY A 26 7.38 9.86 -11.57
CA GLY A 26 7.48 10.42 -10.24
C GLY A 26 7.82 9.38 -9.18
N GLY A 27 9.11 9.28 -8.86
CA GLY A 27 9.54 8.31 -7.87
C GLY A 27 10.72 8.81 -7.05
N PRO A 28 10.71 8.59 -5.72
CA PRO A 28 11.81 9.04 -4.85
C PRO A 28 13.14 8.38 -5.22
N VAL A 29 13.31 7.12 -4.85
CA VAL A 29 14.54 6.39 -5.14
C VAL A 29 14.67 6.14 -6.64
N ASP A 30 15.87 5.75 -7.07
CA ASP A 30 16.13 5.48 -8.49
C ASP A 30 14.94 4.75 -9.12
N ALA A 31 14.26 3.94 -8.31
CA ALA A 31 13.09 3.21 -8.77
C ALA A 31 13.48 2.22 -9.86
N GLY A 32 14.54 1.46 -9.61
CA GLY A 32 15.00 0.47 -10.58
C GLY A 32 15.94 -0.55 -9.98
N PRO A 33 17.11 -0.11 -9.47
CA PRO A 33 18.10 -1.03 -8.90
C PRO A 33 17.71 -1.58 -7.54
N GLU A 34 16.91 -2.64 -7.57
CA GLU A 34 16.44 -3.30 -6.36
C GLU A 34 16.00 -2.31 -5.31
N TYR A 35 15.56 -1.15 -5.77
CA TYR A 35 15.06 -0.11 -4.90
C TYR A 35 13.81 -0.62 -4.18
N GLN A 36 13.34 -1.79 -4.60
CA GLN A 36 12.12 -2.39 -4.02
C GLN A 36 12.10 -2.21 -2.51
N GLN A 37 13.27 -2.16 -1.91
CA GLN A 37 13.39 -1.99 -0.48
C GLN A 37 12.89 -0.61 -0.04
N ASP A 38 12.79 0.32 -1.00
CA ASP A 38 12.31 1.66 -0.69
C ASP A 38 10.80 1.71 -0.76
N LEU A 39 10.22 0.88 -1.63
CA LEU A 39 8.78 0.82 -1.78
C LEU A 39 8.15 0.12 -0.59
N ASP A 40 8.81 -0.93 -0.11
CA ASP A 40 8.31 -1.68 1.03
C ASP A 40 8.24 -0.79 2.27
N ARG A 41 9.19 0.14 2.36
CA ARG A 41 9.23 1.06 3.49
C ARG A 41 8.01 1.98 3.46
N GLU A 42 7.82 2.67 2.35
CA GLU A 42 6.68 3.56 2.19
C GLU A 42 5.38 2.76 2.24
N LEU A 43 5.45 1.51 1.80
CA LEU A 43 4.29 0.63 1.80
C LEU A 43 3.97 0.18 3.21
N PHE A 44 4.99 -0.25 3.94
CA PHE A 44 4.81 -0.70 5.31
C PHE A 44 4.39 0.47 6.20
N LYS A 45 4.82 1.67 5.84
CA LYS A 45 4.46 2.87 6.58
C LYS A 45 2.97 3.12 6.52
N LEU A 46 2.35 2.73 5.41
CA LEU A 46 0.91 2.91 5.22
C LEU A 46 0.14 2.19 6.31
N LYS A 47 0.48 0.91 6.52
CA LYS A 47 -0.20 0.11 7.53
C LYS A 47 -0.23 0.83 8.88
N GLN A 48 0.77 1.66 9.13
CA GLN A 48 0.84 2.41 10.38
C GLN A 48 -0.11 3.61 10.34
N MET A 49 -0.25 4.21 9.17
CA MET A 49 -1.13 5.35 9.00
C MET A 49 -2.58 4.89 8.94
N TYR A 50 -2.80 3.75 8.29
CA TYR A 50 -4.14 3.20 8.17
C TYR A 50 -4.65 2.73 9.53
N GLY A 51 -3.74 2.31 10.40
CA GLY A 51 -4.12 1.85 11.72
C GLY A 51 -4.65 2.97 12.58
N LYS A 52 -4.17 4.18 12.35
CA LYS A 52 -4.60 5.34 13.11
C LYS A 52 -5.83 5.99 12.48
N ALA A 53 -5.94 5.88 11.16
CA ALA A 53 -7.06 6.46 10.44
C ALA A 53 -8.30 5.59 10.57
N ASP A 54 -8.32 4.45 9.87
CA ASP A 54 -9.45 3.54 9.92
C ASP A 54 -9.15 2.26 9.12
N MET A 55 -8.52 2.43 7.96
CA MET A 55 -8.19 1.30 7.11
C MET A 55 -9.45 0.58 6.65
N ASN A 56 -10.45 1.34 6.25
CA ASN A 56 -11.71 0.78 5.79
C ASN A 56 -12.60 1.86 5.19
N THR A 57 -11.99 2.83 4.53
CA THR A 57 -12.72 3.92 3.91
C THR A 57 -12.23 4.19 2.50
N PHE A 58 -10.91 4.24 2.34
CA PHE A 58 -10.30 4.48 1.03
C PHE A 58 -10.24 3.19 0.21
N PRO A 59 -11.04 3.09 -0.87
CA PRO A 59 -11.06 1.91 -1.74
C PRO A 59 -9.83 1.83 -2.64
N ASN A 60 -9.03 2.89 -2.67
CA ASN A 60 -7.84 2.92 -3.50
C ASN A 60 -6.84 1.87 -3.05
N PHE A 61 -6.82 1.59 -1.75
CA PHE A 61 -5.92 0.60 -1.18
C PHE A 61 -6.63 -0.74 -0.98
N THR A 62 -7.95 -0.71 -0.91
CA THR A 62 -8.74 -1.91 -0.70
C THR A 62 -8.39 -2.99 -1.73
N PHE A 63 -8.02 -2.56 -2.94
CA PHE A 63 -7.66 -3.49 -4.00
C PHE A 63 -8.68 -4.62 -4.10
N GLU A 64 -9.96 -4.27 -3.93
CA GLU A 64 -11.04 -5.23 -3.99
C GLU A 64 -11.02 -6.14 -2.77
N ASP A 65 -10.62 -5.58 -1.62
CA ASP A 65 -10.56 -6.34 -0.38
C ASP A 65 -11.96 -6.57 0.19
N PRO A 66 -12.09 -7.51 1.14
CA PRO A 66 -13.36 -7.85 1.79
C PRO A 66 -14.23 -6.63 2.07
N LYS A 67 -13.59 -5.48 2.24
CA LYS A 67 -14.32 -4.25 2.48
C LYS A 67 -15.29 -3.97 1.32
N PHE A 68 -15.21 -4.79 0.27
CA PHE A 68 -16.09 -4.62 -0.89
C PHE A 68 -17.55 -4.83 -0.49
N GLU A 69 -17.77 -5.60 0.58
CA GLU A 69 -19.12 -5.87 1.05
C GLU A 69 -19.08 -6.74 2.30
N VAL A 70 -19.20 -6.11 3.46
CA VAL A 70 -19.19 -6.82 4.73
C VAL A 70 -19.55 -5.89 5.89
N VAL A 71 -20.64 -5.15 5.74
CA VAL A 71 -21.09 -4.23 6.77
C VAL A 71 -22.61 -4.05 6.71
N GLU A 72 -23.31 -5.06 6.21
CA GLU A 72 -24.76 -5.02 6.11
C GLU A 72 -25.22 -3.79 5.33
N LYS A 73 -24.38 -3.31 4.43
CA LYS A 73 -24.69 -2.14 3.62
C LYS A 73 -23.58 -1.84 2.62
N PRO A 74 -23.64 -2.46 1.43
CA PRO A 74 -22.63 -2.26 0.39
C PRO A 74 -22.38 -0.78 0.10
N GLN A 75 -23.39 0.05 0.34
CA GLN A 75 -23.28 1.49 0.11
C GLN A 75 -22.20 2.10 1.00
N SER A 76 -22.27 1.81 2.29
CA SER A 76 -21.29 2.33 3.25
C SER A 76 -21.35 1.55 4.56
N ASN A 1 6.92 -10.12 8.96
CA ASN A 1 6.84 -11.39 8.17
C ASN A 1 6.87 -12.61 9.08
N LYS A 2 7.54 -12.47 10.21
CA LYS A 2 7.65 -13.57 11.17
C LYS A 2 6.43 -13.63 12.07
N GLU A 3 5.85 -12.46 12.36
CA GLU A 3 4.67 -12.38 13.21
C GLU A 3 4.09 -10.96 13.20
N LEU A 4 3.06 -10.76 12.38
CA LEU A 4 2.41 -9.46 12.27
C LEU A 4 0.90 -9.61 12.31
N ASP A 5 0.36 -10.41 11.40
CA ASP A 5 -1.08 -10.64 11.31
C ASP A 5 -1.43 -11.33 9.99
N PRO A 6 -2.51 -12.13 9.98
CA PRO A 6 -2.93 -12.84 8.77
C PRO A 6 -3.64 -11.93 7.78
N VAL A 7 -2.95 -10.88 7.35
CA VAL A 7 -3.52 -9.92 6.40
C VAL A 7 -2.51 -8.82 6.06
N GLN A 8 -1.87 -8.27 7.08
CA GLN A 8 -0.89 -7.20 6.88
C GLN A 8 0.24 -7.68 5.98
N LYS A 9 0.55 -8.97 6.06
CA LYS A 9 1.62 -9.55 5.25
C LYS A 9 1.20 -9.63 3.79
N LEU A 10 0.00 -10.15 3.55
CA LEU A 10 -0.51 -10.27 2.19
C LEU A 10 -0.70 -8.89 1.58
N PHE A 11 -1.02 -7.92 2.41
CA PHE A 11 -1.22 -6.55 1.96
C PHE A 11 0.09 -5.98 1.41
N VAL A 12 1.17 -6.19 2.15
CA VAL A 12 2.48 -5.70 1.73
C VAL A 12 2.80 -6.18 0.31
N ASP A 13 2.19 -7.31 -0.07
CA ASP A 13 2.39 -7.86 -1.40
C ASP A 13 1.32 -7.38 -2.36
N LYS A 14 0.59 -6.34 -1.96
CA LYS A 14 -0.46 -5.77 -2.80
C LYS A 14 -0.09 -4.34 -3.10
N ILE A 15 0.45 -3.65 -2.09
CA ILE A 15 0.88 -2.29 -2.28
C ILE A 15 2.18 -2.27 -3.09
N ARG A 16 2.85 -3.41 -3.14
CA ARG A 16 4.06 -3.50 -3.92
C ARG A 16 3.72 -3.93 -5.34
N GLU A 17 2.42 -4.02 -5.62
CA GLU A 17 1.94 -4.43 -6.93
C GLU A 17 1.23 -3.27 -7.64
N TYR A 18 0.73 -2.33 -6.87
CA TYR A 18 0.04 -1.16 -7.41
C TYR A 18 1.01 0.03 -7.49
N ARG A 19 2.00 0.05 -6.59
CA ARG A 19 2.99 1.12 -6.57
C ARG A 19 4.07 0.81 -7.59
N THR A 20 4.29 -0.48 -7.79
CA THR A 20 5.28 -0.95 -8.75
C THR A 20 4.91 -0.47 -10.15
N LYS A 21 3.62 -0.46 -10.45
CA LYS A 21 3.14 -0.03 -11.76
C LYS A 21 3.58 1.40 -12.06
N ARG A 22 3.70 2.20 -11.00
CA ARG A 22 4.12 3.59 -11.14
C ARG A 22 5.63 3.70 -11.25
N GLN A 23 6.33 3.18 -10.25
CA GLN A 23 7.80 3.22 -10.21
C GLN A 23 8.33 4.58 -10.63
N THR A 24 7.56 5.63 -10.35
CA THR A 24 7.95 7.00 -10.69
C THR A 24 7.11 8.02 -9.93
N SER A 25 7.53 8.35 -8.72
CA SER A 25 6.82 9.31 -7.90
C SER A 25 7.57 10.63 -7.81
N GLY A 26 7.12 11.51 -6.92
CA GLY A 26 7.76 12.80 -6.76
C GLY A 26 8.63 12.87 -5.52
N GLY A 27 9.14 11.72 -5.08
CA GLY A 27 9.98 11.68 -3.91
C GLY A 27 10.51 10.29 -3.61
N PRO A 28 9.85 9.54 -2.70
CA PRO A 28 10.26 8.19 -2.34
C PRO A 28 10.56 7.32 -3.55
N VAL A 29 9.55 7.07 -4.37
CA VAL A 29 9.74 6.25 -5.56
C VAL A 29 10.68 6.93 -6.55
N ASP A 30 10.69 8.25 -6.52
CA ASP A 30 11.60 9.01 -7.39
C ASP A 30 13.04 8.72 -6.99
N ALA A 31 13.20 8.19 -5.77
CA ALA A 31 14.52 7.86 -5.24
C ALA A 31 15.17 6.75 -6.07
N GLY A 32 14.38 5.77 -6.47
CA GLY A 32 14.90 4.67 -7.26
C GLY A 32 13.81 3.75 -7.76
N PRO A 33 14.02 3.08 -8.91
CA PRO A 33 13.03 2.18 -9.50
C PRO A 33 13.14 0.76 -8.97
N GLU A 34 14.37 0.27 -8.81
CA GLU A 34 14.59 -1.08 -8.30
C GLU A 34 14.90 -1.07 -6.81
N TYR A 35 14.40 -0.02 -6.18
CA TYR A 35 14.53 0.20 -4.74
C TYR A 35 13.36 -0.48 -4.03
N GLN A 36 12.88 -1.59 -4.61
CA GLN A 36 11.74 -2.32 -4.07
C GLN A 36 11.75 -2.38 -2.55
N GLN A 37 12.95 -2.32 -1.99
CA GLN A 37 13.10 -2.36 -0.54
C GLN A 37 12.76 -1.00 0.07
N ASP A 38 13.02 0.07 -0.67
CA ASP A 38 12.72 1.41 -0.22
C ASP A 38 11.23 1.68 -0.36
N LEU A 39 10.65 1.17 -1.44
CA LEU A 39 9.21 1.34 -1.69
C LEU A 39 8.41 0.69 -0.58
N ASP A 40 8.87 -0.48 -0.15
CA ASP A 40 8.20 -1.22 0.90
C ASP A 40 8.16 -0.41 2.19
N ARG A 41 9.15 0.45 2.38
CA ARG A 41 9.22 1.30 3.56
C ARG A 41 8.14 2.37 3.51
N GLU A 42 7.82 2.82 2.30
CA GLU A 42 6.78 3.84 2.12
C GLU A 42 5.40 3.22 2.31
N LEU A 43 5.18 2.05 1.70
CA LEU A 43 3.92 1.36 1.81
C LEU A 43 3.71 0.86 3.23
N PHE A 44 4.81 0.49 3.88
CA PHE A 44 4.76 0.00 5.26
C PHE A 44 4.27 1.10 6.19
N LYS A 45 4.58 2.35 5.84
CA LYS A 45 4.17 3.48 6.65
C LYS A 45 2.65 3.55 6.77
N LEU A 46 1.97 3.10 5.73
CA LEU A 46 0.51 3.10 5.72
C LEU A 46 -0.05 2.27 6.87
N LYS A 47 0.42 1.03 6.98
CA LYS A 47 -0.03 0.12 8.03
C LYS A 47 0.11 0.78 9.41
N GLN A 48 1.05 1.70 9.54
CA GLN A 48 1.27 2.40 10.80
C GLN A 48 0.24 3.50 11.01
N MET A 49 -0.17 4.13 9.92
CA MET A 49 -1.16 5.20 9.99
C MET A 49 -2.56 4.61 10.06
N TYR A 50 -2.72 3.43 9.45
CA TYR A 50 -4.01 2.75 9.44
C TYR A 50 -4.27 2.07 10.78
N GLY A 51 -3.20 1.70 11.47
CA GLY A 51 -3.33 1.04 12.75
C GLY A 51 -3.69 2.02 13.86
N LYS A 52 -3.33 3.28 13.67
CA LYS A 52 -3.62 4.31 14.66
C LYS A 52 -4.84 5.14 14.25
N ALA A 53 -5.03 5.29 12.94
CA ALA A 53 -6.16 6.05 12.42
C ALA A 53 -7.47 5.31 12.62
N ASP A 54 -7.74 4.35 11.74
CA ASP A 54 -8.97 3.56 11.82
C ASP A 54 -9.02 2.51 10.71
N MET A 55 -8.57 2.90 9.52
CA MET A 55 -8.57 1.99 8.37
C MET A 55 -9.98 1.56 8.02
N ASN A 56 -10.95 2.42 8.29
CA ASN A 56 -12.35 2.12 8.00
C ASN A 56 -12.99 3.27 7.22
N THR A 57 -12.19 3.94 6.40
CA THR A 57 -12.67 5.06 5.60
C THR A 57 -11.94 5.12 4.26
N PHE A 58 -10.63 4.98 4.31
CA PHE A 58 -9.81 5.02 3.10
C PHE A 58 -9.50 3.62 2.58
N PRO A 59 -10.14 3.19 1.48
CA PRO A 59 -9.94 1.87 0.89
C PRO A 59 -8.68 1.80 0.04
N ASN A 60 -7.55 2.25 0.59
CA ASN A 60 -6.29 2.23 -0.13
C ASN A 60 -5.90 0.81 -0.53
N PHE A 61 -6.50 -0.17 0.13
CA PHE A 61 -6.22 -1.58 -0.16
C PHE A 61 -7.24 -2.15 -1.15
N THR A 62 -7.63 -1.33 -2.12
CA THR A 62 -8.58 -1.74 -3.13
C THR A 62 -7.89 -2.52 -4.24
N PHE A 63 -7.26 -3.63 -3.85
CA PHE A 63 -6.53 -4.49 -4.79
C PHE A 63 -7.22 -4.55 -6.15
N GLU A 64 -8.55 -4.50 -6.14
CA GLU A 64 -9.32 -4.53 -7.38
C GLU A 64 -10.80 -4.32 -7.09
N ASP A 65 -11.10 -3.28 -6.32
CA ASP A 65 -12.49 -2.97 -5.97
C ASP A 65 -12.98 -1.76 -6.77
N PRO A 66 -14.30 -1.48 -6.73
CA PRO A 66 -14.89 -0.35 -7.45
C PRO A 66 -14.29 0.99 -7.05
N LYS A 67 -13.56 1.02 -5.94
CA LYS A 67 -12.93 2.24 -5.47
C LYS A 67 -12.00 2.85 -6.51
N PHE A 68 -11.69 2.07 -7.55
CA PHE A 68 -10.80 2.55 -8.62
C PHE A 68 -11.59 3.24 -9.73
N GLU A 69 -12.78 3.72 -9.40
CA GLU A 69 -13.64 4.40 -10.38
C GLU A 69 -14.29 3.40 -11.32
N VAL A 70 -15.60 3.28 -11.22
CA VAL A 70 -16.35 2.36 -12.07
C VAL A 70 -17.85 2.44 -11.77
N VAL A 71 -18.18 2.57 -10.49
CA VAL A 71 -19.58 2.67 -10.07
C VAL A 71 -19.69 3.24 -8.67
N GLU A 72 -18.96 4.32 -8.42
CA GLU A 72 -18.96 4.98 -7.11
C GLU A 72 -20.30 5.66 -6.85
N LYS A 73 -20.99 6.06 -7.93
CA LYS A 73 -22.28 6.72 -7.81
C LYS A 73 -23.24 5.92 -6.93
N PRO A 74 -23.50 6.39 -5.70
CA PRO A 74 -24.41 5.70 -4.78
C PRO A 74 -25.87 5.82 -5.19
N GLN A 75 -26.77 5.44 -4.29
CA GLN A 75 -28.20 5.50 -4.57
C GLN A 75 -29.00 5.50 -3.27
N SER A 76 -28.43 6.08 -2.22
CA SER A 76 -29.09 6.15 -0.93
C SER A 76 -29.37 4.75 -0.39
N ASN A 1 14.28 -11.56 12.62
CA ASN A 1 13.08 -12.42 12.68
C ASN A 1 11.83 -11.60 13.03
N LYS A 2 10.68 -12.04 12.53
CA LYS A 2 9.42 -11.35 12.79
C LYS A 2 8.25 -12.32 12.70
N GLU A 3 8.01 -12.85 11.49
CA GLU A 3 6.92 -13.79 11.28
C GLU A 3 5.58 -13.14 11.60
N LEU A 4 5.17 -12.20 10.75
CA LEU A 4 3.89 -11.51 10.94
C LEU A 4 2.74 -12.49 11.08
N ASP A 5 2.49 -13.27 10.04
CA ASP A 5 1.41 -14.27 10.06
C ASP A 5 1.25 -14.89 8.67
N PRO A 6 0.42 -15.95 8.57
CA PRO A 6 0.17 -16.64 7.31
C PRO A 6 -0.94 -16.00 6.49
N VAL A 7 -1.00 -14.66 6.50
CA VAL A 7 -2.03 -13.95 5.76
C VAL A 7 -1.62 -12.49 5.53
N GLN A 8 -1.11 -11.86 6.57
CA GLN A 8 -0.68 -10.47 6.49
C GLN A 8 0.34 -10.28 5.36
N LYS A 9 1.16 -11.30 5.14
CA LYS A 9 2.17 -11.24 4.08
C LYS A 9 1.52 -11.04 2.72
N LEU A 10 0.28 -11.50 2.59
CA LEU A 10 -0.46 -11.37 1.34
C LEU A 10 -0.74 -9.91 1.02
N PHE A 11 -1.36 -9.21 1.95
CA PHE A 11 -1.69 -7.80 1.76
C PHE A 11 -0.43 -6.97 1.53
N VAL A 12 0.69 -7.43 2.08
CA VAL A 12 1.95 -6.74 1.92
C VAL A 12 2.55 -6.99 0.54
N ASP A 13 2.10 -8.06 -0.11
CA ASP A 13 2.59 -8.41 -1.44
C ASP A 13 1.63 -7.93 -2.52
N LYS A 14 0.59 -7.20 -2.12
CA LYS A 14 -0.36 -6.65 -3.08
C LYS A 14 -0.25 -5.15 -3.07
N ILE A 15 0.09 -4.61 -1.90
CA ILE A 15 0.27 -3.20 -1.75
C ILE A 15 1.60 -2.80 -2.38
N ARG A 16 2.45 -3.78 -2.64
CA ARG A 16 3.72 -3.50 -3.28
C ARG A 16 3.54 -3.54 -4.79
N GLU A 17 2.28 -3.74 -5.22
CA GLU A 17 1.96 -3.81 -6.64
C GLU A 17 1.15 -2.59 -7.08
N TYR A 18 0.46 -1.97 -6.13
CA TYR A 18 -0.34 -0.78 -6.41
C TYR A 18 0.45 0.48 -6.05
N ARG A 19 1.38 0.34 -5.10
CA ARG A 19 2.19 1.47 -4.68
C ARG A 19 3.37 1.61 -5.62
N THR A 20 3.80 0.47 -6.15
CA THR A 20 4.89 0.41 -7.11
C THR A 20 4.56 1.26 -8.33
N LYS A 21 3.29 1.26 -8.71
CA LYS A 21 2.84 2.04 -9.86
C LYS A 21 3.00 3.53 -9.61
N ARG A 22 2.46 4.00 -8.50
CA ARG A 22 2.54 5.41 -8.13
C ARG A 22 4.00 5.82 -7.91
N GLN A 23 4.83 4.87 -7.51
CA GLN A 23 6.25 5.15 -7.27
C GLN A 23 6.91 5.71 -8.52
N THR A 24 6.32 5.46 -9.69
CA THR A 24 6.87 5.96 -10.95
C THR A 24 7.11 7.46 -10.89
N SER A 25 8.36 7.85 -10.61
CA SER A 25 8.71 9.25 -10.53
C SER A 25 7.99 9.94 -9.38
N GLY A 26 8.74 10.60 -8.51
CA GLY A 26 8.15 11.29 -7.38
C GLY A 26 7.62 10.33 -6.33
N GLY A 27 8.48 9.92 -5.41
CA GLY A 27 8.07 9.01 -4.36
C GLY A 27 9.23 8.55 -3.50
N PRO A 28 9.24 7.26 -3.08
CA PRO A 28 10.32 6.72 -2.24
C PRO A 28 11.62 6.56 -3.01
N VAL A 29 12.60 7.40 -2.67
CA VAL A 29 13.92 7.37 -3.32
C VAL A 29 13.80 7.32 -4.84
N ASP A 30 14.94 7.32 -5.52
CA ASP A 30 14.95 7.26 -6.98
C ASP A 30 14.14 6.06 -7.45
N ALA A 31 14.18 5.00 -6.65
CA ALA A 31 13.44 3.79 -6.93
C ALA A 31 13.81 3.20 -8.28
N GLY A 32 15.11 3.26 -8.60
CA GLY A 32 15.57 2.71 -9.86
C GLY A 32 15.28 1.23 -9.95
N PRO A 33 15.96 0.49 -10.84
CA PRO A 33 15.74 -0.94 -10.99
C PRO A 33 16.58 -1.76 -10.01
N GLU A 34 16.58 -1.35 -8.74
CA GLU A 34 17.33 -2.07 -7.72
C GLU A 34 17.01 -1.56 -6.32
N TYR A 35 15.78 -1.81 -5.89
CA TYR A 35 15.33 -1.38 -4.56
C TYR A 35 14.48 -2.47 -3.91
N GLN A 36 13.26 -2.68 -4.41
CA GLN A 36 12.34 -3.68 -3.85
C GLN A 36 12.49 -3.78 -2.34
N GLN A 37 12.84 -2.65 -1.76
CA GLN A 37 13.03 -2.50 -0.33
C GLN A 37 12.70 -1.06 0.01
N ASP A 38 13.03 -0.18 -0.94
CA ASP A 38 12.72 1.22 -0.80
C ASP A 38 11.26 1.44 -1.17
N LEU A 39 10.65 0.44 -1.83
CA LEU A 39 9.25 0.54 -2.24
C LEU A 39 8.34 0.23 -1.06
N ASP A 40 8.79 -0.68 -0.19
CA ASP A 40 8.01 -1.06 0.99
C ASP A 40 7.98 0.07 2.00
N ARG A 41 8.97 0.97 1.91
CA ARG A 41 9.05 2.09 2.83
C ARG A 41 7.89 3.07 2.58
N GLU A 42 7.52 3.21 1.31
CA GLU A 42 6.43 4.11 0.95
C GLU A 42 5.08 3.50 1.37
N LEU A 43 4.91 2.22 1.08
CA LEU A 43 3.69 1.53 1.45
C LEU A 43 3.62 1.36 2.96
N PHE A 44 4.78 1.17 3.58
CA PHE A 44 4.86 1.02 5.02
C PHE A 44 4.35 2.29 5.70
N LYS A 45 4.43 3.42 5.00
CA LYS A 45 3.97 4.68 5.53
C LYS A 45 2.43 4.74 5.59
N LEU A 46 1.78 3.78 4.94
CA LEU A 46 0.32 3.74 4.92
C LEU A 46 -0.21 3.18 6.23
N LYS A 47 0.41 2.10 6.70
CA LYS A 47 0.00 1.47 7.95
C LYS A 47 0.05 2.49 9.09
N GLN A 48 0.94 3.47 8.96
CA GLN A 48 1.09 4.51 9.98
C GLN A 48 -0.11 5.46 9.94
N MET A 49 -0.43 5.94 8.73
CA MET A 49 -1.55 6.86 8.57
C MET A 49 -2.86 6.18 8.93
N TYR A 50 -2.93 4.88 8.67
CA TYR A 50 -4.12 4.10 8.98
C TYR A 50 -4.10 3.68 10.45
N GLY A 51 -2.92 3.68 11.05
CA GLY A 51 -2.79 3.31 12.45
C GLY A 51 -3.15 4.46 13.36
N LYS A 52 -2.98 5.69 12.88
CA LYS A 52 -3.29 6.87 13.66
C LYS A 52 -4.71 7.37 13.37
N ALA A 53 -5.44 6.64 12.53
CA ALA A 53 -6.80 7.02 12.18
C ALA A 53 -7.81 6.05 12.80
N ASP A 54 -7.37 4.83 13.08
CA ASP A 54 -8.23 3.82 13.67
C ASP A 54 -9.25 3.31 12.65
N MET A 55 -8.76 2.83 11.52
CA MET A 55 -9.62 2.31 10.45
C MET A 55 -10.82 3.22 10.20
N ASN A 56 -10.63 4.52 10.43
CA ASN A 56 -11.70 5.49 10.23
C ASN A 56 -11.65 6.06 8.82
N THR A 57 -10.46 6.09 8.23
CA THR A 57 -10.28 6.61 6.89
C THR A 57 -10.41 5.51 5.83
N PHE A 58 -10.52 4.26 6.28
CA PHE A 58 -10.65 3.13 5.38
C PHE A 58 -11.07 1.87 6.13
N PRO A 59 -11.41 0.79 5.39
CA PRO A 59 -11.84 -0.47 6.00
C PRO A 59 -10.88 -0.95 7.09
N ASN A 60 -9.62 -1.16 6.71
CA ASN A 60 -8.60 -1.63 7.65
C ASN A 60 -7.32 -1.99 6.90
N PHE A 61 -7.47 -2.44 5.66
CA PHE A 61 -6.32 -2.82 4.85
C PHE A 61 -6.75 -3.19 3.42
N THR A 62 -7.79 -2.52 2.94
CA THR A 62 -8.30 -2.78 1.59
C THR A 62 -7.39 -2.14 0.55
N PHE A 63 -7.06 -0.86 0.75
CA PHE A 63 -6.20 -0.14 -0.18
C PHE A 63 -6.93 0.12 -1.49
N GLU A 64 -7.41 -0.95 -2.10
CA GLU A 64 -8.14 -0.88 -3.35
C GLU A 64 -8.61 -2.27 -3.77
N ASP A 65 -9.02 -3.07 -2.79
CA ASP A 65 -9.48 -4.43 -3.06
C ASP A 65 -10.45 -4.48 -4.24
N PRO A 66 -10.75 -5.68 -4.74
CA PRO A 66 -11.65 -5.86 -5.88
C PRO A 66 -13.12 -5.69 -5.51
N LYS A 67 -13.58 -4.44 -5.51
CA LYS A 67 -14.97 -4.13 -5.17
C LYS A 67 -15.41 -4.87 -3.92
N PHE A 68 -14.47 -5.13 -3.03
CA PHE A 68 -14.76 -5.82 -1.77
C PHE A 68 -16.01 -5.26 -1.11
N GLU A 69 -16.23 -3.97 -1.30
CA GLU A 69 -17.40 -3.30 -0.72
C GLU A 69 -17.44 -1.83 -1.13
N VAL A 70 -17.67 -1.58 -2.42
CA VAL A 70 -17.74 -0.23 -2.94
C VAL A 70 -18.84 -0.09 -3.99
N VAL A 71 -19.90 -0.87 -3.84
CA VAL A 71 -21.01 -0.83 -4.77
C VAL A 71 -21.80 0.46 -4.63
N GLU A 72 -21.82 1.02 -3.42
CA GLU A 72 -22.53 2.26 -3.16
C GLU A 72 -24.03 2.10 -3.45
N LYS A 73 -24.56 0.91 -3.17
CA LYS A 73 -25.96 0.63 -3.39
C LYS A 73 -26.32 -0.78 -2.93
N PRO A 74 -26.42 -0.99 -1.61
CA PRO A 74 -26.75 -2.30 -1.05
C PRO A 74 -28.10 -2.83 -1.55
N GLN A 75 -29.18 -2.23 -1.07
CA GLN A 75 -30.52 -2.64 -1.46
C GLN A 75 -31.58 -1.75 -0.81
N SER A 76 -31.43 -1.53 0.50
CA SER A 76 -32.37 -0.70 1.23
C SER A 76 -31.84 0.72 1.38
N ASN A 1 11.28 -11.12 11.04
CA ASN A 1 11.25 -12.39 10.27
C ASN A 1 10.49 -13.48 11.02
N LYS A 2 9.73 -14.28 10.28
CA LYS A 2 8.96 -15.36 10.88
C LYS A 2 7.97 -14.82 11.92
N GLU A 3 7.49 -13.60 11.69
CA GLU A 3 6.54 -12.97 12.59
C GLU A 3 6.06 -11.64 12.04
N LEU A 4 5.13 -11.68 11.09
CA LEU A 4 4.59 -10.48 10.48
C LEU A 4 3.16 -10.22 10.95
N ASP A 5 2.20 -10.87 10.30
CA ASP A 5 0.79 -10.72 10.64
C ASP A 5 -0.10 -11.42 9.62
N PRO A 6 -1.25 -11.94 10.06
CA PRO A 6 -2.20 -12.64 9.18
C PRO A 6 -3.04 -11.68 8.34
N VAL A 7 -2.38 -10.78 7.63
CA VAL A 7 -3.07 -9.80 6.79
C VAL A 7 -2.07 -8.89 6.08
N GLN A 8 -1.08 -8.41 6.83
CA GLN A 8 -0.07 -7.52 6.27
C GLN A 8 0.64 -8.19 5.09
N LYS A 9 0.70 -9.52 5.12
CA LYS A 9 1.35 -10.27 4.05
C LYS A 9 0.53 -10.21 2.77
N LEU A 10 -0.79 -10.08 2.91
CA LEU A 10 -1.67 -10.01 1.76
C LEU A 10 -1.74 -8.57 1.24
N PHE A 11 -1.64 -7.63 2.16
CA PHE A 11 -1.67 -6.21 1.81
C PHE A 11 -0.31 -5.76 1.29
N VAL A 12 0.75 -6.38 1.81
CA VAL A 12 2.10 -6.05 1.39
C VAL A 12 2.38 -6.60 0.00
N ASP A 13 1.72 -7.71 -0.34
CA ASP A 13 1.89 -8.33 -1.65
C ASP A 13 0.84 -7.84 -2.63
N LYS A 14 0.08 -6.84 -2.23
CA LYS A 14 -0.94 -6.26 -3.09
C LYS A 14 -0.59 -4.82 -3.36
N ILE A 15 0.02 -4.19 -2.37
CA ILE A 15 0.43 -2.82 -2.50
C ILE A 15 1.74 -2.77 -3.31
N ARG A 16 2.38 -3.92 -3.46
CA ARG A 16 3.58 -3.98 -4.25
C ARG A 16 3.21 -4.25 -5.70
N GLU A 17 1.90 -4.30 -5.95
CA GLU A 17 1.39 -4.55 -7.29
C GLU A 17 0.72 -3.31 -7.88
N TYR A 18 0.28 -2.41 -7.01
CA TYR A 18 -0.35 -1.17 -7.45
C TYR A 18 0.68 -0.03 -7.43
N ARG A 19 1.67 -0.14 -6.55
CA ARG A 19 2.72 0.87 -6.44
C ARG A 19 3.76 0.61 -7.50
N THR A 20 3.92 -0.66 -7.84
CA THR A 20 4.86 -1.08 -8.86
C THR A 20 4.52 -0.42 -10.19
N LYS A 21 3.22 -0.29 -10.46
CA LYS A 21 2.76 0.32 -11.70
C LYS A 21 3.22 1.77 -11.80
N ARG A 22 3.36 2.42 -10.65
CA ARG A 22 3.80 3.81 -10.61
C ARG A 22 5.22 3.92 -10.07
N GLN A 23 5.98 2.83 -10.21
CA GLN A 23 7.36 2.81 -9.74
C GLN A 23 8.33 3.12 -10.88
N THR A 24 7.95 4.07 -11.73
CA THR A 24 8.78 4.46 -12.87
C THR A 24 9.47 5.79 -12.59
N SER A 25 10.53 5.75 -11.78
CA SER A 25 11.28 6.94 -11.44
C SER A 25 12.17 7.39 -12.60
N GLY A 26 13.31 6.73 -12.75
CA GLY A 26 14.21 7.08 -13.83
C GLY A 26 15.37 6.09 -13.96
N GLY A 27 16.00 5.74 -12.85
CA GLY A 27 17.10 4.81 -12.89
C GLY A 27 17.61 4.45 -11.50
N PRO A 28 18.11 5.43 -10.73
CA PRO A 28 18.64 5.19 -9.38
C PRO A 28 17.69 4.36 -8.52
N VAL A 29 16.63 4.99 -8.04
CA VAL A 29 15.64 4.30 -7.22
C VAL A 29 14.28 4.25 -7.90
N ASP A 30 13.44 3.32 -7.48
CA ASP A 30 12.11 3.16 -8.06
C ASP A 30 12.22 2.88 -9.56
N ALA A 31 13.05 1.90 -9.91
CA ALA A 31 13.25 1.53 -11.30
C ALA A 31 13.06 0.02 -11.54
N GLY A 32 12.86 -0.74 -10.46
CA GLY A 32 12.67 -2.17 -10.59
C GLY A 32 13.77 -3.00 -9.94
N PRO A 33 14.91 -2.42 -9.53
CA PRO A 33 15.99 -3.19 -8.90
C PRO A 33 15.69 -3.52 -7.44
N GLU A 34 16.66 -3.33 -6.55
CA GLU A 34 16.45 -3.63 -5.14
C GLU A 34 16.05 -2.39 -4.37
N TYR A 35 15.40 -1.48 -5.06
CA TYR A 35 14.90 -0.25 -4.47
C TYR A 35 13.70 -0.55 -3.58
N GLN A 36 13.30 -1.82 -3.53
CA GLN A 36 12.14 -2.24 -2.73
C GLN A 36 12.11 -1.52 -1.39
N GLN A 37 13.29 -1.15 -0.90
CA GLN A 37 13.39 -0.46 0.38
C GLN A 37 12.83 0.96 0.28
N ASP A 38 12.70 1.48 -0.94
CA ASP A 38 12.17 2.82 -1.15
C ASP A 38 10.66 2.76 -1.38
N LEU A 39 10.23 1.68 -2.02
CA LEU A 39 8.81 1.47 -2.30
C LEU A 39 8.13 0.83 -1.10
N ASP A 40 8.90 0.05 -0.35
CA ASP A 40 8.37 -0.60 0.84
C ASP A 40 8.31 0.39 2.00
N ARG A 41 9.14 1.43 1.92
CA ARG A 41 9.18 2.47 2.94
C ARG A 41 7.90 3.30 2.91
N GLU A 42 7.50 3.69 1.70
CA GLU A 42 6.28 4.49 1.53
C GLU A 42 5.06 3.62 1.83
N LEU A 43 5.15 2.35 1.45
CA LEU A 43 4.07 1.40 1.67
C LEU A 43 4.04 1.00 3.14
N PHE A 44 5.21 0.97 3.77
CA PHE A 44 5.31 0.63 5.17
C PHE A 44 4.63 1.70 6.03
N LYS A 45 4.57 2.92 5.50
CA LYS A 45 3.94 4.02 6.20
C LYS A 45 2.45 3.74 6.42
N LEU A 46 1.86 2.94 5.53
CA LEU A 46 0.46 2.59 5.64
C LEU A 46 0.19 1.89 6.96
N LYS A 47 0.95 0.85 7.24
CA LYS A 47 0.80 0.09 8.48
C LYS A 47 0.88 1.02 9.69
N GLN A 48 1.66 2.09 9.56
CA GLN A 48 1.82 3.06 10.63
C GLN A 48 0.55 3.86 10.82
N MET A 49 -0.12 4.17 9.70
CA MET A 49 -1.36 4.93 9.75
C MET A 49 -2.52 4.01 10.11
N TYR A 50 -2.40 2.74 9.72
CA TYR A 50 -3.43 1.75 10.01
C TYR A 50 -3.34 1.30 11.47
N GLY A 51 -2.12 1.27 12.01
CA GLY A 51 -1.93 0.87 13.38
C GLY A 51 -2.40 1.93 14.35
N LYS A 52 -2.43 3.17 13.90
CA LYS A 52 -2.86 4.29 14.74
C LYS A 52 -4.38 4.26 14.93
N ALA A 53 -5.10 3.81 13.91
CA ALA A 53 -6.55 3.74 13.96
C ALA A 53 -7.00 2.49 14.72
N ASP A 54 -7.41 1.45 13.98
CA ASP A 54 -7.85 0.20 14.60
C ASP A 54 -8.50 -0.72 13.57
N MET A 55 -7.97 -0.71 12.35
CA MET A 55 -8.49 -1.54 11.27
C MET A 55 -10.02 -1.45 11.20
N ASN A 56 -10.54 -0.27 11.44
CA ASN A 56 -11.99 -0.04 11.41
C ASN A 56 -12.46 0.31 10.00
N THR A 57 -11.58 0.90 9.20
CA THR A 57 -11.93 1.28 7.84
C THR A 57 -11.09 0.51 6.82
N PHE A 58 -10.52 -0.62 7.25
CA PHE A 58 -9.69 -1.45 6.37
C PHE A 58 -10.39 -1.71 5.04
N PRO A 59 -10.01 -0.97 3.98
CA PRO A 59 -10.60 -1.12 2.66
C PRO A 59 -9.82 -2.13 1.80
N ASN A 60 -8.57 -1.79 1.52
CA ASN A 60 -7.70 -2.63 0.72
C ASN A 60 -6.37 -1.93 0.51
N PHE A 61 -6.44 -0.61 0.35
CA PHE A 61 -5.24 0.21 0.15
C PHE A 61 -5.62 1.67 -0.10
N THR A 62 -5.80 2.41 0.99
CA THR A 62 -6.16 3.83 0.88
C THR A 62 -5.07 4.71 1.47
N PHE A 63 -3.89 4.66 0.87
CA PHE A 63 -2.75 5.46 1.32
C PHE A 63 -2.79 6.88 0.73
N GLU A 64 -3.80 7.16 -0.09
CA GLU A 64 -3.92 8.48 -0.70
C GLU A 64 -5.38 8.96 -0.71
N ASP A 65 -6.24 8.26 0.04
CA ASP A 65 -7.65 8.63 0.11
C ASP A 65 -7.81 10.04 0.68
N PRO A 66 -9.05 10.56 0.71
CA PRO A 66 -9.34 11.90 1.24
C PRO A 66 -9.49 11.92 2.75
N LYS A 67 -9.22 10.78 3.39
CA LYS A 67 -9.32 10.68 4.85
C LYS A 67 -8.01 11.06 5.52
N PHE A 68 -7.19 11.84 4.82
CA PHE A 68 -5.90 12.28 5.36
C PHE A 68 -6.09 13.06 6.66
N GLU A 69 -7.29 13.59 6.86
CA GLU A 69 -7.60 14.35 8.06
C GLU A 69 -6.89 15.70 8.05
N VAL A 70 -6.81 16.31 6.86
CA VAL A 70 -6.16 17.60 6.71
C VAL A 70 -7.18 18.69 6.41
N VAL A 71 -8.26 18.32 5.72
CA VAL A 71 -9.31 19.27 5.36
C VAL A 71 -10.60 18.94 6.10
N GLU A 72 -10.85 17.65 6.33
CA GLU A 72 -12.05 17.21 7.02
C GLU A 72 -13.31 17.62 6.26
N LYS A 73 -14.43 16.97 6.58
CA LYS A 73 -15.69 17.26 5.92
C LYS A 73 -15.60 16.99 4.42
N PRO A 74 -15.18 15.77 4.03
CA PRO A 74 -15.06 15.39 2.63
C PRO A 74 -16.42 15.21 1.95
N GLN A 75 -17.02 16.32 1.54
CA GLN A 75 -18.31 16.29 0.89
C GLN A 75 -18.22 15.63 -0.48
N SER A 76 -17.22 16.02 -1.26
CA SER A 76 -17.01 15.45 -2.59
C SER A 76 -16.22 14.16 -2.52
N ASN A 1 13.24 -15.29 9.35
CA ASN A 1 12.33 -14.12 9.31
C ASN A 1 11.56 -13.98 10.61
N LYS A 2 11.25 -12.73 10.97
CA LYS A 2 10.52 -12.46 12.20
C LYS A 2 9.67 -11.19 12.07
N GLU A 3 9.18 -10.95 10.86
CA GLU A 3 8.36 -9.76 10.59
C GLU A 3 7.38 -10.03 9.45
N LEU A 4 6.25 -10.64 9.78
CA LEU A 4 5.23 -10.95 8.78
C LEU A 4 4.06 -11.68 9.42
N ASP A 5 2.96 -10.96 9.61
CA ASP A 5 1.76 -11.53 10.22
C ASP A 5 0.90 -12.22 9.15
N PRO A 6 -0.13 -12.98 9.58
CA PRO A 6 -1.02 -13.69 8.65
C PRO A 6 -1.96 -12.74 7.91
N VAL A 7 -1.38 -11.76 7.22
CA VAL A 7 -2.17 -10.78 6.47
C VAL A 7 -1.25 -9.72 5.87
N GLN A 8 -0.28 -9.27 6.65
CA GLN A 8 0.67 -8.26 6.19
C GLN A 8 1.29 -8.68 4.86
N LYS A 9 1.38 -10.00 4.65
CA LYS A 9 1.95 -10.52 3.41
C LYS A 9 1.11 -10.07 2.22
N LEU A 10 -0.20 -10.27 2.31
CA LEU A 10 -1.10 -9.88 1.24
C LEU A 10 -1.06 -8.36 1.05
N PHE A 11 -0.85 -7.65 2.15
CA PHE A 11 -0.77 -6.20 2.12
C PHE A 11 0.49 -5.75 1.38
N VAL A 12 1.63 -6.31 1.77
CA VAL A 12 2.89 -5.97 1.13
C VAL A 12 2.79 -6.20 -0.38
N ASP A 13 1.91 -7.11 -0.77
CA ASP A 13 1.70 -7.42 -2.19
C ASP A 13 0.55 -6.59 -2.75
N LYS A 14 0.14 -5.57 -2.01
CA LYS A 14 -0.93 -4.68 -2.43
C LYS A 14 -0.34 -3.30 -2.64
N ILE A 15 0.66 -2.99 -1.83
CA ILE A 15 1.35 -1.73 -1.95
C ILE A 15 2.64 -1.93 -2.75
N ARG A 16 2.73 -3.06 -3.42
CA ARG A 16 3.88 -3.36 -4.25
C ARG A 16 3.40 -3.76 -5.64
N GLU A 17 2.08 -3.81 -5.80
CA GLU A 17 1.46 -4.16 -7.06
C GLU A 17 0.78 -2.93 -7.66
N TYR A 18 0.46 -1.98 -6.81
CA TYR A 18 -0.18 -0.73 -7.23
C TYR A 18 0.87 0.32 -7.61
N ARG A 19 2.05 0.23 -6.99
CA ARG A 19 3.12 1.18 -7.29
C ARG A 19 3.87 0.72 -8.52
N THR A 20 3.98 -0.60 -8.64
CA THR A 20 4.65 -1.21 -9.78
C THR A 20 3.92 -0.86 -11.07
N LYS A 21 2.60 -0.74 -10.98
CA LYS A 21 1.79 -0.40 -12.13
C LYS A 21 2.17 0.97 -12.69
N ARG A 22 2.57 1.87 -11.80
CA ARG A 22 2.96 3.22 -12.18
C ARG A 22 4.47 3.37 -12.19
N GLN A 23 5.19 2.25 -12.28
CA GLN A 23 6.64 2.27 -12.29
C GLN A 23 7.16 2.98 -13.54
N THR A 24 6.40 2.89 -14.63
CA THR A 24 6.79 3.52 -15.89
C THR A 24 6.86 5.04 -15.74
N SER A 25 7.99 5.52 -15.24
CA SER A 25 8.18 6.95 -15.04
C SER A 25 9.59 7.25 -14.53
N GLY A 26 9.79 8.45 -14.00
CA GLY A 26 11.10 8.83 -13.47
C GLY A 26 11.63 7.83 -12.46
N GLY A 27 10.73 7.28 -11.66
CA GLY A 27 11.13 6.31 -10.65
C GLY A 27 12.18 6.85 -9.70
N PRO A 28 11.76 7.38 -8.54
CA PRO A 28 12.69 7.93 -7.54
C PRO A 28 13.56 6.86 -6.91
N VAL A 29 14.57 7.29 -6.15
CA VAL A 29 15.49 6.36 -5.48
C VAL A 29 16.06 5.35 -6.45
N ASP A 30 16.88 4.45 -5.91
CA ASP A 30 17.48 3.39 -6.72
C ASP A 30 16.42 2.36 -7.04
N ALA A 31 15.37 2.80 -7.72
CA ALA A 31 14.25 1.96 -8.09
C ALA A 31 14.65 0.89 -9.09
N GLY A 32 15.66 0.11 -8.73
CA GLY A 32 16.13 -0.95 -9.60
C GLY A 32 15.35 -2.24 -9.36
N PRO A 33 16.03 -3.39 -9.34
CA PRO A 33 15.39 -4.68 -9.14
C PRO A 33 15.35 -5.11 -7.68
N GLU A 34 15.52 -4.18 -6.75
CA GLU A 34 15.49 -4.52 -5.33
C GLU A 34 15.36 -3.30 -4.45
N TYR A 35 14.74 -2.26 -5.00
CA TYR A 35 14.49 -1.04 -4.26
C TYR A 35 13.31 -1.24 -3.31
N GLN A 36 12.81 -2.49 -3.22
CA GLN A 36 11.67 -2.80 -2.36
C GLN A 36 11.78 -2.08 -1.02
N GLN A 37 13.01 -1.83 -0.60
CA GLN A 37 13.26 -1.15 0.66
C GLN A 37 12.80 0.31 0.59
N ASP A 38 12.65 0.83 -0.62
CA ASP A 38 12.21 2.20 -0.82
C ASP A 38 10.69 2.24 -1.01
N LEU A 39 10.16 1.18 -1.60
CA LEU A 39 8.73 1.07 -1.82
C LEU A 39 8.03 0.50 -0.59
N ASP A 40 8.79 -0.21 0.23
CA ASP A 40 8.25 -0.80 1.44
C ASP A 40 8.24 0.22 2.58
N ARG A 41 9.19 1.15 2.54
CA ARG A 41 9.29 2.18 3.56
C ARG A 41 8.16 3.20 3.40
N GLU A 42 7.73 3.41 2.17
CA GLU A 42 6.64 4.35 1.90
C GLU A 42 5.31 3.70 2.20
N LEU A 43 5.14 2.44 1.78
CA LEU A 43 3.91 1.71 2.04
C LEU A 43 3.81 1.40 3.53
N PHE A 44 4.97 1.22 4.16
CA PHE A 44 5.02 0.93 5.59
C PHE A 44 4.36 2.05 6.37
N LYS A 45 4.50 3.28 5.87
CA LYS A 45 3.90 4.43 6.53
C LYS A 45 2.41 4.22 6.76
N LEU A 46 1.74 3.64 5.77
CA LEU A 46 0.32 3.37 5.87
C LEU A 46 0.03 2.49 7.07
N LYS A 47 0.74 1.36 7.16
CA LYS A 47 0.57 0.43 8.27
C LYS A 47 0.60 1.16 9.60
N GLN A 48 1.36 2.25 9.66
CA GLN A 48 1.46 3.04 10.88
C GLN A 48 0.21 3.89 11.09
N MET A 49 -0.42 4.29 10.00
CA MET A 49 -1.63 5.09 10.06
C MET A 49 -2.84 4.20 10.26
N TYR A 50 -2.76 2.98 9.75
CA TYR A 50 -3.84 2.01 9.88
C TYR A 50 -3.84 1.38 11.27
N GLY A 51 -2.65 1.25 11.86
CA GLY A 51 -2.54 0.66 13.18
C GLY A 51 -2.87 1.65 14.28
N LYS A 52 -2.71 2.94 13.98
CA LYS A 52 -2.99 3.98 14.96
C LYS A 52 -4.45 4.42 14.88
N ALA A 53 -5.03 4.32 13.69
CA ALA A 53 -6.42 4.71 13.49
C ALA A 53 -7.35 3.50 13.53
N ASP A 54 -6.86 2.39 14.08
CA ASP A 54 -7.65 1.17 14.17
C ASP A 54 -8.21 0.77 12.80
N MET A 55 -7.53 1.20 11.75
CA MET A 55 -7.94 0.89 10.37
C MET A 55 -9.46 1.03 10.20
N ASN A 56 -10.04 2.00 10.90
CA ASN A 56 -11.48 2.23 10.82
C ASN A 56 -11.78 3.59 10.20
N THR A 57 -11.48 3.71 8.90
CA THR A 57 -11.72 4.96 8.18
C THR A 57 -11.36 4.80 6.70
N PHE A 58 -10.27 4.10 6.43
CA PHE A 58 -9.82 3.88 5.07
C PHE A 58 -10.18 2.46 4.60
N PRO A 59 -10.11 2.22 3.28
CA PRO A 59 -10.42 0.90 2.71
C PRO A 59 -9.63 -0.23 3.36
N ASN A 60 -8.48 0.13 3.93
CA ASN A 60 -7.60 -0.85 4.60
C ASN A 60 -6.74 -1.60 3.59
N PHE A 61 -7.16 -1.59 2.33
CA PHE A 61 -6.43 -2.26 1.26
C PHE A 61 -7.18 -2.11 -0.06
N THR A 62 -6.83 -1.08 -0.82
CA THR A 62 -7.47 -0.82 -2.09
C THR A 62 -6.91 0.46 -2.71
N PHE A 63 -6.11 0.29 -3.75
CA PHE A 63 -5.50 1.41 -4.44
C PHE A 63 -6.37 1.85 -5.61
N GLU A 64 -7.08 0.91 -6.19
CA GLU A 64 -7.97 1.18 -7.31
C GLU A 64 -8.82 -0.04 -7.65
N ASP A 65 -9.17 -0.81 -6.62
CA ASP A 65 -9.98 -2.02 -6.82
C ASP A 65 -11.20 -1.72 -7.67
N PRO A 66 -11.92 -2.77 -8.11
CA PRO A 66 -13.12 -2.61 -8.94
C PRO A 66 -14.31 -2.09 -8.17
N LYS A 67 -14.34 -2.36 -6.87
CA LYS A 67 -15.43 -1.91 -6.01
C LYS A 67 -15.54 -0.39 -6.01
N PHE A 68 -14.39 0.28 -5.88
CA PHE A 68 -14.35 1.74 -5.86
C PHE A 68 -14.97 2.30 -4.59
N GLU A 69 -15.23 1.43 -3.60
CA GLU A 69 -15.81 1.85 -2.34
C GLU A 69 -17.03 2.75 -2.57
N VAL A 70 -18.17 2.14 -2.85
CA VAL A 70 -19.40 2.88 -3.09
C VAL A 70 -20.59 2.24 -2.38
N VAL A 71 -21.13 1.18 -2.98
CA VAL A 71 -22.27 0.47 -2.41
C VAL A 71 -22.67 -0.72 -3.27
N GLU A 72 -21.82 -1.76 -3.27
CA GLU A 72 -22.09 -2.95 -4.05
C GLU A 72 -23.45 -3.55 -3.69
N LYS A 73 -23.85 -4.57 -4.45
CA LYS A 73 -25.14 -5.23 -4.21
C LYS A 73 -26.30 -4.25 -4.38
N PRO A 74 -27.49 -4.77 -4.72
CA PRO A 74 -28.68 -3.94 -4.93
C PRO A 74 -29.18 -3.34 -3.61
N GLN A 75 -29.80 -2.17 -3.71
CA GLN A 75 -30.35 -1.49 -2.54
C GLN A 75 -31.46 -0.53 -2.93
N SER A 76 -31.19 0.32 -3.91
CA SER A 76 -32.17 1.30 -4.38
C SER A 76 -33.24 0.61 -5.24
N ASN A 1 11.84 -11.65 10.65
CA ASN A 1 11.58 -11.79 9.19
C ASN A 1 10.18 -11.32 8.83
N LYS A 2 9.18 -11.86 9.51
CA LYS A 2 7.80 -11.49 9.25
C LYS A 2 7.03 -11.29 10.56
N GLU A 3 6.73 -12.40 11.23
CA GLU A 3 6.00 -12.36 12.50
C GLU A 3 4.83 -11.38 12.44
N LEU A 4 3.88 -11.66 11.55
CA LEU A 4 2.70 -10.80 11.39
C LEU A 4 1.43 -11.64 11.32
N ASP A 5 1.41 -12.61 10.42
CA ASP A 5 0.25 -13.49 10.24
C ASP A 5 0.40 -14.33 8.97
N PRO A 6 -0.42 -15.38 8.83
CA PRO A 6 -0.37 -16.26 7.67
C PRO A 6 -1.26 -15.79 6.53
N VAL A 7 -1.47 -14.48 6.45
CA VAL A 7 -2.30 -13.90 5.41
C VAL A 7 -1.95 -12.44 5.15
N GLN A 8 -1.77 -11.68 6.23
CA GLN A 8 -1.43 -10.27 6.13
C GLN A 8 -0.21 -10.07 5.23
N LYS A 9 0.73 -11.00 5.30
CA LYS A 9 1.94 -10.91 4.48
C LYS A 9 1.59 -10.92 3.00
N LEU A 10 0.47 -11.52 2.66
CA LEU A 10 0.02 -11.60 1.27
C LEU A 10 -0.28 -10.21 0.72
N PHE A 11 -1.13 -9.46 1.42
CA PHE A 11 -1.49 -8.12 0.98
C PHE A 11 -0.26 -7.24 0.80
N VAL A 12 0.77 -7.51 1.61
CA VAL A 12 2.01 -6.74 1.53
C VAL A 12 2.64 -6.91 0.15
N ASP A 13 2.42 -8.08 -0.45
CA ASP A 13 2.96 -8.36 -1.77
C ASP A 13 1.94 -8.03 -2.86
N LYS A 14 0.94 -7.25 -2.49
CA LYS A 14 -0.09 -6.82 -3.42
C LYS A 14 -0.06 -5.31 -3.50
N ILE A 15 0.19 -4.69 -2.34
CA ILE A 15 0.29 -3.26 -2.28
C ILE A 15 1.59 -2.82 -2.96
N ARG A 16 2.48 -3.77 -3.19
CA ARG A 16 3.72 -3.46 -3.88
C ARG A 16 3.51 -3.62 -5.37
N GLU A 17 2.26 -3.91 -5.77
CA GLU A 17 1.92 -4.10 -7.16
C GLU A 17 1.01 -2.98 -7.66
N TYR A 18 0.33 -2.32 -6.75
CA TYR A 18 -0.57 -1.22 -7.11
C TYR A 18 0.14 0.12 -6.90
N ARG A 19 1.10 0.16 -5.97
CA ARG A 19 1.85 1.37 -5.70
C ARG A 19 3.00 1.47 -6.68
N THR A 20 3.47 0.31 -7.11
CA THR A 20 4.56 0.22 -8.07
C THR A 20 4.15 0.89 -9.38
N LYS A 21 2.87 0.75 -9.74
CA LYS A 21 2.35 1.35 -10.96
C LYS A 21 2.40 2.87 -10.88
N ARG A 22 2.29 3.40 -9.66
CA ARG A 22 2.33 4.84 -9.45
C ARG A 22 3.71 5.40 -9.75
N GLN A 23 4.72 4.55 -9.66
CA GLN A 23 6.10 4.97 -9.92
C GLN A 23 6.44 4.84 -11.41
N THR A 24 5.58 5.40 -12.25
CA THR A 24 5.79 5.35 -13.69
C THR A 24 6.32 6.68 -14.21
N SER A 25 7.07 7.38 -13.36
CA SER A 25 7.64 8.67 -13.73
C SER A 25 9.01 8.50 -14.39
N GLY A 26 9.76 9.59 -14.49
CA GLY A 26 11.08 9.53 -15.09
C GLY A 26 11.98 8.51 -14.44
N GLY A 27 11.72 8.21 -13.17
CA GLY A 27 12.52 7.24 -12.46
C GLY A 27 12.76 7.63 -11.01
N PRO A 28 11.81 7.34 -10.11
CA PRO A 28 11.94 7.67 -8.69
C PRO A 28 12.87 6.72 -7.96
N VAL A 29 13.47 7.20 -6.87
CA VAL A 29 14.38 6.39 -6.09
C VAL A 29 15.57 5.93 -6.92
N ASP A 30 16.65 5.53 -6.25
CA ASP A 30 17.84 5.06 -6.95
C ASP A 30 17.46 4.06 -8.03
N ALA A 31 16.35 3.36 -7.82
CA ALA A 31 15.85 2.39 -8.77
C ALA A 31 16.88 1.30 -9.03
N GLY A 32 17.61 0.93 -7.99
CA GLY A 32 18.62 -0.11 -8.12
C GLY A 32 17.99 -1.49 -8.21
N PRO A 33 18.79 -2.56 -8.00
CA PRO A 33 18.29 -3.93 -8.07
C PRO A 33 17.63 -4.39 -6.78
N GLU A 34 17.45 -3.47 -5.83
CA GLU A 34 16.82 -3.81 -4.56
C GLU A 34 16.17 -2.59 -3.92
N TYR A 35 15.79 -1.64 -4.76
CA TYR A 35 15.12 -0.43 -4.31
C TYR A 35 13.81 -0.79 -3.62
N GLN A 36 13.39 -2.05 -3.74
CA GLN A 36 12.14 -2.52 -3.14
C GLN A 36 11.93 -1.91 -1.77
N GLN A 37 13.04 -1.66 -1.08
CA GLN A 37 13.01 -1.05 0.24
C GLN A 37 12.36 0.33 0.20
N ASP A 38 12.31 0.93 -1.00
CA ASP A 38 11.72 2.26 -1.16
C ASP A 38 10.19 2.17 -1.26
N LEU A 39 9.72 1.17 -2.01
CA LEU A 39 8.29 0.97 -2.18
C LEU A 39 7.68 0.39 -0.90
N ASP A 40 8.48 -0.42 -0.21
CA ASP A 40 8.03 -1.05 1.04
C ASP A 40 7.93 -0.02 2.16
N ARG A 41 8.85 0.95 2.16
CA ARG A 41 8.86 1.98 3.19
C ARG A 41 7.66 2.91 3.03
N GLU A 42 7.30 3.20 1.78
CA GLU A 42 6.17 4.06 1.51
C GLU A 42 4.87 3.36 1.88
N LEU A 43 4.81 2.07 1.60
CA LEU A 43 3.63 1.27 1.92
C LEU A 43 3.52 1.09 3.43
N PHE A 44 4.63 0.73 4.06
CA PHE A 44 4.66 0.54 5.50
C PHE A 44 4.31 1.83 6.21
N LYS A 45 4.63 2.96 5.56
CA LYS A 45 4.34 4.27 6.12
C LYS A 45 2.83 4.50 6.17
N LEU A 46 2.10 3.78 5.30
CA LEU A 46 0.66 3.89 5.23
C LEU A 46 0.05 3.29 6.49
N LYS A 47 0.25 2.00 6.69
CA LYS A 47 -0.31 1.34 7.87
C LYS A 47 0.20 2.01 9.14
N GLN A 48 1.34 2.68 9.05
CA GLN A 48 1.94 3.36 10.20
C GLN A 48 1.36 4.76 10.36
N MET A 49 1.00 5.39 9.25
CA MET A 49 0.44 6.74 9.28
C MET A 49 -1.05 6.70 9.61
N TYR A 50 -1.70 5.58 9.33
CA TYR A 50 -3.12 5.43 9.62
C TYR A 50 -3.32 4.89 11.03
N GLY A 51 -2.34 4.13 11.50
CA GLY A 51 -2.42 3.57 12.83
C GLY A 51 -2.00 4.57 13.89
N LYS A 52 -1.22 5.56 13.49
CA LYS A 52 -0.76 6.59 14.42
C LYS A 52 -1.83 7.65 14.64
N ALA A 53 -2.67 7.87 13.62
CA ALA A 53 -3.73 8.85 13.71
C ALA A 53 -4.90 8.32 14.53
N ASP A 54 -5.79 7.57 13.89
CA ASP A 54 -6.95 7.00 14.57
C ASP A 54 -7.81 6.18 13.60
N MET A 55 -8.64 6.86 12.83
CA MET A 55 -9.52 6.20 11.86
C MET A 55 -10.46 7.20 11.20
N ASN A 56 -9.94 8.38 10.89
CA ASN A 56 -10.73 9.42 10.26
C ASN A 56 -10.92 9.14 8.77
N THR A 57 -9.92 8.50 8.17
CA THR A 57 -9.98 8.17 6.74
C THR A 57 -9.57 6.73 6.51
N PHE A 58 -8.42 6.33 7.03
CA PHE A 58 -7.92 4.97 6.87
C PHE A 58 -7.74 4.62 5.40
N PRO A 59 -7.01 3.53 5.11
CA PRO A 59 -6.76 3.09 3.74
C PRO A 59 -7.96 2.38 3.12
N ASN A 60 -9.05 2.26 3.88
CA ASN A 60 -10.25 1.59 3.40
C ASN A 60 -9.98 0.12 3.12
N PHE A 61 -8.94 -0.41 3.74
CA PHE A 61 -8.58 -1.81 3.55
C PHE A 61 -8.69 -2.58 4.86
N THR A 62 -7.81 -2.25 5.81
CA THR A 62 -7.79 -2.89 7.14
C THR A 62 -7.02 -4.20 7.13
N PHE A 63 -7.13 -4.97 6.04
CA PHE A 63 -6.43 -6.25 5.93
C PHE A 63 -6.63 -7.08 7.19
N GLU A 64 -7.87 -7.12 7.68
CA GLU A 64 -8.20 -7.87 8.88
C GLU A 64 -7.62 -7.19 10.12
N ASP A 65 -7.48 -5.87 10.05
CA ASP A 65 -6.93 -5.10 11.17
C ASP A 65 -7.95 -5.01 12.31
N PRO A 66 -7.50 -4.55 13.50
CA PRO A 66 -8.35 -4.41 14.69
C PRO A 66 -9.72 -3.80 14.40
N LYS A 67 -9.84 -3.14 13.25
CA LYS A 67 -11.11 -2.54 12.86
C LYS A 67 -12.21 -3.60 12.77
N PHE A 68 -11.87 -4.86 13.08
CA PHE A 68 -12.85 -5.94 13.04
C PHE A 68 -13.61 -6.07 14.36
N GLU A 69 -13.61 -5.00 15.15
CA GLU A 69 -14.30 -4.99 16.44
C GLU A 69 -13.55 -5.85 17.46
N VAL A 70 -13.22 -5.25 18.60
CA VAL A 70 -12.51 -5.95 19.66
C VAL A 70 -13.03 -5.53 21.03
N VAL A 71 -13.17 -4.23 21.24
CA VAL A 71 -13.64 -3.70 22.51
C VAL A 71 -14.20 -2.28 22.34
N GLU A 72 -15.11 -2.13 21.38
CA GLU A 72 -15.73 -0.83 21.11
C GLU A 72 -16.61 -0.40 22.28
N LYS A 73 -15.99 0.00 23.38
CA LYS A 73 -16.74 0.44 24.56
C LYS A 73 -16.01 1.58 25.26
N PRO A 74 -15.70 2.66 24.52
CA PRO A 74 -15.01 3.83 25.08
C PRO A 74 -15.89 4.65 26.01
N GLN A 75 -15.88 4.31 27.29
CA GLN A 75 -16.68 5.01 28.28
C GLN A 75 -16.13 4.77 29.69
N SER A 76 -15.93 3.50 30.03
CA SER A 76 -15.41 3.15 31.35
C SER A 76 -13.90 3.40 31.43
N ASN A 1 2.08 -18.31 11.73
CA ASN A 1 3.49 -18.29 11.26
C ASN A 1 4.40 -17.63 12.29
N LYS A 2 5.65 -17.41 11.91
CA LYS A 2 6.62 -16.78 12.80
C LYS A 2 6.25 -15.33 13.06
N GLU A 3 5.66 -14.68 12.07
CA GLU A 3 5.26 -13.29 12.19
C GLU A 3 4.46 -12.84 10.96
N LEU A 4 3.14 -12.84 11.09
CA LEU A 4 2.26 -12.43 10.00
C LEU A 4 0.80 -12.49 10.42
N ASP A 5 0.24 -11.32 10.72
CA ASP A 5 -1.16 -11.24 11.14
C ASP A 5 -2.07 -11.77 10.04
N PRO A 6 -3.23 -12.35 10.42
CA PRO A 6 -4.18 -12.89 9.45
C PRO A 6 -4.91 -11.82 8.65
N VAL A 7 -4.14 -10.96 7.98
CA VAL A 7 -4.70 -9.89 7.18
C VAL A 7 -3.61 -8.98 6.64
N GLN A 8 -2.67 -8.59 7.51
CA GLN A 8 -1.57 -7.72 7.10
C GLN A 8 -0.84 -8.29 5.88
N LYS A 9 -0.88 -9.61 5.75
CA LYS A 9 -0.22 -10.29 4.64
C LYS A 9 -0.81 -9.82 3.31
N LEU A 10 -2.14 -9.77 3.25
CA LEU A 10 -2.83 -9.34 2.04
C LEU A 10 -2.37 -7.93 1.64
N PHE A 11 -2.01 -7.13 2.63
CA PHE A 11 -1.56 -5.78 2.39
C PHE A 11 -0.27 -5.77 1.57
N VAL A 12 0.72 -6.52 2.04
CA VAL A 12 1.99 -6.61 1.34
C VAL A 12 1.77 -7.02 -0.11
N ASP A 13 0.66 -7.69 -0.38
CA ASP A 13 0.33 -8.12 -1.73
C ASP A 13 -0.51 -7.06 -2.45
N LYS A 14 -0.61 -5.88 -1.86
CA LYS A 14 -1.36 -4.79 -2.46
C LYS A 14 -0.39 -3.70 -2.84
N ILE A 15 0.57 -3.45 -1.97
CA ILE A 15 1.58 -2.46 -2.25
C ILE A 15 2.55 -3.02 -3.29
N ARG A 16 2.49 -4.31 -3.53
CA ARG A 16 3.32 -4.90 -4.55
C ARG A 16 2.52 -4.98 -5.84
N GLU A 17 1.36 -4.33 -5.84
CA GLU A 17 0.49 -4.31 -6.99
C GLU A 17 0.32 -2.90 -7.55
N TYR A 18 0.93 -1.91 -6.90
CA TYR A 18 0.86 -0.54 -7.35
C TYR A 18 2.24 -0.07 -7.81
N ARG A 19 3.30 -0.60 -7.18
CA ARG A 19 4.66 -0.27 -7.58
C ARG A 19 5.01 -1.08 -8.81
N THR A 20 4.40 -2.25 -8.89
CA THR A 20 4.60 -3.16 -10.01
C THR A 20 4.25 -2.49 -11.33
N LYS A 21 3.16 -1.73 -11.34
CA LYS A 21 2.71 -1.03 -12.53
C LYS A 21 3.71 0.05 -12.93
N ARG A 22 4.27 0.72 -11.93
CA ARG A 22 5.24 1.77 -12.18
C ARG A 22 6.54 1.21 -12.78
N GLN A 23 6.80 -0.06 -12.51
CA GLN A 23 8.00 -0.72 -13.01
C GLN A 23 8.09 -0.59 -14.53
N THR A 24 6.97 -0.84 -15.21
CA THR A 24 6.94 -0.76 -16.66
C THR A 24 7.02 0.70 -17.12
N SER A 25 6.51 1.61 -16.30
CA SER A 25 6.52 3.03 -16.62
C SER A 25 7.95 3.58 -16.56
N GLY A 26 8.07 4.90 -16.60
CA GLY A 26 9.38 5.52 -16.55
C GLY A 26 9.41 6.76 -15.67
N GLY A 27 9.52 6.55 -14.37
CA GLY A 27 9.54 7.66 -13.44
C GLY A 27 10.17 7.30 -12.10
N PRO A 28 9.35 6.96 -11.09
CA PRO A 28 9.84 6.58 -9.76
C PRO A 28 10.68 5.30 -9.78
N VAL A 29 10.01 4.15 -9.66
CA VAL A 29 10.71 2.86 -9.67
C VAL A 29 11.65 2.75 -10.87
N ASP A 30 11.33 3.49 -11.94
CA ASP A 30 12.16 3.50 -13.14
C ASP A 30 13.11 4.70 -13.12
N ALA A 31 13.40 5.20 -11.93
CA ALA A 31 14.27 6.35 -11.76
C ALA A 31 15.74 5.95 -11.87
N GLY A 32 16.02 4.68 -11.55
CA GLY A 32 17.38 4.18 -11.61
C GLY A 32 17.51 2.82 -10.96
N PRO A 33 17.91 2.77 -9.68
CA PRO A 33 18.04 1.51 -8.94
C PRO A 33 16.71 0.98 -8.44
N GLU A 34 15.65 1.73 -8.73
CA GLU A 34 14.31 1.35 -8.30
C GLU A 34 14.13 1.68 -6.83
N TYR A 35 15.25 1.79 -6.10
CA TYR A 35 15.22 2.12 -4.67
C TYR A 35 14.10 1.34 -3.97
N GLN A 36 13.72 0.21 -4.56
CA GLN A 36 12.66 -0.65 -4.03
C GLN A 36 12.75 -0.78 -2.51
N GLN A 37 13.95 -0.61 -1.98
CA GLN A 37 14.17 -0.70 -0.55
C GLN A 37 13.61 0.55 0.13
N ASP A 38 13.72 1.67 -0.56
CA ASP A 38 13.21 2.94 -0.06
C ASP A 38 11.71 3.02 -0.31
N LEU A 39 11.26 2.34 -1.36
CA LEU A 39 9.84 2.30 -1.70
C LEU A 39 9.10 1.39 -0.73
N ASP A 40 9.70 0.24 -0.43
CA ASP A 40 9.11 -0.72 0.49
C ASP A 40 8.92 -0.09 1.88
N ARG A 41 9.72 0.92 2.20
CA ARG A 41 9.61 1.59 3.49
C ARG A 41 8.28 2.30 3.61
N GLU A 42 7.82 2.90 2.51
CA GLU A 42 6.55 3.60 2.50
C GLU A 42 5.39 2.65 2.77
N LEU A 43 5.64 1.36 2.61
CA LEU A 43 4.62 0.35 2.84
C LEU A 43 4.41 0.15 4.34
N PHE A 44 5.47 -0.20 5.04
CA PHE A 44 5.40 -0.40 6.49
C PHE A 44 4.84 0.85 7.16
N LYS A 45 5.00 2.00 6.51
CA LYS A 45 4.50 3.26 7.04
C LYS A 45 2.98 3.23 7.15
N LEU A 46 2.32 2.76 6.09
CA LEU A 46 0.86 2.68 6.07
C LEU A 46 0.37 1.86 7.25
N LYS A 47 0.92 0.67 7.42
CA LYS A 47 0.54 -0.21 8.52
C LYS A 47 0.59 0.54 9.85
N GLN A 48 1.47 1.55 9.92
CA GLN A 48 1.62 2.35 11.12
C GLN A 48 0.50 3.39 11.21
N MET A 49 0.07 3.87 10.04
CA MET A 49 -1.00 4.86 9.98
C MET A 49 -2.35 4.18 10.19
N TYR A 50 -2.51 3.02 9.56
CA TYR A 50 -3.76 2.27 9.68
C TYR A 50 -3.92 1.73 11.11
N GLY A 51 -2.81 1.59 11.82
CA GLY A 51 -2.86 1.09 13.17
C GLY A 51 -3.01 2.18 14.21
N LYS A 52 -3.02 3.44 13.76
CA LYS A 52 -3.15 4.58 14.66
C LYS A 52 -3.89 5.74 14.00
N ALA A 53 -4.63 5.45 12.93
CA ALA A 53 -5.39 6.47 12.22
C ALA A 53 -6.76 5.98 11.80
N ASP A 54 -7.28 4.99 12.53
CA ASP A 54 -8.59 4.42 12.22
C ASP A 54 -8.65 3.97 10.76
N MET A 55 -8.34 2.70 10.53
CA MET A 55 -8.35 2.14 9.18
C MET A 55 -9.78 1.91 8.71
N ASN A 56 -10.57 2.97 8.72
CA ASN A 56 -11.97 2.90 8.28
C ASN A 56 -12.43 4.23 7.68
N THR A 57 -11.46 5.00 7.19
CA THR A 57 -11.77 6.30 6.58
C THR A 57 -11.24 6.37 5.16
N PHE A 58 -10.03 5.85 4.94
CA PHE A 58 -9.41 5.85 3.62
C PHE A 58 -10.36 5.25 2.58
N PRO A 59 -10.03 5.40 1.28
CA PRO A 59 -10.85 4.86 0.19
C PRO A 59 -10.75 3.34 0.08
N ASN A 60 -11.07 2.65 1.16
CA ASN A 60 -11.02 1.19 1.19
C ASN A 60 -9.69 0.68 0.66
N PHE A 61 -8.64 1.46 0.86
CA PHE A 61 -7.30 1.08 0.40
C PHE A 61 -7.31 0.82 -1.10
N THR A 62 -7.71 1.81 -1.87
CA THR A 62 -7.77 1.69 -3.33
C THR A 62 -6.37 1.77 -3.93
N PHE A 63 -5.62 2.82 -3.55
CA PHE A 63 -4.27 3.03 -4.05
C PHE A 63 -4.29 3.44 -5.52
N GLU A 64 -4.93 2.62 -6.35
CA GLU A 64 -5.03 2.89 -7.77
C GLU A 64 -6.07 1.99 -8.43
N ASP A 65 -7.08 1.59 -7.65
CA ASP A 65 -8.13 0.73 -8.17
C ASP A 65 -9.20 1.55 -8.89
N PRO A 66 -9.83 0.97 -9.94
CA PRO A 66 -10.87 1.65 -10.72
C PRO A 66 -12.22 1.63 -10.02
N LYS A 67 -12.28 1.02 -8.84
CA LYS A 67 -13.53 0.93 -8.08
C LYS A 67 -14.20 2.30 -7.95
N PHE A 68 -13.40 3.35 -8.05
CA PHE A 68 -13.92 4.71 -7.94
C PHE A 68 -14.79 5.06 -9.16
N GLU A 69 -14.47 4.47 -10.30
CA GLU A 69 -15.21 4.72 -11.53
C GLU A 69 -14.87 3.67 -12.59
N VAL A 70 -15.89 3.16 -13.26
CA VAL A 70 -15.69 2.16 -14.30
C VAL A 70 -16.74 2.30 -15.40
N VAL A 71 -17.18 3.54 -15.64
CA VAL A 71 -18.18 3.81 -16.67
C VAL A 71 -17.57 4.59 -17.84
N GLU A 72 -17.13 5.81 -17.56
CA GLU A 72 -16.53 6.65 -18.59
C GLU A 72 -16.04 7.97 -18.00
N LYS A 73 -16.97 8.80 -17.56
CA LYS A 73 -16.64 10.09 -16.97
C LYS A 73 -17.86 10.74 -16.33
N PRO A 74 -18.34 10.18 -15.20
CA PRO A 74 -19.51 10.70 -14.49
C PRO A 74 -19.22 12.04 -13.81
N GLN A 75 -19.38 13.13 -14.56
CA GLN A 75 -19.14 14.46 -14.03
C GLN A 75 -19.51 15.54 -15.06
N SER A 76 -19.05 15.33 -16.30
CA SER A 76 -19.34 16.28 -17.36
C SER A 76 -19.12 15.63 -18.73
N ASN A 1 3.44 -23.82 3.73
CA ASN A 1 3.86 -22.40 3.86
C ASN A 1 4.29 -22.07 5.29
N LYS A 2 5.48 -21.50 5.43
CA LYS A 2 6.00 -21.14 6.74
C LYS A 2 6.83 -19.86 6.66
N GLU A 3 6.44 -18.96 5.76
CA GLU A 3 7.15 -17.70 5.59
C GLU A 3 6.77 -16.71 6.68
N LEU A 4 5.48 -16.50 6.85
CA LEU A 4 4.97 -15.57 7.87
C LEU A 4 3.59 -15.98 8.35
N ASP A 5 2.64 -16.02 7.41
CA ASP A 5 1.26 -16.39 7.72
C ASP A 5 0.34 -16.01 6.57
N PRO A 6 -0.88 -16.56 6.53
CA PRO A 6 -1.85 -16.26 5.48
C PRO A 6 -2.61 -14.97 5.74
N VAL A 7 -1.88 -13.90 6.03
CA VAL A 7 -2.48 -12.59 6.29
C VAL A 7 -1.48 -11.47 6.10
N GLN A 8 -0.32 -11.61 6.73
CA GLN A 8 0.73 -10.59 6.62
C GLN A 8 1.25 -10.52 5.18
N LYS A 9 1.21 -11.64 4.48
CA LYS A 9 1.66 -11.70 3.10
C LYS A 9 0.61 -11.09 2.17
N LEU A 10 -0.64 -11.09 2.62
CA LEU A 10 -1.73 -10.53 1.82
C LEU A 10 -1.65 -9.01 1.78
N PHE A 11 -1.28 -8.41 2.91
CA PHE A 11 -1.18 -6.95 2.97
C PHE A 11 0.01 -6.46 2.17
N VAL A 12 1.16 -7.11 2.32
CA VAL A 12 2.34 -6.72 1.55
C VAL A 12 2.14 -7.03 0.08
N ASP A 13 1.11 -7.82 -0.24
CA ASP A 13 0.82 -8.18 -1.61
C ASP A 13 -0.29 -7.30 -2.18
N LYS A 14 -0.70 -6.28 -1.44
CA LYS A 14 -1.74 -5.38 -1.92
C LYS A 14 -1.15 -4.00 -2.11
N ILE A 15 -0.19 -3.65 -1.26
CA ILE A 15 0.47 -2.38 -1.40
C ILE A 15 1.57 -2.49 -2.45
N ARG A 16 1.99 -3.72 -2.74
CA ARG A 16 2.99 -3.93 -3.75
C ARG A 16 2.30 -4.15 -5.10
N GLU A 17 0.97 -3.95 -5.10
CA GLU A 17 0.19 -4.12 -6.31
C GLU A 17 -0.43 -2.80 -6.77
N TYR A 18 -0.38 -1.79 -5.91
CA TYR A 18 -0.91 -0.48 -6.23
C TYR A 18 0.27 0.49 -6.42
N ARG A 19 1.34 0.27 -5.67
CA ARG A 19 2.52 1.11 -5.77
C ARG A 19 3.34 0.67 -6.96
N THR A 20 3.17 -0.60 -7.33
CA THR A 20 3.85 -1.18 -8.46
C THR A 20 3.45 -0.45 -9.74
N LYS A 21 2.17 -0.09 -9.82
CA LYS A 21 1.65 0.63 -10.98
C LYS A 21 2.40 1.95 -11.17
N ARG A 22 2.96 2.47 -10.08
CA ARG A 22 3.69 3.73 -10.12
C ARG A 22 4.96 3.57 -10.95
N GLN A 23 5.45 2.34 -11.08
CA GLN A 23 6.65 2.07 -11.85
C GLN A 23 6.34 1.94 -13.33
N THR A 24 5.59 2.90 -13.88
CA THR A 24 5.22 2.88 -15.28
C THR A 24 6.30 3.54 -16.14
N SER A 25 6.99 4.53 -15.56
CA SER A 25 8.04 5.24 -16.26
C SER A 25 9.41 4.93 -15.66
N GLY A 26 10.42 5.69 -16.06
CA GLY A 26 11.76 5.47 -15.55
C GLY A 26 11.91 5.93 -14.11
N GLY A 27 11.11 6.92 -13.71
CA GLY A 27 11.18 7.44 -12.37
C GLY A 27 10.03 6.96 -11.50
N PRO A 28 10.20 5.85 -10.77
CA PRO A 28 9.15 5.30 -9.90
C PRO A 28 8.86 6.20 -8.71
N VAL A 29 9.92 6.63 -8.02
CA VAL A 29 9.78 7.50 -6.86
C VAL A 29 10.99 8.40 -6.69
N ASP A 30 11.60 8.78 -7.81
CA ASP A 30 12.77 9.65 -7.79
C ASP A 30 13.90 9.01 -6.98
N ALA A 31 14.23 7.77 -7.34
CA ALA A 31 15.29 7.04 -6.65
C ALA A 31 16.07 6.15 -7.60
N GLY A 32 15.33 5.40 -8.43
CA GLY A 32 15.97 4.51 -9.39
C GLY A 32 15.50 3.07 -9.24
N PRO A 33 15.52 2.28 -10.33
CA PRO A 33 15.10 0.89 -10.29
C PRO A 33 16.09 -0.01 -9.54
N GLU A 34 16.27 0.28 -8.26
CA GLU A 34 17.18 -0.50 -7.43
C GLU A 34 17.13 -0.01 -5.99
N TYR A 35 16.05 -0.35 -5.32
CA TYR A 35 15.82 0.06 -3.94
C TYR A 35 14.51 -0.55 -3.42
N GLN A 36 14.17 -1.74 -3.93
CA GLN A 36 12.94 -2.42 -3.54
C GLN A 36 12.76 -2.44 -2.01
N GLN A 37 13.83 -2.15 -1.29
CA GLN A 37 13.78 -2.13 0.17
C GLN A 37 13.40 -0.74 0.69
N ASP A 38 13.67 0.29 -0.12
CA ASP A 38 13.36 1.65 0.24
C ASP A 38 11.94 2.00 -0.22
N LEU A 39 11.42 1.23 -1.15
CA LEU A 39 10.07 1.44 -1.68
C LEU A 39 9.04 0.76 -0.80
N ASP A 40 9.44 -0.35 -0.18
CA ASP A 40 8.54 -1.10 0.70
C ASP A 40 8.41 -0.42 2.05
N ARG A 41 9.45 0.31 2.45
CA ARG A 41 9.44 1.01 3.73
C ARG A 41 8.58 2.27 3.65
N GLU A 42 8.51 2.85 2.46
CA GLU A 42 7.71 4.06 2.24
C GLU A 42 6.23 3.72 2.15
N LEU A 43 5.91 2.68 1.38
CA LEU A 43 4.53 2.25 1.22
C LEU A 43 4.04 1.51 2.46
N PHE A 44 4.99 1.10 3.31
CA PHE A 44 4.65 0.40 4.54
C PHE A 44 4.32 1.41 5.64
N LYS A 45 4.84 2.62 5.48
CA LYS A 45 4.61 3.68 6.46
C LYS A 45 3.16 4.15 6.42
N LEU A 46 2.52 4.04 5.26
CA LEU A 46 1.14 4.45 5.11
C LEU A 46 0.24 3.62 6.00
N LYS A 47 0.50 2.31 6.05
CA LYS A 47 -0.29 1.41 6.88
C LYS A 47 -0.24 1.83 8.33
N GLN A 48 0.90 2.40 8.74
CA GLN A 48 1.08 2.85 10.12
C GLN A 48 0.24 4.10 10.38
N MET A 49 0.04 4.91 9.34
CA MET A 49 -0.75 6.12 9.46
C MET A 49 -2.23 5.79 9.33
N TYR A 50 -2.52 4.78 8.50
CA TYR A 50 -3.89 4.35 8.28
C TYR A 50 -4.39 3.54 9.47
N GLY A 51 -3.48 2.83 10.13
CA GLY A 51 -3.86 2.03 11.27
C GLY A 51 -4.11 2.86 12.51
N LYS A 52 -3.46 4.02 12.58
CA LYS A 52 -3.62 4.92 13.73
C LYS A 52 -4.25 6.24 13.30
N ALA A 53 -4.93 6.23 12.15
CA ALA A 53 -5.58 7.44 11.65
C ALA A 53 -6.99 7.58 12.20
N ASP A 54 -7.85 6.62 11.87
CA ASP A 54 -9.24 6.63 12.33
C ASP A 54 -10.08 5.61 11.55
N MET A 55 -9.65 5.26 10.34
CA MET A 55 -10.36 4.30 9.50
C MET A 55 -11.54 4.97 8.82
N ASN A 56 -11.44 6.27 8.60
CA ASN A 56 -12.49 7.04 7.94
C ASN A 56 -11.96 7.68 6.66
N THR A 57 -10.80 7.22 6.20
CA THR A 57 -10.21 7.75 4.99
C THR A 57 -9.43 6.67 4.24
N PHE A 58 -10.11 5.57 3.92
CA PHE A 58 -9.48 4.47 3.20
C PHE A 58 -9.87 4.50 1.73
N PRO A 59 -8.95 4.97 0.86
CA PRO A 59 -9.21 5.06 -0.57
C PRO A 59 -8.81 3.80 -1.33
N ASN A 60 -7.54 3.42 -1.20
CA ASN A 60 -7.04 2.23 -1.88
C ASN A 60 -6.65 1.14 -0.87
N PHE A 61 -6.27 1.56 0.32
CA PHE A 61 -5.88 0.62 1.37
C PHE A 61 -6.99 -0.39 1.65
N THR A 62 -8.23 0.01 1.42
CA THR A 62 -9.38 -0.85 1.65
C THR A 62 -9.21 -2.19 0.93
N PHE A 63 -8.85 -2.15 -0.35
CA PHE A 63 -8.67 -3.36 -1.14
C PHE A 63 -9.78 -4.36 -0.85
N GLU A 64 -11.01 -3.85 -0.81
CA GLU A 64 -12.17 -4.68 -0.52
C GLU A 64 -12.19 -5.05 0.97
N ASP A 65 -12.12 -4.02 1.82
CA ASP A 65 -12.12 -4.21 3.27
C ASP A 65 -13.08 -5.31 3.71
N PRO A 66 -12.93 -5.79 4.97
CA PRO A 66 -13.78 -6.82 5.56
C PRO A 66 -15.26 -6.68 5.19
N LYS A 67 -15.68 -5.46 4.91
CA LYS A 67 -17.08 -5.21 4.53
C LYS A 67 -17.51 -6.19 3.43
N PHE A 68 -16.52 -6.65 2.65
CA PHE A 68 -16.78 -7.61 1.57
C PHE A 68 -16.89 -9.04 2.07
N GLU A 69 -16.87 -9.23 3.39
CA GLU A 69 -16.96 -10.56 3.97
C GLU A 69 -16.96 -10.49 5.50
N VAL A 70 -18.02 -11.01 6.11
CA VAL A 70 -18.14 -11.01 7.56
C VAL A 70 -19.11 -12.09 8.04
N VAL A 71 -19.17 -13.18 7.29
CA VAL A 71 -20.06 -14.29 7.63
C VAL A 71 -19.36 -15.63 7.48
N GLU A 72 -18.11 -15.71 7.95
CA GLU A 72 -17.32 -16.93 7.85
C GLU A 72 -17.15 -17.35 6.40
N LYS A 73 -16.51 -16.50 5.62
CA LYS A 73 -16.27 -16.78 4.21
C LYS A 73 -17.59 -16.98 3.46
N PRO A 74 -17.57 -16.84 2.12
CA PRO A 74 -18.77 -17.00 1.29
C PRO A 74 -19.21 -18.46 1.19
N GLN A 75 -19.56 -19.04 2.33
CA GLN A 75 -20.01 -20.43 2.37
C GLN A 75 -21.32 -20.56 3.12
N SER A 76 -21.42 -19.92 4.27
CA SER A 76 -22.62 -19.96 5.08
C SER A 76 -23.81 -19.40 4.32
N ASN A 1 6.75 -7.46 5.69
CA ASN A 1 7.81 -7.94 6.60
C ASN A 1 7.99 -9.46 6.49
N LYS A 2 8.86 -10.00 7.34
CA LYS A 2 9.12 -11.44 7.34
C LYS A 2 8.07 -12.19 8.14
N GLU A 3 7.52 -11.53 9.15
CA GLU A 3 6.50 -12.13 10.00
C GLU A 3 5.65 -11.06 10.68
N LEU A 4 4.55 -10.69 10.03
CA LEU A 4 3.66 -9.68 10.58
C LEU A 4 2.39 -10.31 11.12
N ASP A 5 1.75 -11.14 10.30
CA ASP A 5 0.52 -11.83 10.68
C ASP A 5 -0.12 -12.48 9.47
N PRO A 6 -1.19 -13.27 9.67
CA PRO A 6 -1.88 -13.95 8.58
C PRO A 6 -2.81 -13.02 7.79
N VAL A 7 -2.27 -11.91 7.32
CA VAL A 7 -3.04 -10.93 6.56
C VAL A 7 -2.19 -9.75 6.14
N GLN A 8 -1.40 -9.22 7.08
CA GLN A 8 -0.54 -8.08 6.80
C GLN A 8 0.38 -8.36 5.61
N LYS A 9 0.63 -9.64 5.33
CA LYS A 9 1.48 -10.03 4.22
C LYS A 9 0.81 -9.73 2.88
N LEU A 10 -0.45 -10.13 2.75
CA LEU A 10 -1.20 -9.89 1.52
C LEU A 10 -1.23 -8.40 1.19
N PHE A 11 -1.18 -7.58 2.23
CA PHE A 11 -1.19 -6.14 2.07
C PHE A 11 0.05 -5.67 1.34
N VAL A 12 1.22 -6.01 1.88
CA VAL A 12 2.49 -5.63 1.28
C VAL A 12 2.60 -6.14 -0.15
N ASP A 13 1.95 -7.26 -0.43
CA ASP A 13 1.98 -7.83 -1.77
C ASP A 13 0.80 -7.36 -2.61
N LYS A 14 0.03 -6.42 -2.07
CA LYS A 14 -1.10 -5.86 -2.78
C LYS A 14 -0.83 -4.39 -3.06
N ILE A 15 -0.12 -3.75 -2.14
CA ILE A 15 0.24 -2.37 -2.31
C ILE A 15 1.42 -2.25 -3.25
N ARG A 16 2.26 -3.27 -3.26
CA ARG A 16 3.39 -3.28 -4.17
C ARG A 16 2.91 -3.77 -5.53
N GLU A 17 1.59 -3.97 -5.65
CA GLU A 17 0.99 -4.44 -6.87
C GLU A 17 0.23 -3.33 -7.59
N TYR A 18 0.12 -2.18 -6.95
CA TYR A 18 -0.56 -1.05 -7.55
C TYR A 18 0.48 -0.03 -8.02
N ARG A 19 1.51 0.17 -7.19
CA ARG A 19 2.57 1.11 -7.52
C ARG A 19 3.33 0.59 -8.72
N THR A 20 3.41 -0.74 -8.79
CA THR A 20 4.07 -1.41 -9.90
C THR A 20 3.58 -0.85 -11.23
N LYS A 21 2.28 -0.56 -11.28
CA LYS A 21 1.68 -0.02 -12.49
C LYS A 21 2.25 1.35 -12.84
N ARG A 22 2.84 2.02 -11.86
CA ARG A 22 3.42 3.34 -12.08
C ARG A 22 4.94 3.29 -12.03
N GLN A 23 5.48 2.64 -11.00
CA GLN A 23 6.92 2.50 -10.82
C GLN A 23 7.66 3.78 -11.23
N THR A 24 7.30 4.89 -10.61
CA THR A 24 7.92 6.18 -10.90
C THR A 24 7.50 7.24 -9.89
N SER A 25 8.29 7.38 -8.83
CA SER A 25 8.00 8.37 -7.79
C SER A 25 8.92 9.56 -7.91
N GLY A 26 8.84 10.46 -6.93
CA GLY A 26 9.68 11.65 -6.94
C GLY A 26 10.72 11.64 -5.84
N GLY A 27 11.14 10.44 -5.44
CA GLY A 27 12.14 10.31 -4.40
C GLY A 27 13.10 9.17 -4.65
N PRO A 28 13.43 8.37 -3.63
CA PRO A 28 14.36 7.24 -3.77
C PRO A 28 13.79 6.14 -4.67
N VAL A 29 12.47 6.06 -4.72
CA VAL A 29 11.80 5.05 -5.54
C VAL A 29 12.19 5.19 -7.01
N ASP A 30 12.48 6.41 -7.42
CA ASP A 30 12.88 6.69 -8.80
C ASP A 30 14.40 6.78 -8.91
N ALA A 31 15.10 6.04 -8.07
CA ALA A 31 16.56 6.05 -8.07
C ALA A 31 17.10 4.85 -8.85
N GLY A 32 16.40 4.48 -9.91
CA GLY A 32 16.83 3.36 -10.73
C GLY A 32 16.50 2.02 -10.09
N PRO A 33 16.54 0.92 -10.86
CA PRO A 33 16.25 -0.42 -10.33
C PRO A 33 17.24 -0.85 -9.26
N GLU A 34 16.97 -0.45 -8.01
CA GLU A 34 17.83 -0.80 -6.89
C GLU A 34 17.44 -0.01 -5.65
N TYR A 35 16.37 -0.45 -4.99
CA TYR A 35 15.86 0.21 -3.78
C TYR A 35 14.58 -0.48 -3.29
N GLN A 36 14.41 -1.75 -3.64
CA GLN A 36 13.22 -2.51 -3.24
C GLN A 36 12.89 -2.30 -1.76
N GLN A 37 13.87 -1.85 -1.00
CA GLN A 37 13.69 -1.60 0.42
C GLN A 37 13.08 -0.23 0.68
N ASP A 38 13.18 0.65 -0.31
CA ASP A 38 12.63 2.00 -0.20
C ASP A 38 11.14 2.00 -0.51
N LEU A 39 10.69 1.03 -1.30
CA LEU A 39 9.29 0.92 -1.66
C LEU A 39 8.49 0.28 -0.53
N ASP A 40 9.14 -0.62 0.21
CA ASP A 40 8.49 -1.30 1.31
C ASP A 40 8.27 -0.36 2.49
N ARG A 41 9.16 0.62 2.64
CA ARG A 41 9.05 1.57 3.74
C ARG A 41 7.85 2.50 3.54
N GLU A 42 7.52 2.79 2.28
CA GLU A 42 6.39 3.65 1.97
C GLU A 42 5.08 2.93 2.24
N LEU A 43 4.98 1.70 1.76
CA LEU A 43 3.79 0.90 1.96
C LEU A 43 3.67 0.50 3.42
N PHE A 44 4.82 0.20 4.03
CA PHE A 44 4.86 -0.19 5.43
C PHE A 44 4.41 1.00 6.31
N LYS A 45 4.53 2.20 5.76
CA LYS A 45 4.15 3.41 6.47
C LYS A 45 2.64 3.45 6.70
N LEU A 46 1.88 2.76 5.85
CA LEU A 46 0.44 2.74 5.97
C LEU A 46 0.03 2.05 7.27
N LYS A 47 0.62 0.89 7.55
CA LYS A 47 0.32 0.16 8.77
C LYS A 47 0.46 1.07 9.98
N GLN A 48 1.31 2.08 9.86
CA GLN A 48 1.53 3.04 10.94
C GLN A 48 0.47 4.13 10.88
N MET A 49 0.01 4.44 9.68
CA MET A 49 -1.00 5.47 9.49
C MET A 49 -2.37 4.93 9.89
N TYR A 50 -2.56 3.62 9.72
CA TYR A 50 -3.83 2.98 10.05
C TYR A 50 -3.89 2.68 11.55
N GLY A 51 -2.74 2.40 12.14
CA GLY A 51 -2.69 2.10 13.56
C GLY A 51 -2.62 3.35 14.41
N LYS A 52 -2.21 4.46 13.81
CA LYS A 52 -2.09 5.72 14.52
C LYS A 52 -3.28 6.63 14.22
N ALA A 53 -3.90 6.43 13.07
CA ALA A 53 -5.06 7.24 12.67
C ALA A 53 -6.18 7.13 13.71
N ASP A 54 -7.01 6.10 13.57
CA ASP A 54 -8.12 5.89 14.49
C ASP A 54 -9.05 4.79 13.98
N MET A 55 -9.97 5.15 13.08
CA MET A 55 -10.91 4.20 12.52
C MET A 55 -11.87 4.89 11.55
N ASN A 56 -11.35 5.85 10.79
CA ASN A 56 -12.15 6.58 9.83
C ASN A 56 -12.13 5.90 8.46
N THR A 57 -11.03 5.22 8.17
CA THR A 57 -10.89 4.52 6.90
C THR A 57 -10.15 3.20 7.08
N PHE A 58 -10.65 2.37 8.00
CA PHE A 58 -10.03 1.09 8.27
C PHE A 58 -10.86 -0.07 7.68
N PRO A 59 -10.86 -0.21 6.34
CA PRO A 59 -11.60 -1.29 5.68
C PRO A 59 -10.93 -2.64 5.90
N ASN A 60 -9.60 -2.65 5.74
CA ASN A 60 -8.80 -3.86 5.91
C ASN A 60 -7.51 -3.75 5.12
N PHE A 61 -7.62 -3.24 3.90
CA PHE A 61 -6.46 -3.07 3.01
C PHE A 61 -6.90 -2.77 1.58
N THR A 62 -7.95 -1.96 1.44
CA THR A 62 -8.46 -1.61 0.13
C THR A 62 -7.66 -0.46 -0.50
N PHE A 63 -7.46 0.60 0.27
CA PHE A 63 -6.71 1.77 -0.21
C PHE A 63 -7.51 2.51 -1.27
N GLU A 64 -7.86 1.80 -2.33
CA GLU A 64 -8.63 2.37 -3.43
C GLU A 64 -9.07 1.28 -4.39
N ASP A 65 -9.35 0.10 -3.85
CA ASP A 65 -9.79 -1.04 -4.66
C ASP A 65 -10.95 -0.64 -5.58
N PRO A 66 -11.17 -1.42 -6.65
CA PRO A 66 -12.25 -1.15 -7.62
C PRO A 66 -13.60 -1.68 -7.14
N LYS A 67 -13.64 -2.18 -5.92
CA LYS A 67 -14.88 -2.72 -5.34
C LYS A 67 -16.02 -1.73 -5.48
N PHE A 68 -15.68 -0.44 -5.63
CA PHE A 68 -16.69 0.60 -5.77
C PHE A 68 -16.89 0.96 -7.24
N GLU A 69 -16.68 0.00 -8.11
CA GLU A 69 -16.86 0.21 -9.55
C GLU A 69 -15.82 1.20 -10.07
N VAL A 70 -15.08 0.79 -11.09
CA VAL A 70 -14.06 1.64 -11.70
C VAL A 70 -13.38 0.94 -12.87
N VAL A 71 -14.16 0.20 -13.64
CA VAL A 71 -13.64 -0.53 -14.80
C VAL A 71 -13.07 0.44 -15.83
N GLU A 72 -13.87 1.42 -16.22
CA GLU A 72 -13.45 2.41 -17.21
C GLU A 72 -13.14 1.74 -18.55
N LYS A 73 -13.86 0.66 -18.83
CA LYS A 73 -13.67 -0.08 -20.08
C LYS A 73 -15.01 -0.40 -20.73
N PRO A 74 -15.63 0.60 -21.40
CA PRO A 74 -16.92 0.42 -22.06
C PRO A 74 -16.87 -0.68 -23.13
N GLN A 75 -16.23 -0.39 -24.25
CA GLN A 75 -16.11 -1.35 -25.34
C GLN A 75 -14.68 -1.86 -25.46
N SER A 76 -13.77 -0.97 -25.86
CA SER A 76 -12.37 -1.33 -26.03
C SER A 76 -11.74 -1.68 -24.68
N ASN A 1 8.83 -10.76 6.55
CA ASN A 1 8.29 -10.55 7.92
C ASN A 1 6.92 -11.22 8.08
N LYS A 2 6.80 -12.07 9.08
CA LYS A 2 5.54 -12.77 9.34
C LYS A 2 5.17 -12.67 10.83
N GLU A 3 5.44 -11.52 11.43
CA GLU A 3 5.13 -11.30 12.83
C GLU A 3 3.78 -10.60 12.98
N LEU A 4 2.79 -11.06 12.23
CA LEU A 4 1.45 -10.48 12.29
C LEU A 4 0.39 -11.58 12.30
N ASP A 5 -0.05 -12.02 11.13
CA ASP A 5 -1.06 -13.06 11.02
C ASP A 5 -1.04 -13.66 9.61
N PRO A 6 -1.85 -14.69 9.37
CA PRO A 6 -1.91 -15.35 8.06
C PRO A 6 -2.83 -14.62 7.08
N VAL A 7 -2.68 -13.30 6.99
CA VAL A 7 -3.50 -12.50 6.09
C VAL A 7 -2.91 -11.11 5.90
N GLN A 8 -2.45 -10.49 6.97
CA GLN A 8 -1.88 -9.15 6.90
C GLN A 8 -0.54 -9.17 6.15
N LYS A 9 -0.02 -10.36 5.87
CA LYS A 9 1.24 -10.48 5.14
C LYS A 9 0.99 -10.58 3.64
N LEU A 10 -0.27 -10.83 3.26
CA LEU A 10 -0.63 -10.94 1.86
C LEU A 10 -0.91 -9.57 1.26
N PHE A 11 -1.53 -8.70 2.05
CA PHE A 11 -1.86 -7.35 1.59
C PHE A 11 -0.59 -6.50 1.45
N VAL A 12 0.44 -6.84 2.22
CA VAL A 12 1.68 -6.09 2.16
C VAL A 12 2.50 -6.46 0.93
N ASP A 13 2.22 -7.64 0.37
CA ASP A 13 2.94 -8.09 -0.83
C ASP A 13 2.11 -7.84 -2.10
N LYS A 14 0.99 -7.14 -1.95
CA LYS A 14 0.15 -6.81 -3.08
C LYS A 14 0.11 -5.31 -3.23
N ILE A 15 0.26 -4.63 -2.10
CA ILE A 15 0.28 -3.19 -2.11
C ILE A 15 1.65 -2.72 -2.59
N ARG A 16 2.62 -3.62 -2.62
CA ARG A 16 3.93 -3.29 -3.11
C ARG A 16 3.98 -3.51 -4.62
N GLU A 17 2.83 -3.87 -5.18
CA GLU A 17 2.72 -4.12 -6.61
C GLU A 17 1.87 -3.05 -7.31
N TYR A 18 0.98 -2.44 -6.55
CA TYR A 18 0.11 -1.39 -7.08
C TYR A 18 0.70 -0.01 -6.80
N ARG A 19 1.50 0.09 -5.72
CA ARG A 19 2.11 1.36 -5.36
C ARG A 19 3.43 1.50 -6.10
N THR A 20 3.99 0.36 -6.46
CA THR A 20 5.24 0.31 -7.20
C THR A 20 5.04 0.91 -8.59
N LYS A 21 3.87 0.66 -9.17
CA LYS A 21 3.56 1.17 -10.49
C LYS A 21 3.44 2.69 -10.48
N ARG A 22 2.67 3.20 -9.51
CA ARG A 22 2.49 4.63 -9.37
C ARG A 22 3.80 5.32 -9.00
N GLN A 23 4.78 4.53 -8.56
CA GLN A 23 6.08 5.07 -8.17
C GLN A 23 7.02 5.19 -9.38
N THR A 24 6.50 4.98 -10.58
CA THR A 24 7.30 5.07 -11.79
C THR A 24 8.11 6.37 -11.82
N SER A 25 9.35 6.30 -11.35
CA SER A 25 10.22 7.47 -11.31
C SER A 25 11.61 7.11 -10.78
N GLY A 26 12.38 8.12 -10.42
CA GLY A 26 13.72 7.90 -9.91
C GLY A 26 14.33 9.15 -9.32
N GLY A 27 14.23 9.29 -8.01
CA GLY A 27 14.77 10.47 -7.34
C GLY A 27 14.78 10.34 -5.83
N PRO A 28 13.61 10.17 -5.19
CA PRO A 28 13.52 10.04 -3.73
C PRO A 28 14.56 9.09 -3.14
N VAL A 29 15.00 8.13 -3.95
CA VAL A 29 15.99 7.17 -3.50
C VAL A 29 16.54 6.35 -4.67
N ASP A 30 17.02 7.03 -5.70
CA ASP A 30 17.54 6.34 -6.88
C ASP A 30 16.60 5.19 -7.23
N ALA A 31 15.30 5.53 -7.25
CA ALA A 31 14.25 4.56 -7.52
C ALA A 31 14.29 4.03 -8.95
N GLY A 32 15.45 3.53 -9.34
CA GLY A 32 15.60 2.95 -10.66
C GLY A 32 15.26 1.49 -10.65
N PRO A 33 16.08 0.63 -11.28
CA PRO A 33 15.84 -0.80 -11.32
C PRO A 33 16.56 -1.55 -10.21
N GLU A 34 16.57 -0.98 -9.00
CA GLU A 34 17.22 -1.63 -7.87
C GLU A 34 16.99 -0.85 -6.60
N TYR A 35 15.77 -0.94 -6.11
CA TYR A 35 15.37 -0.26 -4.89
C TYR A 35 14.05 -0.85 -4.37
N GLN A 36 13.74 -2.07 -4.78
CA GLN A 36 12.51 -2.73 -4.37
C GLN A 36 12.27 -2.62 -2.86
N GLN A 37 13.33 -2.28 -2.13
CA GLN A 37 13.23 -2.13 -0.68
C GLN A 37 12.83 -0.71 -0.29
N ASP A 38 12.94 0.22 -1.24
CA ASP A 38 12.58 1.61 -0.99
C ASP A 38 11.10 1.85 -1.29
N LEU A 39 10.52 0.99 -2.12
CA LEU A 39 9.12 1.11 -2.49
C LEU A 39 8.23 0.51 -1.40
N ASP A 40 8.77 -0.44 -0.66
CA ASP A 40 8.03 -1.10 0.41
C ASP A 40 8.01 -0.23 1.67
N ARG A 41 8.97 0.69 1.77
CA ARG A 41 9.05 1.57 2.91
C ARG A 41 7.96 2.65 2.83
N GLU A 42 7.59 3.00 1.60
CA GLU A 42 6.56 4.01 1.39
C GLU A 42 5.18 3.40 1.64
N LEU A 43 4.98 2.18 1.14
CA LEU A 43 3.72 1.49 1.32
C LEU A 43 3.57 1.07 2.78
N PHE A 44 4.67 0.63 3.37
CA PHE A 44 4.67 0.21 4.76
C PHE A 44 4.36 1.40 5.67
N LYS A 45 4.54 2.61 5.15
CA LYS A 45 4.28 3.82 5.92
C LYS A 45 2.78 4.04 6.11
N LEU A 46 1.98 3.48 5.20
CA LEU A 46 0.53 3.62 5.30
C LEU A 46 0.01 2.89 6.54
N LYS A 47 0.50 1.67 6.76
CA LYS A 47 0.08 0.88 7.91
C LYS A 47 0.20 1.68 9.19
N GLN A 48 1.16 2.60 9.23
CA GLN A 48 1.38 3.43 10.41
C GLN A 48 0.30 4.50 10.52
N MET A 49 -0.14 5.00 9.38
CA MET A 49 -1.19 6.02 9.35
C MET A 49 -2.55 5.39 9.59
N TYR A 50 -2.71 4.16 9.12
CA TYR A 50 -3.96 3.43 9.28
C TYR A 50 -4.16 3.02 10.74
N GLY A 51 -3.05 2.78 11.43
CA GLY A 51 -3.13 2.39 12.83
C GLY A 51 -3.58 3.53 13.72
N LYS A 52 -3.35 4.76 13.26
CA LYS A 52 -3.74 5.95 14.01
C LYS A 52 -4.64 6.85 13.18
N ALA A 53 -5.42 6.24 12.29
CA ALA A 53 -6.34 6.99 11.44
C ALA A 53 -7.73 7.07 12.05
N ASP A 54 -8.14 5.99 12.71
CA ASP A 54 -9.45 5.95 13.35
C ASP A 54 -10.57 5.98 12.30
N MET A 55 -10.43 5.14 11.27
CA MET A 55 -11.42 5.07 10.21
C MET A 55 -11.54 6.41 9.48
N ASN A 56 -10.79 6.54 8.39
CA ASN A 56 -10.81 7.78 7.59
C ASN A 56 -9.85 7.68 6.41
N THR A 57 -8.74 6.96 6.59
CA THR A 57 -7.75 6.81 5.53
C THR A 57 -7.99 5.55 4.70
N PHE A 58 -9.23 5.07 4.69
CA PHE A 58 -9.57 3.87 3.93
C PHE A 58 -10.01 4.22 2.51
N PRO A 59 -11.11 4.98 2.35
CA PRO A 59 -11.64 5.38 1.05
C PRO A 59 -10.54 5.68 0.02
N ASN A 60 -9.48 6.34 0.46
CA ASN A 60 -8.37 6.67 -0.43
C ASN A 60 -7.81 5.41 -1.07
N PHE A 61 -7.63 4.37 -0.27
CA PHE A 61 -7.10 3.10 -0.75
C PHE A 61 -8.14 1.99 -0.60
N THR A 62 -8.33 1.54 0.65
CA THR A 62 -9.30 0.49 0.97
C THR A 62 -8.71 -0.91 0.75
N PHE A 63 -7.84 -1.05 -0.24
CA PHE A 63 -7.21 -2.35 -0.53
C PHE A 63 -8.22 -3.49 -0.44
N GLU A 64 -9.43 -3.24 -0.96
CA GLU A 64 -10.49 -4.23 -0.94
C GLU A 64 -11.00 -4.46 0.48
N ASP A 65 -11.12 -3.37 1.24
CA ASP A 65 -11.60 -3.45 2.62
C ASP A 65 -12.90 -4.25 2.71
N PRO A 66 -13.42 -4.47 3.93
CA PRO A 66 -14.66 -5.24 4.15
C PRO A 66 -15.92 -4.44 3.80
N LYS A 67 -15.82 -3.52 2.85
CA LYS A 67 -16.97 -2.72 2.44
C LYS A 67 -17.69 -2.13 3.64
N PHE A 68 -16.96 -1.91 4.72
CA PHE A 68 -17.54 -1.34 5.94
C PHE A 68 -18.16 0.02 5.67
N GLU A 69 -17.44 0.86 4.93
CA GLU A 69 -17.92 2.20 4.60
C GLU A 69 -16.93 2.91 3.68
N VAL A 70 -16.71 2.35 2.50
CA VAL A 70 -15.80 2.93 1.53
C VAL A 70 -16.55 3.71 0.45
N VAL A 71 -17.66 3.14 -0.02
CA VAL A 71 -18.46 3.76 -1.05
C VAL A 71 -19.82 3.07 -1.20
N GLU A 72 -20.64 3.16 -0.16
CA GLU A 72 -21.96 2.54 -0.17
C GLU A 72 -22.81 3.10 -1.30
N LYS A 73 -22.58 4.37 -1.64
CA LYS A 73 -23.33 5.02 -2.70
C LYS A 73 -22.40 5.46 -3.82
N PRO A 74 -22.14 4.57 -4.80
CA PRO A 74 -21.26 4.87 -5.93
C PRO A 74 -21.65 6.16 -6.65
N GLN A 75 -22.93 6.50 -6.56
CA GLN A 75 -23.44 7.70 -7.20
C GLN A 75 -23.22 7.66 -8.71
N SER A 76 -24.26 7.26 -9.44
CA SER A 76 -24.17 7.18 -10.90
C SER A 76 -25.55 6.93 -11.50
N ASN A 1 8.55 -12.52 14.05
CA ASN A 1 8.70 -11.16 14.63
C ASN A 1 7.54 -10.83 15.56
N LYS A 2 7.49 -9.58 16.02
CA LYS A 2 6.44 -9.13 16.92
C LYS A 2 5.71 -7.93 16.33
N GLU A 3 5.53 -7.93 15.01
CA GLU A 3 4.85 -6.84 14.33
C GLU A 3 4.37 -7.28 12.95
N LEU A 4 3.16 -7.82 12.89
CA LEU A 4 2.58 -8.28 11.63
C LEU A 4 1.20 -8.90 11.87
N ASP A 5 0.17 -8.16 11.50
CA ASP A 5 -1.20 -8.62 11.66
C ASP A 5 -1.48 -9.80 10.72
N PRO A 6 -2.47 -10.65 11.06
CA PRO A 6 -2.82 -11.81 10.23
C PRO A 6 -3.59 -11.42 8.98
N VAL A 7 -3.01 -10.53 8.19
CA VAL A 7 -3.63 -10.07 6.95
C VAL A 7 -2.78 -9.01 6.26
N GLN A 8 -2.33 -8.03 7.05
CA GLN A 8 -1.50 -6.96 6.50
C GLN A 8 -0.32 -7.55 5.71
N LYS A 9 0.09 -8.75 6.09
CA LYS A 9 1.19 -9.43 5.42
C LYS A 9 0.86 -9.60 3.93
N LEU A 10 -0.33 -10.10 3.66
CA LEU A 10 -0.78 -10.32 2.29
C LEU A 10 -0.89 -8.98 1.56
N PHE A 11 -1.35 -7.97 2.28
CA PHE A 11 -1.49 -6.64 1.71
C PHE A 11 -0.14 -6.07 1.31
N VAL A 12 0.88 -6.34 2.13
CA VAL A 12 2.22 -5.87 1.85
C VAL A 12 2.67 -6.36 0.48
N ASP A 13 2.11 -7.50 0.06
CA ASP A 13 2.45 -8.06 -1.24
C ASP A 13 1.44 -7.62 -2.29
N LYS A 14 0.68 -6.57 -1.97
CA LYS A 14 -0.29 -6.02 -2.89
C LYS A 14 0.08 -4.58 -3.17
N ILE A 15 0.49 -3.88 -2.12
CA ILE A 15 0.92 -2.52 -2.27
C ILE A 15 2.27 -2.50 -2.98
N ARG A 16 2.92 -3.66 -3.07
CA ARG A 16 4.18 -3.72 -3.77
C ARG A 16 3.91 -4.08 -5.22
N GLU A 17 2.62 -4.10 -5.58
CA GLU A 17 2.21 -4.43 -6.93
C GLU A 17 1.56 -3.23 -7.61
N TYR A 18 1.11 -2.27 -6.83
CA TYR A 18 0.48 -1.07 -7.37
C TYR A 18 1.48 0.09 -7.38
N ARG A 19 2.42 0.08 -6.43
CA ARG A 19 3.43 1.13 -6.37
C ARG A 19 4.58 0.77 -7.27
N THR A 20 4.70 -0.52 -7.56
CA THR A 20 5.73 -1.02 -8.44
C THR A 20 5.50 -0.54 -9.86
N LYS A 21 4.22 -0.47 -10.25
CA LYS A 21 3.86 -0.03 -11.59
C LYS A 21 4.29 1.41 -11.83
N ARG A 22 4.42 2.17 -10.75
CA ARG A 22 4.82 3.58 -10.84
C ARG A 22 6.33 3.71 -11.08
N GLN A 23 7.06 2.62 -10.89
CA GLN A 23 8.51 2.63 -11.08
C GLN A 23 8.89 3.19 -12.45
N THR A 24 8.08 2.87 -13.46
CA THR A 24 8.33 3.33 -14.81
C THR A 24 8.45 4.86 -14.85
N SER A 25 7.75 5.51 -13.93
CA SER A 25 7.77 6.97 -13.85
C SER A 25 7.57 7.43 -12.41
N GLY A 26 8.43 6.96 -11.52
CA GLY A 26 8.33 7.32 -10.11
C GLY A 26 8.45 8.81 -9.90
N GLY A 27 9.64 9.27 -9.55
CA GLY A 27 9.86 10.68 -9.31
C GLY A 27 10.41 10.97 -7.93
N PRO A 28 9.82 10.37 -6.86
CA PRO A 28 10.27 10.60 -5.49
C PRO A 28 11.52 9.81 -5.13
N VAL A 29 11.55 8.54 -5.53
CA VAL A 29 12.69 7.68 -5.24
C VAL A 29 13.62 7.57 -6.45
N ASP A 30 14.77 6.93 -6.24
CA ASP A 30 15.73 6.74 -7.33
C ASP A 30 15.03 6.23 -8.57
N ALA A 31 13.94 5.49 -8.35
CA ALA A 31 13.15 4.95 -9.44
C ALA A 31 13.97 3.99 -10.29
N GLY A 32 14.95 3.35 -9.67
CA GLY A 32 15.78 2.40 -10.38
C GLY A 32 15.06 1.09 -10.66
N PRO A 33 15.77 0.05 -11.11
CA PRO A 33 15.16 -1.24 -11.41
C PRO A 33 15.04 -2.13 -10.19
N GLU A 34 15.24 -1.57 -9.01
CA GLU A 34 15.13 -2.34 -7.78
C GLU A 34 14.88 -1.43 -6.58
N TYR A 35 14.27 -0.29 -6.86
CA TYR A 35 13.93 0.68 -5.82
C TYR A 35 12.83 0.12 -4.92
N GLN A 36 12.36 -1.10 -5.22
CA GLN A 36 11.29 -1.74 -4.45
C GLN A 36 11.48 -1.52 -2.94
N GLN A 37 12.73 -1.32 -2.55
CA GLN A 37 13.04 -1.10 -1.15
C GLN A 37 12.55 0.28 -0.69
N ASP A 38 12.28 1.16 -1.65
CA ASP A 38 11.79 2.50 -1.32
C ASP A 38 10.26 2.53 -1.29
N LEU A 39 9.65 1.67 -2.10
CA LEU A 39 8.20 1.60 -2.16
C LEU A 39 7.67 0.68 -1.06
N ASP A 40 8.50 -0.27 -0.64
CA ASP A 40 8.11 -1.20 0.42
C ASP A 40 8.31 -0.57 1.79
N ARG A 41 9.26 0.36 1.87
CA ARG A 41 9.55 1.05 3.12
C ARG A 41 8.49 2.12 3.40
N GLU A 42 8.10 2.83 2.36
CA GLU A 42 7.09 3.87 2.49
C GLU A 42 5.69 3.26 2.51
N LEU A 43 5.63 1.93 2.34
CA LEU A 43 4.36 1.23 2.36
C LEU A 43 4.06 0.75 3.77
N PHE A 44 5.09 0.22 4.43
CA PHE A 44 4.94 -0.28 5.78
C PHE A 44 4.44 0.84 6.71
N LYS A 45 4.83 2.07 6.41
CA LYS A 45 4.41 3.21 7.23
C LYS A 45 2.89 3.34 7.23
N LEU A 46 2.25 2.93 6.13
CA LEU A 46 0.80 2.99 6.02
C LEU A 46 0.16 2.15 7.12
N LYS A 47 0.55 0.87 7.19
CA LYS A 47 0.01 -0.05 8.20
C LYS A 47 0.00 0.61 9.57
N GLN A 48 0.95 1.50 9.80
CA GLN A 48 1.06 2.20 11.08
C GLN A 48 0.01 3.29 11.17
N MET A 49 -0.23 3.97 10.06
CA MET A 49 -1.22 5.05 10.02
C MET A 49 -2.64 4.47 10.03
N TYR A 50 -2.79 3.33 9.36
CA TYR A 50 -4.08 2.65 9.30
C TYR A 50 -4.47 2.10 10.66
N GLY A 51 -3.47 1.77 11.47
CA GLY A 51 -3.73 1.23 12.80
C GLY A 51 -4.30 2.27 13.74
N LYS A 52 -3.98 3.53 13.49
CA LYS A 52 -4.47 4.62 14.33
C LYS A 52 -5.89 5.03 13.94
N ALA A 53 -6.22 4.86 12.66
CA ALA A 53 -7.54 5.20 12.16
C ALA A 53 -8.46 3.99 12.13
N ASP A 54 -7.87 2.80 12.01
CA ASP A 54 -8.65 1.57 11.96
C ASP A 54 -9.41 1.46 10.64
N MET A 55 -8.69 1.62 9.54
CA MET A 55 -9.29 1.54 8.20
C MET A 55 -10.60 2.32 8.14
N ASN A 56 -10.61 3.50 8.76
CA ASN A 56 -11.80 4.34 8.78
C ASN A 56 -11.43 5.82 8.81
N THR A 57 -10.27 6.14 8.23
CA THR A 57 -9.81 7.52 8.19
C THR A 57 -8.53 7.65 7.37
N PHE A 58 -7.54 6.82 7.71
CA PHE A 58 -6.25 6.84 7.02
C PHE A 58 -5.73 8.27 6.89
N PRO A 59 -4.59 8.48 6.21
CA PRO A 59 -4.01 9.81 6.03
C PRO A 59 -4.58 10.53 4.83
N ASN A 60 -4.40 9.92 3.67
CA ASN A 60 -4.89 10.46 2.41
C ASN A 60 -4.54 9.54 1.26
N PHE A 61 -4.44 8.25 1.56
CA PHE A 61 -4.09 7.25 0.55
C PHE A 61 -5.29 6.34 0.27
N THR A 62 -5.61 5.47 1.23
CA THR A 62 -6.73 4.56 1.07
C THR A 62 -6.47 3.59 -0.08
N PHE A 63 -6.12 2.36 0.28
CA PHE A 63 -5.84 1.33 -0.71
C PHE A 63 -7.15 0.66 -1.13
N GLU A 64 -8.08 1.47 -1.62
CA GLU A 64 -9.38 0.97 -2.05
C GLU A 64 -10.25 0.66 -0.84
N ASP A 65 -9.98 1.33 0.28
CA ASP A 65 -10.76 1.12 1.51
C ASP A 65 -12.25 1.15 1.22
N PRO A 66 -13.06 0.54 2.11
CA PRO A 66 -14.52 0.51 1.95
C PRO A 66 -15.18 1.87 2.21
N LYS A 67 -14.37 2.85 2.62
CA LYS A 67 -14.88 4.19 2.90
C LYS A 67 -15.71 4.72 1.73
N PHE A 68 -15.48 4.19 0.54
CA PHE A 68 -16.22 4.62 -0.64
C PHE A 68 -17.61 4.00 -0.71
N GLU A 69 -17.93 3.16 0.27
CA GLU A 69 -19.24 2.51 0.31
C GLU A 69 -19.74 2.39 1.75
N VAL A 70 -19.31 1.34 2.46
CA VAL A 70 -19.71 1.12 3.84
C VAL A 70 -21.23 1.19 4.00
N VAL A 71 -21.95 0.90 2.92
CA VAL A 71 -23.41 0.92 2.95
C VAL A 71 -24.00 -0.45 2.65
N GLU A 72 -23.26 -1.26 1.90
CA GLU A 72 -23.71 -2.60 1.54
C GLU A 72 -25.01 -2.53 0.74
N LYS A 73 -25.13 -1.51 -0.11
CA LYS A 73 -26.32 -1.34 -0.94
C LYS A 73 -26.03 -0.38 -2.09
N PRO A 74 -25.47 -0.89 -3.20
CA PRO A 74 -25.16 -0.07 -4.37
C PRO A 74 -26.40 0.36 -5.13
N GLN A 75 -26.54 1.67 -5.33
CA GLN A 75 -27.70 2.21 -6.04
C GLN A 75 -27.56 3.72 -6.22
N SER A 76 -27.51 4.45 -5.11
CA SER A 76 -27.38 5.89 -5.15
C SER A 76 -25.98 6.31 -5.57
N ASN A 1 7.81 -16.54 12.13
CA ASN A 1 6.68 -16.72 13.08
C ASN A 1 6.53 -15.51 14.00
N LYS A 2 5.34 -15.37 14.58
CA LYS A 2 5.04 -14.25 15.48
C LYS A 2 5.63 -12.93 14.97
N GLU A 3 5.69 -12.79 13.66
CA GLU A 3 6.23 -11.58 13.04
C GLU A 3 5.72 -11.42 11.61
N LEU A 4 4.51 -11.90 11.38
CA LEU A 4 3.90 -11.80 10.05
C LEU A 4 2.49 -12.38 10.06
N ASP A 5 1.49 -11.51 10.10
CA ASP A 5 0.10 -11.93 10.11
C ASP A 5 -0.23 -12.68 8.82
N PRO A 6 -1.17 -13.64 8.87
CA PRO A 6 -1.56 -14.42 7.71
C PRO A 6 -2.36 -13.61 6.69
N VAL A 7 -1.77 -12.50 6.25
CA VAL A 7 -2.41 -11.62 5.27
C VAL A 7 -1.59 -10.35 5.07
N GLN A 8 -1.09 -9.79 6.17
CA GLN A 8 -0.29 -8.57 6.12
C GLN A 8 0.88 -8.74 5.15
N LYS A 9 1.38 -9.97 5.05
CA LYS A 9 2.48 -10.26 4.16
C LYS A 9 2.08 -10.03 2.71
N LEU A 10 0.92 -10.56 2.34
CA LEU A 10 0.41 -10.40 0.98
C LEU A 10 0.15 -8.94 0.69
N PHE A 11 -0.24 -8.19 1.72
CA PHE A 11 -0.52 -6.77 1.59
C PHE A 11 0.76 -6.01 1.28
N VAL A 12 1.80 -6.24 2.09
CA VAL A 12 3.08 -5.58 1.88
C VAL A 12 3.58 -5.83 0.46
N ASP A 13 3.21 -6.98 -0.08
CA ASP A 13 3.59 -7.34 -1.44
C ASP A 13 2.47 -7.00 -2.42
N LYS A 14 1.58 -6.11 -1.99
CA LYS A 14 0.47 -5.65 -2.80
C LYS A 14 0.57 -4.15 -2.98
N ILE A 15 1.21 -3.51 -2.01
CA ILE A 15 1.40 -2.07 -2.05
C ILE A 15 2.59 -1.75 -2.96
N ARG A 16 3.45 -2.74 -3.16
CA ARG A 16 4.60 -2.55 -4.04
C ARG A 16 4.27 -3.07 -5.43
N GLU A 17 3.01 -3.42 -5.63
CA GLU A 17 2.55 -3.93 -6.91
C GLU A 17 1.52 -2.99 -7.53
N TYR A 18 0.84 -2.24 -6.69
CA TYR A 18 -0.16 -1.30 -7.15
C TYR A 18 0.47 0.08 -7.36
N ARG A 19 1.54 0.37 -6.60
CA ARG A 19 2.22 1.65 -6.72
C ARG A 19 3.22 1.58 -7.85
N THR A 20 3.77 0.39 -8.04
CA THR A 20 4.72 0.14 -9.10
C THR A 20 4.08 0.37 -10.46
N LYS A 21 2.80 0.03 -10.56
CA LYS A 21 2.07 0.20 -11.81
C LYS A 21 1.88 1.68 -12.12
N ARG A 22 1.76 2.49 -11.07
CA ARG A 22 1.58 3.93 -11.24
C ARG A 22 2.82 4.57 -11.82
N GLN A 23 3.96 3.92 -11.62
CA GLN A 23 5.24 4.43 -12.14
C GLN A 23 5.50 3.91 -13.56
N THR A 24 4.51 4.08 -14.42
CA THR A 24 4.63 3.63 -15.81
C THR A 24 5.12 4.76 -16.71
N SER A 25 6.42 4.77 -16.98
CA SER A 25 7.01 5.81 -17.83
C SER A 25 8.50 5.56 -18.03
N GLY A 26 9.29 5.87 -17.01
CA GLY A 26 10.72 5.68 -17.09
C GLY A 26 11.30 5.05 -15.84
N GLY A 27 11.26 5.81 -14.74
CA GLY A 27 11.78 5.30 -13.48
C GLY A 27 10.69 5.04 -12.46
N PRO A 28 10.82 3.99 -11.63
CA PRO A 28 9.82 3.66 -10.62
C PRO A 28 9.71 4.73 -9.53
N VAL A 29 10.83 4.96 -8.84
CA VAL A 29 10.87 5.95 -7.77
C VAL A 29 12.26 6.57 -7.64
N ASP A 30 13.04 6.50 -8.72
CA ASP A 30 14.39 7.04 -8.70
C ASP A 30 15.23 6.33 -7.65
N ALA A 31 14.78 5.13 -7.27
CA ALA A 31 15.48 4.33 -6.26
C ALA A 31 16.42 3.33 -6.91
N GLY A 32 15.89 2.57 -7.86
CA GLY A 32 16.69 1.58 -8.56
C GLY A 32 15.84 0.42 -9.07
N PRO A 33 16.44 -0.50 -9.84
CA PRO A 33 15.71 -1.65 -10.39
C PRO A 33 15.61 -2.81 -9.41
N GLU A 34 15.92 -2.56 -8.15
CA GLU A 34 15.84 -3.59 -7.13
C GLU A 34 15.60 -2.98 -5.76
N TYR A 35 15.06 -1.77 -5.78
CA TYR A 35 14.72 -1.02 -4.57
C TYR A 35 13.42 -1.54 -3.97
N GLN A 36 12.98 -2.73 -4.39
CA GLN A 36 11.73 -3.32 -3.89
C GLN A 36 11.57 -3.14 -2.38
N GLN A 37 12.71 -2.97 -1.70
CA GLN A 37 12.71 -2.77 -0.26
C GLN A 37 12.27 -1.36 0.12
N ASP A 38 12.43 -0.42 -0.82
CA ASP A 38 12.05 0.96 -0.59
C ASP A 38 10.53 1.11 -0.63
N LEU A 39 9.91 0.46 -1.61
CA LEU A 39 8.45 0.52 -1.75
C LEU A 39 7.78 -0.08 -0.53
N ASP A 40 8.51 -0.92 0.19
CA ASP A 40 7.99 -1.56 1.39
C ASP A 40 8.01 -0.61 2.60
N ARG A 41 8.98 0.29 2.62
CA ARG A 41 9.11 1.25 3.70
C ARG A 41 8.07 2.36 3.57
N GLU A 42 7.56 2.56 2.36
CA GLU A 42 6.55 3.59 2.13
C GLU A 42 5.14 3.02 2.24
N LEU A 43 5.03 1.69 2.17
CA LEU A 43 3.73 1.05 2.29
C LEU A 43 3.48 0.67 3.75
N PHE A 44 4.56 0.50 4.50
CA PHE A 44 4.44 0.16 5.91
C PHE A 44 3.95 1.37 6.69
N LYS A 45 4.36 2.56 6.24
CA LYS A 45 3.95 3.80 6.90
C LYS A 45 2.43 3.91 6.93
N LEU A 46 1.76 3.25 5.99
CA LEU A 46 0.31 3.27 5.93
C LEU A 46 -0.28 2.75 7.23
N LYS A 47 0.23 1.61 7.69
CA LYS A 47 -0.24 1.00 8.92
C LYS A 47 -0.18 1.99 10.08
N GLN A 48 0.81 2.88 10.03
CA GLN A 48 0.97 3.90 11.07
C GLN A 48 -0.15 4.93 11.00
N MET A 49 -0.55 5.26 9.78
CA MET A 49 -1.64 6.23 9.57
C MET A 49 -2.98 5.57 9.84
N TYR A 50 -3.07 4.28 9.49
CA TYR A 50 -4.29 3.53 9.69
C TYR A 50 -4.53 3.25 11.17
N GLY A 51 -3.44 3.17 11.93
CA GLY A 51 -3.55 2.91 13.36
C GLY A 51 -4.00 4.13 14.13
N LYS A 52 -3.77 5.31 13.56
CA LYS A 52 -4.16 6.56 14.21
C LYS A 52 -5.47 7.08 13.65
N ALA A 53 -5.83 6.65 12.45
CA ALA A 53 -7.06 7.07 11.81
C ALA A 53 -8.27 6.89 12.73
N ASP A 54 -8.79 5.67 12.80
CA ASP A 54 -9.93 5.37 13.65
C ASP A 54 -10.29 3.89 13.55
N MET A 55 -11.16 3.54 12.59
CA MET A 55 -11.58 2.16 12.40
C MET A 55 -12.79 2.08 11.48
N ASN A 56 -12.57 2.34 10.19
CA ASN A 56 -13.64 2.29 9.21
C ASN A 56 -13.13 2.55 7.79
N THR A 57 -11.90 2.13 7.51
CA THR A 57 -11.33 2.33 6.18
C THR A 57 -10.06 1.49 6.00
N PHE A 58 -9.95 0.40 6.74
CA PHE A 58 -8.78 -0.48 6.62
C PHE A 58 -9.16 -1.91 6.21
N PRO A 59 -10.09 -2.06 5.25
CA PRO A 59 -10.51 -3.38 4.78
C PRO A 59 -9.37 -4.12 4.08
N ASN A 60 -8.34 -3.36 3.71
CA ASN A 60 -7.18 -3.92 3.04
C ASN A 60 -6.33 -2.77 2.48
N PHE A 61 -7.02 -1.73 2.03
CA PHE A 61 -6.38 -0.53 1.46
C PHE A 61 -7.38 0.26 0.64
N THR A 62 -8.34 -0.45 0.03
CA THR A 62 -9.37 0.20 -0.77
C THR A 62 -8.76 0.81 -2.04
N PHE A 63 -7.69 0.19 -2.55
CA PHE A 63 -7.03 0.67 -3.76
C PHE A 63 -8.04 1.01 -4.86
N GLU A 64 -9.21 0.38 -4.81
CA GLU A 64 -10.24 0.63 -5.80
C GLU A 64 -11.63 0.68 -5.15
N ASP A 65 -11.87 -0.22 -4.20
CA ASP A 65 -13.15 -0.28 -3.50
C ASP A 65 -14.28 -0.65 -4.47
N PRO A 66 -15.25 -1.46 -4.02
CA PRO A 66 -16.38 -1.89 -4.86
C PRO A 66 -17.52 -0.87 -4.86
N LYS A 67 -17.26 0.31 -4.31
CA LYS A 67 -18.28 1.36 -4.26
C LYS A 67 -18.26 2.21 -5.53
N PHE A 68 -17.69 1.66 -6.60
CA PHE A 68 -17.61 2.38 -7.87
C PHE A 68 -18.77 2.00 -8.79
N GLU A 69 -19.88 1.57 -8.20
CA GLU A 69 -21.06 1.18 -8.97
C GLU A 69 -20.72 0.01 -9.90
N VAL A 70 -21.21 -1.17 -9.56
CA VAL A 70 -20.96 -2.36 -10.36
C VAL A 70 -21.86 -2.39 -11.59
N VAL A 71 -23.17 -2.55 -11.37
CA VAL A 71 -24.13 -2.60 -12.46
C VAL A 71 -24.30 -1.22 -13.10
N GLU A 72 -24.43 -0.20 -12.27
CA GLU A 72 -24.60 1.17 -12.75
C GLU A 72 -24.68 2.15 -11.59
N LYS A 73 -25.52 1.83 -10.60
CA LYS A 73 -25.68 2.69 -9.43
C LYS A 73 -26.42 1.95 -8.32
N PRO A 74 -25.71 1.09 -7.57
CA PRO A 74 -26.31 0.32 -6.47
C PRO A 74 -26.71 1.21 -5.29
N GLN A 75 -27.66 2.11 -5.52
CA GLN A 75 -28.13 3.02 -4.49
C GLN A 75 -29.64 3.22 -4.59
N SER A 76 -30.11 3.49 -5.80
CA SER A 76 -31.53 3.72 -6.03
C SER A 76 -32.19 2.47 -6.64
N ASN A 1 7.21 -8.13 12.58
CA ASN A 1 7.05 -6.66 12.61
C ASN A 1 5.81 -6.25 13.40
N LYS A 2 6.02 -5.79 14.63
CA LYS A 2 4.93 -5.36 15.50
C LYS A 2 4.06 -6.56 15.91
N GLU A 3 3.32 -7.11 14.94
CA GLU A 3 2.46 -8.25 15.21
C GLU A 3 2.26 -9.08 13.95
N LEU A 4 1.66 -8.47 12.93
CA LEU A 4 1.41 -9.16 11.67
C LEU A 4 0.53 -10.38 11.87
N ASP A 5 -0.72 -10.24 11.47
CA ASP A 5 -1.69 -11.32 11.59
C ASP A 5 -1.80 -12.08 10.28
N PRO A 6 -2.49 -13.23 10.27
CA PRO A 6 -2.66 -14.05 9.06
C PRO A 6 -3.55 -13.37 8.03
N VAL A 7 -3.13 -12.19 7.57
CA VAL A 7 -3.89 -11.43 6.58
C VAL A 7 -3.19 -10.11 6.27
N GLN A 8 -2.87 -9.35 7.32
CA GLN A 8 -2.19 -8.07 7.14
C GLN A 8 -0.92 -8.23 6.30
N LYS A 9 -0.36 -9.45 6.33
CA LYS A 9 0.84 -9.74 5.56
C LYS A 9 0.49 -9.94 4.09
N LEU A 10 -0.77 -10.29 3.82
CA LEU A 10 -1.24 -10.52 2.48
C LEU A 10 -1.40 -9.21 1.71
N PHE A 11 -1.84 -8.17 2.40
CA PHE A 11 -2.03 -6.87 1.78
C PHE A 11 -0.68 -6.21 1.50
N VAL A 12 0.32 -6.60 2.26
CA VAL A 12 1.66 -6.05 2.10
C VAL A 12 2.30 -6.57 0.82
N ASP A 13 1.85 -7.74 0.36
CA ASP A 13 2.40 -8.32 -0.86
C ASP A 13 1.56 -7.95 -2.08
N LYS A 14 0.59 -7.06 -1.90
CA LYS A 14 -0.25 -6.61 -3.01
C LYS A 14 -0.04 -5.12 -3.18
N ILE A 15 0.19 -4.45 -2.06
CA ILE A 15 0.44 -3.03 -2.09
C ILE A 15 1.87 -2.81 -2.59
N ARG A 16 2.68 -3.85 -2.59
CA ARG A 16 4.03 -3.74 -3.11
C ARG A 16 4.01 -4.02 -4.60
N GLU A 17 2.81 -4.17 -5.15
CA GLU A 17 2.64 -4.44 -6.57
C GLU A 17 1.97 -3.26 -7.28
N TYR A 18 1.19 -2.50 -6.53
CA TYR A 18 0.50 -1.32 -7.08
C TYR A 18 1.33 -0.06 -6.83
N ARG A 19 2.15 -0.08 -5.76
CA ARG A 19 2.99 1.07 -5.43
C ARG A 19 4.28 0.97 -6.22
N THR A 20 4.67 -0.26 -6.52
CA THR A 20 5.87 -0.53 -7.30
C THR A 20 5.74 0.04 -8.70
N LYS A 21 4.51 0.05 -9.22
CA LYS A 21 4.25 0.56 -10.55
C LYS A 21 4.09 2.08 -10.52
N ARG A 22 3.61 2.60 -9.39
CA ARG A 22 3.41 4.04 -9.24
C ARG A 22 4.65 4.71 -8.62
N GLN A 23 5.61 3.88 -8.17
CA GLN A 23 6.83 4.40 -7.56
C GLN A 23 7.48 5.47 -8.44
N THR A 24 7.47 5.24 -9.75
CA THR A 24 8.06 6.18 -10.70
C THR A 24 7.46 7.58 -10.53
N SER A 25 8.17 8.44 -9.82
CA SER A 25 7.72 9.81 -9.58
C SER A 25 8.84 10.81 -9.84
N GLY A 26 9.75 10.45 -10.73
CA GLY A 26 10.87 11.34 -11.04
C GLY A 26 12.17 10.86 -10.46
N GLY A 27 12.38 9.55 -10.44
CA GLY A 27 13.60 8.99 -9.90
C GLY A 27 13.84 9.41 -8.45
N PRO A 28 12.85 9.22 -7.57
CA PRO A 28 12.97 9.58 -6.15
C PRO A 28 13.83 8.60 -5.37
N VAL A 29 13.86 8.76 -4.05
CA VAL A 29 14.64 7.90 -3.16
C VAL A 29 16.04 7.63 -3.73
N ASP A 30 16.75 6.68 -3.13
CA ASP A 30 18.11 6.34 -3.57
C ASP A 30 18.19 6.26 -5.09
N ALA A 31 17.10 5.86 -5.71
CA ALA A 31 17.03 5.76 -7.16
C ALA A 31 18.05 4.77 -7.71
N GLY A 32 18.55 3.88 -6.84
CA GLY A 32 19.51 2.89 -7.27
C GLY A 32 18.91 1.91 -8.26
N PRO A 33 19.20 0.61 -8.12
CA PRO A 33 18.66 -0.41 -9.02
C PRO A 33 17.16 -0.59 -8.83
N GLU A 34 16.41 0.42 -9.26
CA GLU A 34 14.96 0.41 -9.13
C GLU A 34 14.55 0.72 -7.69
N TYR A 35 15.50 0.63 -6.75
CA TYR A 35 15.23 0.91 -5.34
C TYR A 35 13.96 0.19 -4.87
N GLN A 36 13.52 -0.80 -5.63
CA GLN A 36 12.31 -1.55 -5.31
C GLN A 36 12.22 -1.88 -3.82
N GLN A 37 13.37 -1.94 -3.17
CA GLN A 37 13.43 -2.24 -1.74
C GLN A 37 12.98 -1.03 -0.92
N ASP A 38 13.17 0.15 -1.49
CA ASP A 38 12.78 1.38 -0.82
C ASP A 38 11.29 1.64 -1.01
N LEU A 39 10.72 1.05 -2.06
CA LEU A 39 9.31 1.21 -2.35
C LEU A 39 8.48 0.41 -1.35
N ASP A 40 9.07 -0.67 -0.82
CA ASP A 40 8.39 -1.52 0.15
C ASP A 40 8.50 -0.94 1.57
N ARG A 41 9.19 0.20 1.71
CA ARG A 41 9.35 0.83 3.01
C ARG A 41 8.34 1.96 3.17
N GLU A 42 7.98 2.59 2.06
CA GLU A 42 7.01 3.68 2.07
C GLU A 42 5.59 3.13 2.14
N LEU A 43 5.38 1.97 1.52
CA LEU A 43 4.07 1.33 1.52
C LEU A 43 3.81 0.63 2.85
N PHE A 44 4.86 0.48 3.65
CA PHE A 44 4.75 -0.15 4.96
C PHE A 44 4.43 0.90 6.01
N LYS A 45 4.74 2.15 5.70
CA LYS A 45 4.49 3.25 6.62
C LYS A 45 3.00 3.59 6.65
N LEU A 46 2.28 3.24 5.57
CA LEU A 46 0.86 3.50 5.51
C LEU A 46 0.14 2.70 6.58
N LYS A 47 0.57 1.46 6.77
CA LYS A 47 -0.02 0.59 7.77
C LYS A 47 -0.11 1.31 9.12
N GLN A 48 0.81 2.24 9.34
CA GLN A 48 0.83 3.01 10.57
C GLN A 48 -0.30 4.03 10.60
N MET A 49 -0.43 4.80 9.51
CA MET A 49 -1.49 5.80 9.40
C MET A 49 -2.86 5.13 9.43
N TYR A 50 -2.91 3.90 8.96
CA TYR A 50 -4.17 3.15 8.93
C TYR A 50 -4.41 2.47 10.27
N GLY A 51 -3.34 2.27 11.03
CA GLY A 51 -3.46 1.65 12.33
C GLY A 51 -3.84 2.64 13.41
N LYS A 52 -3.50 3.91 13.19
CA LYS A 52 -3.82 4.96 14.15
C LYS A 52 -5.05 5.73 13.71
N ALA A 53 -5.25 5.83 12.40
CA ALA A 53 -6.39 6.55 11.85
C ALA A 53 -7.56 5.60 11.59
N ASP A 54 -7.25 4.31 11.43
CA ASP A 54 -8.28 3.30 11.17
C ASP A 54 -8.97 3.56 9.84
N MET A 55 -8.19 3.92 8.82
CA MET A 55 -8.72 4.18 7.50
C MET A 55 -9.80 5.27 7.55
N ASN A 56 -9.53 6.31 8.35
CA ASN A 56 -10.47 7.42 8.48
C ASN A 56 -10.11 8.58 7.55
N THR A 57 -8.83 8.62 7.14
CA THR A 57 -8.36 9.68 6.26
C THR A 57 -8.09 9.15 4.85
N PHE A 58 -8.49 7.91 4.59
CA PHE A 58 -8.29 7.28 3.29
C PHE A 58 -9.27 6.14 3.07
N PRO A 59 -9.39 5.66 1.81
CA PRO A 59 -10.29 4.57 1.46
C PRO A 59 -9.69 3.19 1.69
N ASN A 60 -8.88 3.07 2.74
CA ASN A 60 -8.23 1.79 3.08
C ASN A 60 -7.67 1.11 1.84
N PHE A 61 -7.30 1.90 0.85
CA PHE A 61 -6.76 1.40 -0.41
C PHE A 61 -6.82 2.49 -1.47
N THR A 62 -5.65 2.98 -1.88
CA THR A 62 -5.56 4.04 -2.89
C THR A 62 -5.85 5.39 -2.26
N PHE A 63 -4.80 6.20 -2.13
CA PHE A 63 -4.93 7.52 -1.54
C PHE A 63 -5.35 8.52 -2.61
N GLU A 64 -4.92 8.27 -3.84
CA GLU A 64 -5.26 9.14 -4.96
C GLU A 64 -4.66 8.60 -6.25
N ASP A 65 -4.57 7.27 -6.35
CA ASP A 65 -4.01 6.63 -7.54
C ASP A 65 -4.81 7.01 -8.79
N PRO A 66 -4.24 6.80 -9.98
CA PRO A 66 -4.91 7.12 -11.25
C PRO A 66 -6.11 6.23 -11.52
N LYS A 67 -6.27 5.19 -10.71
CA LYS A 67 -7.39 4.26 -10.86
C LYS A 67 -8.73 4.99 -10.93
N PHE A 68 -8.77 6.22 -10.40
CA PHE A 68 -9.99 7.00 -10.41
C PHE A 68 -10.23 7.64 -11.77
N GLU A 69 -9.33 7.42 -12.72
CA GLU A 69 -9.45 7.98 -14.06
C GLU A 69 -9.11 6.94 -15.12
N VAL A 70 -8.89 7.41 -16.34
CA VAL A 70 -8.56 6.52 -17.45
C VAL A 70 -9.74 5.63 -17.82
N VAL A 71 -10.95 6.16 -17.63
CA VAL A 71 -12.16 5.41 -17.95
C VAL A 71 -13.08 6.20 -18.86
N GLU A 72 -12.47 6.93 -19.80
CA GLU A 72 -13.23 7.74 -20.75
C GLU A 72 -14.00 8.85 -20.02
N LYS A 73 -13.78 10.09 -20.44
CA LYS A 73 -14.44 11.23 -19.83
C LYS A 73 -15.95 11.04 -19.80
N PRO A 74 -16.53 10.78 -18.61
CA PRO A 74 -17.96 10.57 -18.45
C PRO A 74 -18.77 11.85 -18.68
N GLN A 75 -19.21 12.05 -19.92
CA GLN A 75 -19.99 13.23 -20.30
C GLN A 75 -19.49 14.49 -19.60
N SER A 76 -18.17 14.55 -19.37
CA SER A 76 -17.57 15.70 -18.71
C SER A 76 -18.14 15.89 -17.31
N ASN A 1 8.73 -15.72 5.56
CA ASN A 1 8.29 -14.42 6.13
C ASN A 1 6.97 -14.57 6.87
N LYS A 2 7.00 -14.39 8.18
CA LYS A 2 5.80 -14.51 9.01
C LYS A 2 6.01 -13.87 10.37
N GLU A 3 5.93 -12.55 10.43
CA GLU A 3 6.11 -11.82 11.69
C GLU A 3 5.44 -10.46 11.64
N LEU A 4 4.12 -10.46 11.84
CA LEU A 4 3.35 -9.21 11.81
C LEU A 4 1.89 -9.48 12.17
N ASP A 5 1.22 -10.30 11.35
CA ASP A 5 -0.18 -10.63 11.58
C ASP A 5 -0.75 -11.35 10.36
N PRO A 6 -1.72 -12.26 10.58
CA PRO A 6 -2.35 -13.01 9.49
C PRO A 6 -3.30 -12.15 8.65
N VAL A 7 -2.77 -11.07 8.07
CA VAL A 7 -3.57 -10.17 7.25
C VAL A 7 -2.75 -8.98 6.77
N GLN A 8 -1.75 -8.59 7.55
CA GLN A 8 -0.89 -7.47 7.19
C GLN A 8 0.28 -7.93 6.33
N LYS A 9 0.28 -9.21 5.97
CA LYS A 9 1.33 -9.76 5.13
C LYS A 9 0.83 -10.00 3.71
N LEU A 10 -0.49 -10.18 3.58
CA LEU A 10 -1.08 -10.41 2.28
C LEU A 10 -1.36 -9.10 1.56
N PHE A 11 -1.42 -8.00 2.31
CA PHE A 11 -1.67 -6.69 1.72
C PHE A 11 -0.37 -6.10 1.17
N VAL A 12 0.75 -6.51 1.75
CA VAL A 12 2.05 -6.01 1.30
C VAL A 12 2.41 -6.60 -0.06
N ASP A 13 1.83 -7.75 -0.38
CA ASP A 13 2.10 -8.40 -1.66
C ASP A 13 1.11 -7.97 -2.73
N LYS A 14 0.23 -7.05 -2.41
CA LYS A 14 -0.74 -6.55 -3.37
C LYS A 14 -0.50 -5.07 -3.57
N ILE A 15 -0.13 -4.41 -2.50
CA ILE A 15 0.19 -3.01 -2.56
C ILE A 15 1.60 -2.85 -3.15
N ARG A 16 2.34 -3.94 -3.19
CA ARG A 16 3.66 -3.89 -3.77
C ARG A 16 3.54 -4.21 -5.26
N GLU A 17 2.29 -4.34 -5.72
CA GLU A 17 2.02 -4.65 -7.11
C GLU A 17 1.36 -3.46 -7.82
N TYR A 18 0.75 -2.58 -7.04
CA TYR A 18 0.10 -1.40 -7.60
C TYR A 18 1.03 -0.18 -7.47
N ARG A 19 1.88 -0.20 -6.43
CA ARG A 19 2.82 0.89 -6.22
C ARG A 19 4.03 0.68 -7.11
N THR A 20 4.33 -0.60 -7.35
CA THR A 20 5.44 -0.97 -8.20
C THR A 20 5.27 -0.36 -9.58
N LYS A 21 4.02 -0.31 -10.04
CA LYS A 21 3.71 0.26 -11.35
C LYS A 21 3.94 1.76 -11.36
N ARG A 22 3.92 2.36 -10.18
CA ARG A 22 4.13 3.81 -10.06
C ARG A 22 5.49 4.12 -9.44
N GLN A 23 6.38 3.13 -9.40
CA GLN A 23 7.71 3.32 -8.85
C GLN A 23 8.48 4.40 -9.59
N THR A 24 8.19 4.54 -10.89
CA THR A 24 8.85 5.54 -11.71
C THR A 24 8.52 6.95 -11.25
N SER A 25 9.42 7.55 -10.49
CA SER A 25 9.21 8.90 -9.98
C SER A 25 10.55 9.58 -9.67
N GLY A 26 11.43 8.85 -8.99
CA GLY A 26 12.73 9.40 -8.63
C GLY A 26 12.61 10.68 -7.82
N GLY A 27 12.53 10.53 -6.50
CA GLY A 27 12.40 11.68 -5.63
C GLY A 27 12.11 11.30 -4.19
N PRO A 28 11.01 10.56 -3.94
CA PRO A 28 10.65 10.14 -2.58
C PRO A 28 11.71 9.27 -1.92
N VAL A 29 12.11 8.21 -2.62
CA VAL A 29 13.12 7.30 -2.09
C VAL A 29 14.52 7.76 -2.47
N ASP A 30 15.53 7.10 -1.91
CA ASP A 30 16.92 7.43 -2.22
C ASP A 30 17.09 7.49 -3.73
N ALA A 31 16.27 6.72 -4.43
CA ALA A 31 16.28 6.68 -5.88
C ALA A 31 17.59 6.09 -6.39
N GLY A 32 18.19 5.24 -5.59
CA GLY A 32 19.44 4.61 -5.99
C GLY A 32 19.19 3.37 -6.82
N PRO A 33 20.19 2.51 -7.01
CA PRO A 33 20.04 1.30 -7.80
C PRO A 33 19.40 0.16 -7.02
N GLU A 34 18.11 -0.05 -7.29
CA GLU A 34 17.32 -1.09 -6.64
C GLU A 34 16.62 -0.54 -5.40
N TYR A 35 16.25 0.73 -5.47
CA TYR A 35 15.54 1.39 -4.40
C TYR A 35 14.18 0.74 -4.19
N GLN A 36 13.84 -0.22 -5.05
CA GLN A 36 12.55 -0.91 -4.99
C GLN A 36 12.17 -1.25 -3.55
N GLN A 37 13.19 -1.42 -2.71
CA GLN A 37 12.97 -1.75 -1.31
C GLN A 37 12.55 -0.52 -0.51
N ASP A 38 12.60 0.66 -1.13
CA ASP A 38 12.22 1.89 -0.46
C ASP A 38 10.79 2.29 -0.80
N LEU A 39 10.26 1.72 -1.89
CA LEU A 39 8.90 2.00 -2.32
C LEU A 39 7.92 1.03 -1.64
N ASP A 40 8.42 -0.16 -1.32
CA ASP A 40 7.59 -1.18 -0.68
C ASP A 40 7.43 -0.87 0.82
N ARG A 41 8.46 -0.24 1.40
CA ARG A 41 8.43 0.11 2.81
C ARG A 41 7.45 1.24 3.07
N GLU A 42 7.32 2.13 2.09
CA GLU A 42 6.40 3.26 2.20
C GLU A 42 4.97 2.77 2.33
N LEU A 43 4.64 1.71 1.60
CA LEU A 43 3.31 1.13 1.63
C LEU A 43 3.01 0.56 3.00
N PHE A 44 3.86 -0.37 3.45
CA PHE A 44 3.68 -0.98 4.76
C PHE A 44 3.69 0.10 5.84
N LYS A 45 4.29 1.24 5.53
CA LYS A 45 4.34 2.35 6.47
C LYS A 45 2.95 2.95 6.68
N LEU A 46 2.05 2.71 5.72
CA LEU A 46 0.69 3.24 5.83
C LEU A 46 -0.02 2.60 7.02
N LYS A 47 0.11 1.29 7.16
CA LYS A 47 -0.54 0.58 8.26
C LYS A 47 -0.24 1.28 9.58
N GLN A 48 1.00 1.74 9.73
CA GLN A 48 1.41 2.43 10.94
C GLN A 48 0.62 3.71 11.14
N MET A 49 0.58 4.56 10.12
CA MET A 49 -0.15 5.82 10.20
C MET A 49 -1.63 5.56 10.44
N TYR A 50 -2.12 4.43 9.95
CA TYR A 50 -3.51 4.06 10.12
C TYR A 50 -3.72 3.36 11.45
N GLY A 51 -2.65 2.81 12.00
CA GLY A 51 -2.74 2.13 13.28
C GLY A 51 -2.57 3.08 14.44
N LYS A 52 -1.94 4.22 14.20
CA LYS A 52 -1.72 5.22 15.22
C LYS A 52 -2.55 6.48 14.96
N ALA A 53 -3.48 6.38 14.02
CA ALA A 53 -4.33 7.52 13.68
C ALA A 53 -5.70 7.39 14.33
N ASP A 54 -6.58 6.59 13.72
CA ASP A 54 -7.93 6.39 14.24
C ASP A 54 -8.76 5.55 13.26
N MET A 55 -9.27 6.21 12.23
CA MET A 55 -10.09 5.54 11.22
C MET A 55 -10.63 6.53 10.19
N ASN A 56 -10.95 7.73 10.64
CA ASN A 56 -11.47 8.77 9.76
C ASN A 56 -10.49 9.07 8.64
N THR A 57 -9.22 8.79 8.87
CA THR A 57 -8.18 9.03 7.87
C THR A 57 -8.33 8.09 6.67
N PHE A 58 -8.71 6.84 6.96
CA PHE A 58 -8.90 5.85 5.92
C PHE A 58 -9.76 6.38 4.77
N PRO A 59 -9.14 6.71 3.62
CA PRO A 59 -9.85 7.22 2.46
C PRO A 59 -10.32 6.11 1.53
N ASN A 60 -10.47 4.90 2.07
CA ASN A 60 -10.91 3.76 1.29
C ASN A 60 -9.82 3.34 0.30
N PHE A 61 -8.58 3.38 0.75
CA PHE A 61 -7.45 3.01 -0.09
C PHE A 61 -7.40 3.89 -1.34
N THR A 62 -6.58 4.94 -1.29
CA THR A 62 -6.45 5.86 -2.41
C THR A 62 -5.04 6.42 -2.49
N PHE A 63 -4.52 6.89 -1.36
CA PHE A 63 -3.17 7.47 -1.30
C PHE A 63 -2.89 8.33 -2.53
N GLU A 64 -3.75 9.29 -2.78
CA GLU A 64 -3.61 10.19 -3.92
C GLU A 64 -3.75 9.40 -5.22
N ASP A 65 -4.73 8.48 -5.25
CA ASP A 65 -4.97 7.66 -6.43
C ASP A 65 -5.08 8.51 -7.70
N PRO A 66 -4.81 7.92 -8.87
CA PRO A 66 -4.87 8.60 -10.17
C PRO A 66 -6.13 9.44 -10.36
N LYS A 67 -7.14 9.19 -9.52
CA LYS A 67 -8.37 9.96 -9.61
C LYS A 67 -8.08 11.46 -9.51
N PHE A 68 -6.83 11.82 -9.25
CA PHE A 68 -6.46 13.23 -9.14
C PHE A 68 -6.45 13.89 -10.52
N GLU A 69 -6.14 13.11 -11.55
CA GLU A 69 -6.09 13.62 -12.91
C GLU A 69 -6.60 12.56 -13.89
N VAL A 70 -7.69 12.88 -14.57
CA VAL A 70 -8.28 11.97 -15.55
C VAL A 70 -9.12 12.72 -16.57
N VAL A 71 -8.53 13.76 -17.17
CA VAL A 71 -9.22 14.56 -18.17
C VAL A 71 -9.65 13.71 -19.35
N GLU A 72 -8.88 12.66 -19.64
CA GLU A 72 -9.18 11.77 -20.75
C GLU A 72 -10.55 11.13 -20.59
N LYS A 73 -10.95 10.91 -19.34
CA LYS A 73 -12.25 10.31 -19.05
C LYS A 73 -13.18 11.31 -18.39
N PRO A 74 -13.72 12.26 -19.17
CA PRO A 74 -14.64 13.29 -18.66
C PRO A 74 -15.99 12.72 -18.27
N GLN A 75 -16.37 11.63 -18.92
CA GLN A 75 -17.66 10.99 -18.64
C GLN A 75 -17.80 9.70 -19.45
N SER A 76 -16.69 8.98 -19.61
CA SER A 76 -16.70 7.73 -20.36
C SER A 76 -15.38 6.99 -20.20
N ASN A 1 9.61 -8.52 4.16
CA ASN A 1 10.55 -9.24 5.06
C ASN A 1 10.16 -10.71 5.20
N LYS A 2 11.09 -11.51 5.73
CA LYS A 2 10.84 -12.93 5.92
C LYS A 2 10.63 -13.26 7.39
N GLU A 3 10.05 -12.32 8.12
CA GLU A 3 9.78 -12.51 9.54
C GLU A 3 8.58 -11.68 9.99
N LEU A 4 7.40 -12.24 9.81
CA LEU A 4 6.16 -11.55 10.19
C LEU A 4 5.02 -12.54 10.36
N ASP A 5 4.72 -13.29 9.29
CA ASP A 5 3.65 -14.27 9.30
C ASP A 5 3.32 -14.72 7.87
N PRO A 6 2.85 -15.96 7.70
CA PRO A 6 2.50 -16.50 6.39
C PRO A 6 1.20 -15.91 5.84
N VAL A 7 1.16 -14.59 5.69
CA VAL A 7 -0.03 -13.92 5.18
C VAL A 7 0.20 -12.41 5.05
N GLN A 8 0.78 -11.81 6.09
CA GLN A 8 1.05 -10.38 6.09
C GLN A 8 2.02 -10.02 4.97
N LYS A 9 2.97 -10.92 4.70
CA LYS A 9 3.95 -10.70 3.65
C LYS A 9 3.29 -10.69 2.28
N LEU A 10 2.13 -11.34 2.18
CA LEU A 10 1.40 -11.40 0.92
C LEU A 10 0.80 -10.05 0.57
N PHE A 11 0.11 -9.43 1.52
CA PHE A 11 -0.52 -8.14 1.30
C PHE A 11 0.54 -7.09 0.97
N VAL A 12 1.72 -7.25 1.56
CA VAL A 12 2.82 -6.31 1.33
C VAL A 12 3.29 -6.34 -0.11
N ASP A 13 3.13 -7.49 -0.77
CA ASP A 13 3.54 -7.63 -2.16
C ASP A 13 2.39 -7.37 -3.12
N LYS A 14 1.24 -6.97 -2.58
CA LYS A 14 0.08 -6.66 -3.40
C LYS A 14 -0.21 -5.17 -3.29
N ILE A 15 0.22 -4.57 -2.19
CA ILE A 15 0.04 -3.16 -1.99
C ILE A 15 1.03 -2.39 -2.83
N ARG A 16 2.20 -3.00 -3.06
CA ARG A 16 3.19 -2.37 -3.90
C ARG A 16 2.81 -2.55 -5.36
N GLU A 17 1.63 -3.14 -5.58
CA GLU A 17 1.12 -3.39 -6.93
C GLU A 17 0.01 -2.42 -7.29
N TYR A 18 -0.42 -1.61 -6.35
CA TYR A 18 -1.46 -0.62 -6.61
C TYR A 18 -0.82 0.76 -6.70
N ARG A 19 0.15 1.01 -5.82
CA ARG A 19 0.85 2.30 -5.80
C ARG A 19 1.66 2.44 -7.07
N THR A 20 2.12 1.29 -7.56
CA THR A 20 2.89 1.23 -8.79
C THR A 20 2.18 1.97 -9.91
N LYS A 21 0.86 1.79 -9.98
CA LYS A 21 0.05 2.43 -11.00
C LYS A 21 -0.04 3.94 -10.74
N ARG A 22 0.08 4.32 -9.47
CA ARG A 22 0.02 5.73 -9.09
C ARG A 22 1.41 6.27 -8.76
N GLN A 23 2.46 5.52 -9.13
CA GLN A 23 3.82 5.93 -8.86
C GLN A 23 4.12 7.29 -9.50
N THR A 24 3.75 7.43 -10.77
CA THR A 24 3.97 8.68 -11.51
C THR A 24 5.35 9.27 -11.23
N SER A 25 6.32 8.40 -10.95
CA SER A 25 7.68 8.84 -10.66
C SER A 25 8.55 7.67 -10.19
N GLY A 26 8.40 7.29 -8.93
CA GLY A 26 9.17 6.19 -8.38
C GLY A 26 10.62 6.56 -8.15
N GLY A 27 10.88 7.29 -7.08
CA GLY A 27 12.24 7.69 -6.77
C GLY A 27 13.14 6.51 -6.45
N PRO A 28 13.26 6.13 -5.16
CA PRO A 28 14.09 5.01 -4.74
C PRO A 28 13.61 3.68 -5.34
N VAL A 29 12.30 3.57 -5.52
CA VAL A 29 11.72 2.36 -6.08
C VAL A 29 12.27 2.10 -7.49
N ASP A 30 12.65 3.16 -8.17
CA ASP A 30 13.20 3.05 -9.51
C ASP A 30 14.72 3.09 -9.47
N ALA A 31 15.29 2.58 -8.39
CA ALA A 31 16.74 2.56 -8.21
C ALA A 31 17.31 1.20 -8.62
N GLY A 32 16.68 0.57 -9.60
CA GLY A 32 17.14 -0.73 -10.08
C GLY A 32 16.66 -1.86 -9.21
N PRO A 33 16.65 -3.10 -9.72
CA PRO A 33 16.21 -4.27 -8.96
C PRO A 33 17.09 -4.54 -7.74
N GLU A 34 16.79 -3.87 -6.64
CA GLU A 34 17.56 -4.04 -5.41
C GLU A 34 17.19 -2.96 -4.38
N TYR A 35 16.05 -3.15 -3.74
CA TYR A 35 15.56 -2.18 -2.74
C TYR A 35 14.20 -2.63 -2.19
N GLN A 36 13.91 -3.93 -2.27
CA GLN A 36 12.62 -4.46 -1.81
C GLN A 36 12.27 -3.93 -0.42
N GLN A 37 13.27 -3.41 0.29
CA GLN A 37 13.06 -2.87 1.63
C GLN A 37 12.65 -1.39 1.58
N ASP A 38 12.85 -0.76 0.42
CA ASP A 38 12.50 0.64 0.26
C ASP A 38 11.07 0.78 -0.27
N LEU A 39 10.60 -0.26 -0.95
CA LEU A 39 9.26 -0.26 -1.50
C LEU A 39 8.25 -0.64 -0.42
N ASP A 40 8.67 -1.49 0.50
CA ASP A 40 7.81 -1.93 1.59
C ASP A 40 7.64 -0.82 2.62
N ARG A 41 8.73 -0.11 2.91
CA ARG A 41 8.70 0.98 3.87
C ARG A 41 7.77 2.08 3.38
N GLU A 42 7.73 2.27 2.07
CA GLU A 42 6.87 3.30 1.47
C GLU A 42 5.40 2.96 1.69
N LEU A 43 5.01 1.76 1.27
CA LEU A 43 3.63 1.32 1.44
C LEU A 43 3.34 1.11 2.91
N PHE A 44 4.34 0.62 3.64
CA PHE A 44 4.21 0.37 5.06
C PHE A 44 3.96 1.70 5.79
N LYS A 45 4.54 2.77 5.27
CA LYS A 45 4.38 4.09 5.87
C LYS A 45 2.93 4.53 5.82
N LEU A 46 2.14 3.91 4.94
CA LEU A 46 0.74 4.25 4.82
C LEU A 46 -0.05 3.69 6.00
N LYS A 47 0.12 2.41 6.29
CA LYS A 47 -0.57 1.79 7.41
C LYS A 47 -0.31 2.58 8.69
N GLN A 48 0.80 3.29 8.74
CA GLN A 48 1.16 4.09 9.90
C GLN A 48 0.52 5.47 9.82
N MET A 49 0.27 5.93 8.60
CA MET A 49 -0.34 7.25 8.40
C MET A 49 -1.87 7.16 8.48
N TYR A 50 -2.40 5.97 8.27
CA TYR A 50 -3.85 5.77 8.35
C TYR A 50 -4.28 5.47 9.78
N GLY A 51 -3.36 4.93 10.57
CA GLY A 51 -3.65 4.62 11.95
C GLY A 51 -3.59 5.85 12.83
N LYS A 52 -2.79 6.83 12.42
CA LYS A 52 -2.64 8.07 13.18
C LYS A 52 -3.50 9.18 12.59
N ALA A 53 -3.80 9.06 11.29
CA ALA A 53 -4.61 10.06 10.60
C ALA A 53 -5.97 10.22 11.28
N ASP A 54 -6.80 9.18 11.19
CA ASP A 54 -8.12 9.21 11.79
C ASP A 54 -8.89 7.92 11.50
N MET A 55 -8.66 7.35 10.32
CA MET A 55 -9.32 6.11 9.91
C MET A 55 -10.77 6.39 9.53
N ASN A 56 -10.94 7.19 8.48
CA ASN A 56 -12.29 7.53 8.01
C ASN A 56 -12.62 6.76 6.74
N THR A 57 -11.63 6.60 5.86
CA THR A 57 -11.83 5.89 4.61
C THR A 57 -10.90 4.68 4.53
N PHE A 58 -9.66 4.86 4.95
CA PHE A 58 -8.67 3.79 4.93
C PHE A 58 -8.43 3.32 3.49
N PRO A 59 -7.28 2.70 3.23
CA PRO A 59 -6.93 2.20 1.89
C PRO A 59 -7.89 1.12 1.41
N ASN A 60 -7.79 0.76 0.14
CA ASN A 60 -8.65 -0.26 -0.44
C ASN A 60 -8.02 -1.65 -0.35
N PHE A 61 -7.10 -1.82 0.60
CA PHE A 61 -6.44 -3.11 0.79
C PHE A 61 -7.29 -4.01 1.68
N THR A 62 -6.79 -4.32 2.88
CA THR A 62 -7.51 -5.17 3.82
C THR A 62 -8.09 -6.40 3.12
N PHE A 63 -7.33 -7.48 3.13
CA PHE A 63 -7.75 -8.73 2.50
C PHE A 63 -9.11 -9.17 3.03
N GLU A 64 -9.33 -8.93 4.33
CA GLU A 64 -10.59 -9.29 4.96
C GLU A 64 -10.57 -8.92 6.45
N ASP A 65 -9.91 -7.81 6.78
CA ASP A 65 -9.82 -7.36 8.16
C ASP A 65 -11.18 -6.88 8.67
N PRO A 66 -11.75 -5.83 8.05
CA PRO A 66 -13.05 -5.29 8.46
C PRO A 66 -14.17 -6.31 8.31
N LYS A 67 -13.95 -7.29 7.42
CA LYS A 67 -14.94 -8.33 7.19
C LYS A 67 -15.22 -9.14 8.45
N PHE A 68 -14.31 -9.07 9.42
CA PHE A 68 -14.47 -9.79 10.67
C PHE A 68 -13.61 -9.18 11.78
N GLU A 69 -13.50 -7.85 11.78
CA GLU A 69 -12.71 -7.16 12.79
C GLU A 69 -11.28 -7.66 12.79
N VAL A 70 -10.54 -7.34 13.85
CA VAL A 70 -9.15 -7.76 13.98
C VAL A 70 -8.90 -8.44 15.32
N VAL A 71 -9.42 -7.85 16.38
CA VAL A 71 -9.25 -8.40 17.72
C VAL A 71 -10.54 -8.32 18.53
N GLU A 72 -10.95 -7.10 18.85
CA GLU A 72 -12.18 -6.88 19.61
C GLU A 72 -12.44 -5.38 19.79
N LYS A 73 -11.47 -4.69 20.38
CA LYS A 73 -11.60 -3.26 20.62
C LYS A 73 -10.34 -2.52 20.17
N PRO A 74 -10.10 -2.45 18.85
CA PRO A 74 -8.92 -1.78 18.29
C PRO A 74 -9.01 -0.26 18.44
N GLN A 75 -10.23 0.26 18.50
CA GLN A 75 -10.44 1.69 18.64
C GLN A 75 -10.01 2.17 20.02
N SER A 76 -10.14 1.30 21.02
CA SER A 76 -9.77 1.63 22.39
C SER A 76 -8.88 0.54 22.98
N ASN A 1 5.84 -16.87 17.41
CA ASN A 1 5.14 -15.56 17.37
C ASN A 1 4.81 -15.15 15.93
N LYS A 2 4.28 -13.94 15.77
CA LYS A 2 3.94 -13.44 14.45
C LYS A 2 4.30 -11.97 14.31
N GLU A 3 4.95 -11.62 13.21
CA GLU A 3 5.36 -10.24 12.96
C GLU A 3 4.15 -9.32 12.92
N LEU A 4 3.10 -9.75 12.22
CA LEU A 4 1.88 -8.97 12.09
C LEU A 4 0.65 -9.85 12.21
N ASP A 5 0.34 -10.58 11.15
CA ASP A 5 -0.82 -11.47 11.12
C ASP A 5 -1.02 -12.03 9.72
N PRO A 6 -1.98 -12.95 9.56
CA PRO A 6 -2.27 -13.57 8.25
C PRO A 6 -3.15 -12.69 7.37
N VAL A 7 -2.78 -11.41 7.25
CA VAL A 7 -3.54 -10.47 6.43
C VAL A 7 -2.68 -9.25 6.09
N GLN A 8 -2.07 -8.65 7.10
CA GLN A 8 -1.22 -7.49 6.89
C GLN A 8 -0.10 -7.81 5.91
N LYS A 9 0.31 -9.07 5.88
CA LYS A 9 1.37 -9.51 4.97
C LYS A 9 0.92 -9.38 3.53
N LEU A 10 -0.24 -9.94 3.23
CA LEU A 10 -0.79 -9.88 1.87
C LEU A 10 -0.88 -8.43 1.41
N PHE A 11 -1.12 -7.53 2.36
CA PHE A 11 -1.21 -6.11 2.06
C PHE A 11 0.11 -5.57 1.54
N VAL A 12 1.17 -5.74 2.33
CA VAL A 12 2.49 -5.27 1.93
C VAL A 12 2.87 -5.84 0.57
N ASP A 13 2.34 -7.03 0.28
CA ASP A 13 2.61 -7.69 -0.99
C ASP A 13 1.51 -7.37 -1.99
N LYS A 14 0.71 -6.35 -1.70
CA LYS A 14 -0.36 -5.92 -2.57
C LYS A 14 -0.12 -4.49 -2.96
N ILE A 15 0.36 -3.69 -2.01
CA ILE A 15 0.67 -2.31 -2.30
C ILE A 15 2.05 -2.24 -2.95
N ARG A 16 2.75 -3.36 -2.96
CA ARG A 16 4.04 -3.41 -3.61
C ARG A 16 3.84 -3.86 -5.05
N GLU A 17 2.56 -4.05 -5.42
CA GLU A 17 2.22 -4.49 -6.76
C GLU A 17 1.53 -3.37 -7.54
N TYR A 18 0.94 -2.43 -6.83
CA TYR A 18 0.26 -1.30 -7.47
C TYR A 18 1.19 -0.07 -7.50
N ARG A 19 2.12 0.00 -6.55
CA ARG A 19 3.07 1.10 -6.51
C ARG A 19 4.22 0.80 -7.45
N THR A 20 4.51 -0.48 -7.59
CA THR A 20 5.57 -0.95 -8.46
C THR A 20 5.30 -0.51 -9.89
N LYS A 21 4.01 -0.53 -10.27
CA LYS A 21 3.62 -0.13 -11.62
C LYS A 21 3.98 1.33 -11.88
N ARG A 22 3.43 2.22 -11.06
CA ARG A 22 3.72 3.65 -11.20
C ARG A 22 5.19 3.94 -10.89
N GLN A 23 5.79 3.11 -10.05
CA GLN A 23 7.18 3.27 -9.68
C GLN A 23 8.08 3.14 -10.90
N THR A 24 7.98 2.02 -11.61
CA THR A 24 8.79 1.77 -12.80
C THR A 24 8.56 2.85 -13.84
N SER A 25 7.34 3.39 -13.87
CA SER A 25 6.99 4.44 -14.83
C SER A 25 7.25 5.82 -14.25
N GLY A 26 8.52 6.22 -14.25
CA GLY A 26 8.88 7.53 -13.72
C GLY A 26 9.44 7.45 -12.31
N GLY A 27 10.74 7.73 -12.18
CA GLY A 27 11.37 7.68 -10.88
C GLY A 27 10.70 8.59 -9.86
N PRO A 28 10.01 8.02 -8.87
CA PRO A 28 9.31 8.79 -7.84
C PRO A 28 10.25 9.25 -6.72
N VAL A 29 11.14 8.35 -6.30
CA VAL A 29 12.09 8.65 -5.23
C VAL A 29 13.50 8.77 -5.79
N ASP A 30 14.43 9.15 -4.92
CA ASP A 30 15.83 9.27 -5.32
C ASP A 30 16.60 8.02 -4.96
N ALA A 31 15.90 6.89 -4.94
CA ALA A 31 16.49 5.60 -4.60
C ALA A 31 17.14 4.96 -5.82
N GLY A 32 16.32 4.41 -6.71
CA GLY A 32 16.82 3.77 -7.90
C GLY A 32 15.73 3.07 -8.68
N PRO A 33 16.06 2.46 -9.83
CA PRO A 33 15.08 1.76 -10.66
C PRO A 33 14.82 0.34 -10.19
N GLU A 34 15.43 -0.04 -9.08
CA GLU A 34 15.23 -1.38 -8.53
C GLU A 34 15.25 -1.35 -7.01
N TYR A 35 14.96 -0.18 -6.48
CA TYR A 35 14.90 0.05 -5.04
C TYR A 35 13.57 -0.47 -4.48
N GLN A 36 12.88 -1.34 -5.24
CA GLN A 36 11.59 -1.89 -4.83
C GLN A 36 11.55 -2.19 -3.33
N GLN A 37 12.71 -2.46 -2.76
CA GLN A 37 12.81 -2.74 -1.34
C GLN A 37 12.66 -1.47 -0.51
N ASP A 38 13.17 -0.37 -1.03
CA ASP A 38 13.08 0.92 -0.34
C ASP A 38 11.66 1.45 -0.44
N LEU A 39 11.05 1.24 -1.60
CA LEU A 39 9.68 1.68 -1.84
C LEU A 39 8.74 1.05 -0.81
N ASP A 40 9.08 -0.17 -0.39
CA ASP A 40 8.28 -0.88 0.61
C ASP A 40 8.15 -0.06 1.89
N ARG A 41 9.15 0.78 2.15
CA ARG A 41 9.14 1.62 3.34
C ARG A 41 7.89 2.51 3.36
N GLU A 42 7.53 3.02 2.19
CA GLU A 42 6.36 3.87 2.06
C GLU A 42 5.09 3.06 2.28
N LEU A 43 5.16 1.77 1.93
CA LEU A 43 4.03 0.88 2.11
C LEU A 43 3.79 0.59 3.58
N PHE A 44 4.86 0.22 4.28
CA PHE A 44 4.77 -0.07 5.71
C PHE A 44 4.22 1.13 6.47
N LYS A 45 4.41 2.32 5.90
CA LYS A 45 3.93 3.54 6.53
C LYS A 45 2.40 3.55 6.59
N LEU A 46 1.77 2.84 5.65
CA LEU A 46 0.31 2.76 5.63
C LEU A 46 -0.22 2.10 6.89
N LYS A 47 0.43 1.00 7.29
CA LYS A 47 0.02 0.26 8.48
C LYS A 47 -0.03 1.17 9.69
N GLN A 48 0.99 2.01 9.86
CA GLN A 48 1.06 2.93 10.98
C GLN A 48 -0.15 3.85 10.98
N MET A 49 -0.61 4.20 9.78
CA MET A 49 -1.77 5.07 9.63
C MET A 49 -3.05 4.26 9.84
N TYR A 50 -2.96 2.95 9.57
CA TYR A 50 -4.09 2.06 9.72
C TYR A 50 -4.39 1.81 11.20
N GLY A 51 -3.34 1.65 11.99
CA GLY A 51 -3.52 1.40 13.40
C GLY A 51 -3.64 2.69 14.20
N LYS A 52 -3.66 3.82 13.50
CA LYS A 52 -3.77 5.12 14.14
C LYS A 52 -5.06 5.84 13.75
N ALA A 53 -5.67 5.41 12.65
CA ALA A 53 -6.91 6.04 12.18
C ALA A 53 -8.11 5.11 12.36
N ASP A 54 -8.22 4.12 11.49
CA ASP A 54 -9.32 3.17 11.55
C ASP A 54 -10.68 3.87 11.45
N MET A 55 -11.02 4.35 10.25
CA MET A 55 -12.29 5.03 10.03
C MET A 55 -12.64 5.13 8.55
N ASN A 56 -13.28 4.08 8.02
CA ASN A 56 -13.70 4.03 6.62
C ASN A 56 -12.58 4.52 5.69
N THR A 57 -11.54 3.69 5.55
CA THR A 57 -10.38 4.00 4.72
C THR A 57 -9.21 3.19 5.22
N PHE A 58 -9.22 2.94 6.53
CA PHE A 58 -8.19 2.18 7.19
C PHE A 58 -8.66 0.77 7.57
N PRO A 59 -9.87 0.64 8.14
CA PRO A 59 -10.41 -0.66 8.56
C PRO A 59 -11.08 -1.41 7.43
N ASN A 60 -10.38 -1.57 6.32
CA ASN A 60 -10.90 -2.29 5.18
C ASN A 60 -9.85 -2.41 4.08
N PHE A 61 -9.36 -1.27 3.62
CA PHE A 61 -8.33 -1.22 2.58
C PHE A 61 -8.18 0.20 2.04
N THR A 62 -9.11 0.62 1.19
CA THR A 62 -9.09 1.95 0.61
C THR A 62 -7.73 2.21 -0.04
N PHE A 63 -7.68 2.04 -1.35
CA PHE A 63 -6.46 2.26 -2.11
C PHE A 63 -6.40 3.69 -2.63
N GLU A 64 -7.57 4.27 -2.87
CA GLU A 64 -7.65 5.64 -3.37
C GLU A 64 -9.10 6.12 -3.39
N ASP A 65 -9.87 5.69 -2.40
CA ASP A 65 -11.28 6.07 -2.29
C ASP A 65 -11.42 7.59 -2.23
N PRO A 66 -12.65 8.10 -2.44
CA PRO A 66 -12.93 9.53 -2.40
C PRO A 66 -13.06 10.08 -0.99
N LYS A 67 -12.87 9.21 0.01
CA LYS A 67 -12.96 9.61 1.41
C LYS A 67 -12.14 10.86 1.69
N PHE A 68 -11.13 11.10 0.86
CA PHE A 68 -10.26 12.26 1.02
C PHE A 68 -11.05 13.56 0.87
N GLU A 69 -12.06 13.52 0.01
CA GLU A 69 -12.90 14.70 -0.24
C GLU A 69 -14.37 14.39 0.07
N VAL A 70 -15.04 13.72 -0.87
CA VAL A 70 -16.44 13.36 -0.71
C VAL A 70 -17.32 14.61 -0.66
N VAL A 71 -17.24 15.43 -1.71
CA VAL A 71 -18.02 16.65 -1.78
C VAL A 71 -19.27 16.45 -2.63
N GLU A 72 -19.78 15.22 -2.64
CA GLU A 72 -20.97 14.89 -3.41
C GLU A 72 -20.74 15.08 -4.90
N LYS A 73 -20.80 16.32 -5.36
CA LYS A 73 -20.58 16.63 -6.76
C LYS A 73 -19.20 17.23 -6.99
N PRO A 74 -18.66 17.10 -8.22
CA PRO A 74 -17.33 17.63 -8.55
C PRO A 74 -17.19 19.10 -8.19
N GLN A 75 -18.31 19.82 -8.19
CA GLN A 75 -18.30 21.23 -7.85
C GLN A 75 -17.45 22.02 -8.83
N SER A 76 -17.46 21.60 -10.09
CA SER A 76 -16.68 22.26 -11.14
C SER A 76 -17.54 22.54 -12.36
N ASN A 1 15.04 -9.91 9.67
CA ASN A 1 13.70 -10.45 10.00
C ASN A 1 13.30 -10.14 11.44
N LYS A 2 12.00 -10.08 11.68
CA LYS A 2 11.50 -9.77 13.02
C LYS A 2 10.42 -10.77 13.43
N GLU A 3 9.23 -10.63 12.84
CA GLU A 3 8.12 -11.53 13.15
C GLU A 3 7.36 -11.89 11.87
N LEU A 4 6.85 -10.88 11.19
CA LEU A 4 6.10 -11.10 9.95
C LEU A 4 4.79 -11.84 10.23
N ASP A 5 3.70 -11.10 10.26
CA ASP A 5 2.38 -11.70 10.51
C ASP A 5 1.96 -12.54 9.31
N PRO A 6 1.22 -13.64 9.55
CA PRO A 6 0.75 -14.53 8.47
C PRO A 6 -0.31 -13.87 7.60
N VAL A 7 0.04 -12.74 7.01
CA VAL A 7 -0.87 -11.99 6.14
C VAL A 7 -0.27 -10.65 5.75
N GLN A 8 0.34 -9.98 6.73
CA GLN A 8 0.94 -8.68 6.49
C GLN A 8 1.94 -8.74 5.34
N LYS A 9 2.56 -9.91 5.17
CA LYS A 9 3.52 -10.10 4.10
C LYS A 9 2.84 -10.02 2.73
N LEU A 10 1.73 -10.71 2.59
CA LEU A 10 0.96 -10.71 1.36
C LEU A 10 0.48 -9.31 1.04
N PHE A 11 0.11 -8.58 2.10
CA PHE A 11 -0.37 -7.20 1.95
C PHE A 11 0.74 -6.31 1.41
N VAL A 12 1.91 -6.38 2.04
CA VAL A 12 3.04 -5.58 1.60
C VAL A 12 3.34 -5.84 0.12
N ASP A 13 2.92 -7.00 -0.36
CA ASP A 13 3.14 -7.37 -1.75
C ASP A 13 1.91 -7.02 -2.59
N LYS A 14 1.00 -6.24 -2.03
CA LYS A 14 -0.19 -5.83 -2.75
C LYS A 14 -0.18 -4.32 -2.90
N ILE A 15 0.33 -3.64 -1.88
CA ILE A 15 0.45 -2.20 -1.94
C ILE A 15 1.64 -1.83 -2.81
N ARG A 16 2.50 -2.80 -3.09
CA ARG A 16 3.63 -2.54 -3.94
C ARG A 16 3.25 -2.85 -5.38
N GLU A 17 1.97 -3.17 -5.60
CA GLU A 17 1.48 -3.49 -6.93
C GLU A 17 0.50 -2.43 -7.41
N TYR A 18 -0.11 -1.71 -6.47
CA TYR A 18 -1.05 -0.65 -6.80
C TYR A 18 -0.34 0.70 -6.77
N ARG A 19 0.70 0.80 -5.94
CA ARG A 19 1.47 2.04 -5.83
C ARG A 19 2.50 2.09 -6.95
N THR A 20 2.93 0.92 -7.36
CA THR A 20 3.90 0.78 -8.44
C THR A 20 3.33 1.36 -9.73
N LYS A 21 2.01 1.19 -9.91
CA LYS A 21 1.34 1.70 -11.10
C LYS A 21 1.23 3.22 -11.06
N ARG A 22 1.11 3.77 -9.86
CA ARG A 22 1.01 5.21 -9.69
C ARG A 22 2.37 5.86 -9.50
N GLN A 23 3.44 5.06 -9.57
CA GLN A 23 4.80 5.56 -9.40
C GLN A 23 5.08 6.70 -10.37
N THR A 24 4.42 6.67 -11.52
CA THR A 24 4.59 7.70 -12.54
C THR A 24 6.06 7.81 -12.96
N SER A 25 6.68 6.67 -13.23
CA SER A 25 8.08 6.65 -13.65
C SER A 25 8.98 7.18 -12.54
N GLY A 26 9.94 6.37 -12.10
CA GLY A 26 10.85 6.78 -11.06
C GLY A 26 12.20 7.22 -11.60
N GLY A 27 13.22 6.42 -11.34
CA GLY A 27 14.56 6.75 -11.81
C GLY A 27 15.61 6.54 -10.74
N PRO A 28 15.56 7.32 -9.65
CA PRO A 28 16.53 7.20 -8.55
C PRO A 28 16.54 5.80 -7.93
N VAL A 29 15.50 5.50 -7.15
CA VAL A 29 15.39 4.19 -6.51
C VAL A 29 14.20 3.41 -7.05
N ASP A 30 13.12 4.13 -7.35
CA ASP A 30 11.91 3.52 -7.87
C ASP A 30 12.18 2.79 -9.18
N ALA A 31 13.29 3.12 -9.82
CA ALA A 31 13.67 2.48 -11.08
C ALA A 31 13.49 0.98 -11.02
N GLY A 32 14.43 0.30 -10.38
CA GLY A 32 14.35 -1.14 -10.25
C GLY A 32 15.65 -1.85 -9.87
N PRO A 33 16.56 -1.24 -9.08
CA PRO A 33 17.80 -1.89 -8.68
C PRO A 33 17.61 -2.75 -7.45
N GLU A 34 16.63 -3.64 -7.53
CA GLU A 34 16.30 -4.51 -6.42
C GLU A 34 16.01 -3.68 -5.19
N TYR A 35 15.72 -2.41 -5.42
CA TYR A 35 15.38 -1.46 -4.38
C TYR A 35 14.06 -1.88 -3.74
N GLN A 36 13.44 -2.92 -4.30
CA GLN A 36 12.14 -3.41 -3.81
C GLN A 36 12.06 -3.34 -2.29
N GLN A 37 13.21 -3.47 -1.65
CA GLN A 37 13.27 -3.43 -0.18
C GLN A 37 13.04 -2.01 0.34
N ASP A 38 13.16 -1.01 -0.54
CA ASP A 38 12.94 0.38 -0.14
C ASP A 38 11.48 0.73 -0.31
N LEU A 39 10.88 0.18 -1.35
CA LEU A 39 9.47 0.41 -1.65
C LEU A 39 8.61 -0.17 -0.53
N ASP A 40 9.10 -1.25 0.08
CA ASP A 40 8.39 -1.90 1.17
C ASP A 40 8.29 -0.99 2.38
N ARG A 41 9.32 -0.16 2.56
CA ARG A 41 9.35 0.78 3.68
C ARG A 41 8.20 1.77 3.58
N GLU A 42 8.03 2.37 2.41
CA GLU A 42 6.95 3.33 2.19
C GLU A 42 5.60 2.68 2.42
N LEU A 43 5.51 1.39 2.12
CA LEU A 43 4.27 0.65 2.29
C LEU A 43 3.88 0.59 3.77
N PHE A 44 4.85 0.30 4.62
CA PHE A 44 4.61 0.23 6.05
C PHE A 44 3.99 1.53 6.56
N LYS A 45 4.24 2.62 5.84
CA LYS A 45 3.70 3.92 6.20
C LYS A 45 2.18 3.91 6.13
N LEU A 46 1.63 3.11 5.22
CA LEU A 46 0.19 3.01 5.06
C LEU A 46 -0.46 2.57 6.37
N LYS A 47 0.02 1.44 6.90
CA LYS A 47 -0.50 0.91 8.15
C LYS A 47 -0.54 1.98 9.24
N GLN A 48 0.37 2.94 9.14
CA GLN A 48 0.44 4.02 10.11
C GLN A 48 -0.62 5.09 9.82
N MET A 49 -0.86 5.35 8.55
CA MET A 49 -1.86 6.34 8.15
C MET A 49 -3.26 5.77 8.27
N TYR A 50 -3.37 4.45 8.17
CA TYR A 50 -4.65 3.76 8.27
C TYR A 50 -5.06 3.59 9.72
N GLY A 51 -4.07 3.39 10.59
CA GLY A 51 -4.35 3.22 12.01
C GLY A 51 -4.57 4.54 12.72
N LYS A 52 -3.97 5.61 12.19
CA LYS A 52 -4.10 6.93 12.77
C LYS A 52 -5.25 7.70 12.12
N ALA A 53 -5.59 7.33 10.89
CA ALA A 53 -6.66 8.00 10.17
C ALA A 53 -7.99 7.89 10.93
N ASP A 54 -8.75 6.82 10.66
CA ASP A 54 -10.04 6.61 11.33
C ASP A 54 -10.70 5.31 10.89
N MET A 55 -9.92 4.38 10.35
CA MET A 55 -10.46 3.10 9.89
C MET A 55 -11.77 3.28 9.12
N ASN A 56 -11.91 4.42 8.47
CA ASN A 56 -13.12 4.72 7.70
C ASN A 56 -12.78 5.03 6.25
N THR A 57 -11.62 4.56 5.81
CA THR A 57 -11.17 4.80 4.45
C THR A 57 -10.21 3.71 3.98
N PHE A 58 -10.63 2.45 4.14
CA PHE A 58 -9.80 1.32 3.76
C PHE A 58 -10.13 0.86 2.34
N PRO A 59 -9.26 1.19 1.35
CA PRO A 59 -9.45 0.82 -0.04
C PRO A 59 -8.73 -0.48 -0.38
N ASN A 60 -7.39 -0.44 -0.32
CA ASN A 60 -6.59 -1.62 -0.61
C ASN A 60 -6.18 -2.31 0.68
N PHE A 61 -6.09 -1.54 1.77
CA PHE A 61 -5.72 -2.09 3.07
C PHE A 61 -6.67 -3.22 3.48
N THR A 62 -7.89 -3.19 2.93
CA THR A 62 -8.88 -4.21 3.24
C THR A 62 -8.56 -5.51 2.53
N PHE A 63 -8.36 -5.45 1.21
CA PHE A 63 -8.06 -6.65 0.42
C PHE A 63 -8.98 -7.80 0.82
N GLU A 64 -10.28 -7.48 0.96
CA GLU A 64 -11.30 -8.44 1.36
C GLU A 64 -11.53 -8.40 2.86
N ASP A 65 -10.52 -7.94 3.61
CA ASP A 65 -10.61 -7.83 5.05
C ASP A 65 -11.05 -9.16 5.68
N PRO A 66 -11.13 -9.24 7.02
CA PRO A 66 -11.54 -10.45 7.73
C PRO A 66 -13.05 -10.57 7.84
N LYS A 67 -13.78 -9.70 7.15
CA LYS A 67 -15.24 -9.73 7.18
C LYS A 67 -15.78 -11.09 6.73
N PHE A 68 -14.94 -11.86 6.05
CA PHE A 68 -15.33 -13.19 5.58
C PHE A 68 -15.58 -14.13 6.74
N GLU A 69 -14.78 -14.00 7.80
CA GLU A 69 -14.90 -14.84 8.97
C GLU A 69 -14.49 -16.28 8.68
N VAL A 70 -15.25 -16.95 7.82
CA VAL A 70 -14.95 -18.32 7.45
C VAL A 70 -15.57 -18.69 6.10
N VAL A 71 -15.63 -17.71 5.20
CA VAL A 71 -16.20 -17.93 3.87
C VAL A 71 -15.12 -17.91 2.81
N GLU A 72 -14.05 -17.14 3.06
CA GLU A 72 -12.94 -17.03 2.13
C GLU A 72 -13.39 -16.40 0.81
N LYS A 73 -14.00 -17.21 -0.06
CA LYS A 73 -14.48 -16.73 -1.35
C LYS A 73 -15.23 -17.83 -2.09
N PRO A 74 -16.08 -17.44 -3.07
CA PRO A 74 -16.86 -18.40 -3.85
C PRO A 74 -15.98 -19.47 -4.50
N GLN A 75 -15.74 -20.55 -3.78
CA GLN A 75 -14.90 -21.64 -4.29
C GLN A 75 -15.27 -22.96 -3.64
N SER A 76 -16.27 -23.64 -4.19
CA SER A 76 -16.72 -24.92 -3.65
C SER A 76 -17.63 -25.64 -4.64
N ASN A 1 4.90 -18.32 17.00
CA ASN A 1 5.04 -17.04 16.23
C ASN A 1 5.43 -17.30 14.78
N LYS A 2 4.48 -17.14 13.89
CA LYS A 2 4.73 -17.36 12.47
C LYS A 2 5.63 -16.27 11.89
N GLU A 3 5.07 -15.09 11.69
CA GLU A 3 5.83 -13.97 11.15
C GLU A 3 5.00 -12.69 11.16
N LEU A 4 3.73 -12.80 10.79
CA LEU A 4 2.83 -11.66 10.76
C LEU A 4 1.40 -12.08 11.10
N ASP A 5 0.73 -12.71 10.14
CA ASP A 5 -0.64 -13.16 10.32
C ASP A 5 -1.21 -13.67 8.99
N PRO A 6 -2.45 -14.19 9.00
CA PRO A 6 -3.10 -14.70 7.79
C PRO A 6 -3.78 -13.60 6.97
N VAL A 7 -3.17 -12.42 6.94
CA VAL A 7 -3.74 -11.30 6.19
C VAL A 7 -2.68 -10.26 5.84
N GLN A 8 -1.81 -9.95 6.80
CA GLN A 8 -0.75 -8.97 6.58
C GLN A 8 0.05 -9.30 5.32
N LYS A 9 0.14 -10.58 5.01
CA LYS A 9 0.88 -11.03 3.83
C LYS A 9 0.18 -10.57 2.55
N LEU A 10 -1.13 -10.80 2.48
CA LEU A 10 -1.92 -10.40 1.32
C LEU A 10 -1.84 -8.89 1.13
N PHE A 11 -1.85 -8.16 2.23
CA PHE A 11 -1.78 -6.70 2.20
C PHE A 11 -0.41 -6.24 1.73
N VAL A 12 0.64 -6.79 2.35
CA VAL A 12 2.00 -6.44 1.99
C VAL A 12 2.36 -6.99 0.60
N ASP A 13 1.68 -8.05 0.20
CA ASP A 13 1.93 -8.67 -1.10
C ASP A 13 0.95 -8.16 -2.15
N LYS A 14 0.07 -7.24 -1.77
CA LYS A 14 -0.89 -6.66 -2.69
C LYS A 14 -0.56 -5.20 -2.88
N ILE A 15 0.03 -4.62 -1.84
CA ILE A 15 0.45 -3.25 -1.89
C ILE A 15 1.73 -3.14 -2.70
N ARG A 16 2.40 -4.27 -2.90
CA ARG A 16 3.60 -4.27 -3.70
C ARG A 16 3.23 -4.46 -5.15
N GLU A 17 1.92 -4.50 -5.42
CA GLU A 17 1.42 -4.67 -6.77
C GLU A 17 0.74 -3.40 -7.29
N TYR A 18 0.27 -2.58 -6.37
CA TYR A 18 -0.38 -1.32 -6.72
C TYR A 18 0.61 -0.17 -6.59
N ARG A 19 1.62 -0.34 -5.71
CA ARG A 19 2.63 0.69 -5.52
C ARG A 19 3.70 0.53 -6.59
N THR A 20 3.89 -0.72 -7.00
CA THR A 20 4.85 -1.05 -8.03
C THR A 20 4.53 -0.29 -9.32
N LYS A 21 3.23 -0.15 -9.60
CA LYS A 21 2.78 0.55 -10.80
C LYS A 21 3.10 2.04 -10.71
N ARG A 22 3.10 2.56 -9.49
CA ARG A 22 3.39 3.97 -9.27
C ARG A 22 4.88 4.26 -9.46
N GLN A 23 5.71 3.25 -9.22
CA GLN A 23 7.15 3.41 -9.37
C GLN A 23 7.51 3.79 -10.80
N THR A 24 6.97 3.06 -11.76
CA THR A 24 7.24 3.32 -13.18
C THR A 24 6.73 4.70 -13.57
N SER A 25 5.61 5.11 -12.99
CA SER A 25 5.02 6.42 -13.28
C SER A 25 5.97 7.54 -12.93
N GLY A 26 6.24 7.69 -11.64
CA GLY A 26 7.15 8.73 -11.19
C GLY A 26 8.01 8.29 -10.03
N GLY A 27 7.40 7.63 -9.05
CA GLY A 27 8.14 7.16 -7.89
C GLY A 27 7.75 7.89 -6.62
N PRO A 28 7.80 7.22 -5.46
CA PRO A 28 7.45 7.83 -4.18
C PRO A 28 8.56 8.73 -3.65
N VAL A 29 9.81 8.27 -3.77
CA VAL A 29 10.96 9.03 -3.30
C VAL A 29 11.74 9.62 -4.47
N ASP A 30 11.44 9.17 -5.69
CA ASP A 30 12.13 9.66 -6.87
C ASP A 30 13.61 9.32 -6.83
N ALA A 31 13.93 8.19 -6.21
CA ALA A 31 15.31 7.74 -6.10
C ALA A 31 15.84 7.19 -7.42
N GLY A 32 14.92 6.75 -8.28
CA GLY A 32 15.31 6.20 -9.56
C GLY A 32 15.06 4.71 -9.65
N PRO A 33 15.22 4.11 -10.83
CA PRO A 33 15.01 2.67 -11.02
C PRO A 33 16.09 1.83 -10.36
N GLU A 34 16.18 1.94 -9.04
CA GLU A 34 17.16 1.18 -8.27
C GLU A 34 17.02 1.47 -6.79
N TYR A 35 15.99 0.90 -6.19
CA TYR A 35 15.68 1.09 -4.79
C TYR A 35 14.43 0.30 -4.41
N GLN A 36 14.22 -0.83 -5.07
CA GLN A 36 13.05 -1.67 -4.82
C GLN A 36 12.87 -1.97 -3.33
N GLN A 37 13.89 -1.65 -2.54
CA GLN A 37 13.84 -1.89 -1.11
C GLN A 37 13.38 -0.63 -0.37
N ASP A 38 13.46 0.51 -1.04
CA ASP A 38 13.03 1.77 -0.45
C ASP A 38 11.55 2.02 -0.70
N LEU A 39 11.00 1.35 -1.71
CA LEU A 39 9.59 1.49 -2.04
C LEU A 39 8.73 0.60 -1.15
N ASP A 40 9.29 -0.52 -0.74
CA ASP A 40 8.58 -1.46 0.12
C ASP A 40 8.47 -0.92 1.54
N ARG A 41 9.51 -0.22 1.98
CA ARG A 41 9.54 0.36 3.32
C ARG A 41 8.50 1.47 3.46
N GLU A 42 8.26 2.18 2.36
CA GLU A 42 7.28 3.26 2.35
C GLU A 42 5.88 2.71 2.58
N LEU A 43 5.64 1.50 2.08
CA LEU A 43 4.34 0.86 2.24
C LEU A 43 4.02 0.64 3.70
N PHE A 44 4.96 0.06 4.43
CA PHE A 44 4.77 -0.20 5.86
C PHE A 44 4.32 1.07 6.57
N LYS A 45 4.68 2.22 6.02
CA LYS A 45 4.31 3.50 6.60
C LYS A 45 2.79 3.66 6.60
N LEU A 46 2.11 2.97 5.68
CA LEU A 46 0.66 3.04 5.59
C LEU A 46 0.03 2.50 6.86
N LYS A 47 0.37 1.26 7.22
CA LYS A 47 -0.18 0.64 8.41
C LYS A 47 -0.09 1.59 9.60
N GLN A 48 0.93 2.45 9.59
CA GLN A 48 1.13 3.43 10.66
C GLN A 48 0.28 4.66 10.39
N MET A 49 0.06 4.95 9.11
CA MET A 49 -0.75 6.10 8.71
C MET A 49 -2.23 5.81 8.90
N TYR A 50 -2.62 4.57 8.63
CA TYR A 50 -4.02 4.17 8.78
C TYR A 50 -4.42 4.12 10.25
N GLY A 51 -3.44 3.86 11.11
CA GLY A 51 -3.71 3.78 12.53
C GLY A 51 -3.96 5.16 13.14
N LYS A 52 -3.44 6.20 12.48
CA LYS A 52 -3.61 7.56 12.95
C LYS A 52 -4.24 8.45 11.89
N ALA A 53 -5.01 7.82 10.99
CA ALA A 53 -5.68 8.55 9.92
C ALA A 53 -7.19 8.54 10.10
N ASP A 54 -7.70 7.49 10.73
CA ASP A 54 -9.14 7.36 10.97
C ASP A 54 -9.89 7.22 9.64
N MET A 55 -9.23 6.64 8.64
CA MET A 55 -9.83 6.44 7.34
C MET A 55 -10.24 7.78 6.71
N ASN A 56 -9.27 8.68 6.57
CA ASN A 56 -9.53 9.99 5.98
C ASN A 56 -8.62 10.24 4.78
N THR A 57 -8.13 9.16 4.18
CA THR A 57 -7.25 9.27 3.01
C THR A 57 -7.61 8.22 1.96
N PHE A 58 -7.94 7.01 2.41
CA PHE A 58 -8.31 5.93 1.51
C PHE A 58 -9.63 5.31 1.93
N PRO A 59 -10.23 4.48 1.07
CA PRO A 59 -11.51 3.83 1.37
C PRO A 59 -11.52 3.19 2.76
N ASN A 60 -10.55 2.33 3.01
CA ASN A 60 -10.42 1.65 4.29
C ASN A 60 -9.26 0.66 4.27
N PHE A 61 -8.30 0.89 3.37
CA PHE A 61 -7.13 0.01 3.25
C PHE A 61 -7.50 -1.29 2.54
N THR A 62 -8.75 -1.42 2.12
CA THR A 62 -9.23 -2.60 1.42
C THR A 62 -8.15 -3.22 0.53
N PHE A 63 -7.65 -2.42 -0.42
CA PHE A 63 -6.58 -2.86 -1.34
C PHE A 63 -6.55 -4.37 -1.54
N GLU A 64 -7.72 -4.99 -1.66
CA GLU A 64 -7.83 -6.43 -1.85
C GLU A 64 -9.28 -6.89 -1.93
N ASP A 65 -10.15 -6.20 -1.21
CA ASP A 65 -11.58 -6.54 -1.20
C ASP A 65 -12.15 -6.59 -2.61
N PRO A 66 -13.40 -7.07 -2.74
CA PRO A 66 -14.10 -7.18 -4.03
C PRO A 66 -13.84 -6.02 -4.96
N LYS A 67 -14.27 -6.18 -6.20
CA LYS A 67 -14.05 -5.18 -7.22
C LYS A 67 -12.63 -5.35 -7.76
N PHE A 68 -11.80 -6.05 -6.98
CA PHE A 68 -10.41 -6.31 -7.37
C PHE A 68 -10.33 -7.55 -8.28
N GLU A 69 -11.22 -8.50 -8.05
CA GLU A 69 -11.28 -9.73 -8.83
C GLU A 69 -9.88 -10.31 -9.06
N VAL A 70 -9.08 -10.35 -8.01
CA VAL A 70 -7.72 -10.87 -8.09
C VAL A 70 -7.62 -12.22 -7.39
N VAL A 71 -8.72 -12.96 -7.35
CA VAL A 71 -8.75 -14.26 -6.69
C VAL A 71 -9.88 -15.13 -7.24
N GLU A 72 -11.06 -14.52 -7.39
CA GLU A 72 -12.22 -15.23 -7.91
C GLU A 72 -12.64 -16.36 -6.96
N LYS A 73 -13.91 -16.38 -6.59
CA LYS A 73 -14.44 -17.39 -5.69
C LYS A 73 -13.75 -17.33 -4.34
N PRO A 74 -13.76 -16.15 -3.70
CA PRO A 74 -13.13 -15.95 -2.39
C PRO A 74 -13.91 -16.64 -1.27
N GLN A 75 -13.99 -17.96 -1.33
CA GLN A 75 -14.70 -18.73 -0.33
C GLN A 75 -16.17 -18.33 -0.27
N SER A 76 -16.71 -17.93 -1.41
CA SER A 76 -18.11 -17.52 -1.49
C SER A 76 -18.51 -17.22 -2.93
N ASN A 1 10.12 -12.70 2.67
CA ASN A 1 10.22 -12.29 4.09
C ASN A 1 9.51 -13.30 5.01
N LYS A 2 9.70 -13.14 6.31
CA LYS A 2 9.08 -14.04 7.29
C LYS A 2 9.34 -13.55 8.71
N GLU A 3 8.49 -12.65 9.19
CA GLU A 3 8.62 -12.10 10.53
C GLU A 3 7.33 -11.42 10.98
N LEU A 4 6.20 -11.98 10.55
CA LEU A 4 4.90 -11.43 10.90
C LEU A 4 3.85 -12.53 11.00
N ASP A 5 3.38 -12.99 9.85
CA ASP A 5 2.37 -14.03 9.79
C ASP A 5 2.42 -14.73 8.42
N PRO A 6 1.76 -15.89 8.28
CA PRO A 6 1.76 -16.62 7.01
C PRO A 6 0.72 -16.08 6.03
N VAL A 7 0.39 -14.80 6.15
CA VAL A 7 -0.58 -14.18 5.26
C VAL A 7 -0.42 -12.66 5.25
N GLN A 8 -0.21 -12.08 6.43
CA GLN A 8 -0.04 -10.64 6.55
C GLN A 8 1.05 -10.14 5.60
N LYS A 9 1.97 -11.03 5.26
CA LYS A 9 3.05 -10.68 4.33
C LYS A 9 2.54 -10.57 2.91
N LEU A 10 1.45 -11.28 2.63
CA LEU A 10 0.84 -11.26 1.30
C LEU A 10 0.27 -9.89 0.98
N PHE A 11 -0.43 -9.30 1.94
CA PHE A 11 -1.03 -7.98 1.74
C PHE A 11 0.06 -6.93 1.56
N VAL A 12 1.06 -6.95 2.44
CA VAL A 12 2.15 -6.00 2.34
C VAL A 12 2.88 -6.15 1.01
N ASP A 13 2.73 -7.32 0.39
CA ASP A 13 3.38 -7.58 -0.88
C ASP A 13 2.42 -7.33 -2.05
N LYS A 14 1.28 -6.69 -1.76
CA LYS A 14 0.32 -6.37 -2.78
C LYS A 14 0.19 -4.86 -2.89
N ILE A 15 0.50 -4.18 -1.80
CA ILE A 15 0.47 -2.74 -1.80
C ILE A 15 1.78 -2.21 -2.35
N ARG A 16 2.75 -3.09 -2.51
CA ARG A 16 4.01 -2.69 -3.09
C ARG A 16 3.93 -2.86 -4.60
N GLU A 17 2.75 -3.28 -5.08
CA GLU A 17 2.52 -3.49 -6.49
C GLU A 17 1.57 -2.44 -7.06
N TYR A 18 0.73 -1.88 -6.21
CA TYR A 18 -0.21 -0.85 -6.64
C TYR A 18 0.38 0.54 -6.38
N ARG A 19 1.27 0.64 -5.38
CA ARG A 19 1.89 1.90 -5.05
C ARG A 19 3.09 2.12 -5.96
N THR A 20 3.70 1.01 -6.34
CA THR A 20 4.85 1.02 -7.23
C THR A 20 4.46 1.64 -8.56
N LYS A 21 3.24 1.36 -9.01
CA LYS A 21 2.73 1.89 -10.26
C LYS A 21 2.76 3.42 -10.26
N ARG A 22 2.78 4.00 -9.07
CA ARG A 22 2.83 5.45 -8.93
C ARG A 22 4.26 5.94 -8.80
N GLN A 23 4.93 5.52 -7.73
CA GLN A 23 6.31 5.91 -7.48
C GLN A 23 6.42 7.39 -7.10
N THR A 24 5.71 8.24 -7.85
CA THR A 24 5.71 9.67 -7.60
C THR A 24 7.13 10.23 -7.61
N SER A 25 7.71 10.42 -6.42
CA SER A 25 9.07 10.95 -6.29
C SER A 25 9.33 11.43 -4.86
N GLY A 26 10.60 11.75 -4.58
CA GLY A 26 10.96 12.23 -3.26
C GLY A 26 10.50 11.29 -2.15
N GLY A 27 10.31 10.01 -2.49
CA GLY A 27 9.87 9.05 -1.51
C GLY A 27 10.90 8.84 -0.41
N PRO A 28 10.90 7.66 0.23
CA PRO A 28 11.85 7.35 1.30
C PRO A 28 13.26 7.12 0.77
N VAL A 29 13.35 6.65 -0.46
CA VAL A 29 14.63 6.38 -1.10
C VAL A 29 14.56 6.67 -2.59
N ASP A 30 15.73 6.85 -3.22
CA ASP A 30 15.79 7.12 -4.65
C ASP A 30 14.88 6.13 -5.40
N ALA A 31 14.72 4.95 -4.83
CA ALA A 31 13.89 3.91 -5.41
C ALA A 31 14.31 3.59 -6.84
N GLY A 32 15.60 3.44 -7.06
CA GLY A 32 16.09 3.12 -8.39
C GLY A 32 15.42 1.88 -8.93
N PRO A 33 15.76 1.46 -10.16
CA PRO A 33 15.14 0.27 -10.76
C PRO A 33 15.71 -1.03 -10.20
N GLU A 34 15.67 -1.17 -8.87
CA GLU A 34 16.17 -2.37 -8.23
C GLU A 34 15.99 -2.32 -6.71
N TYR A 35 14.74 -2.43 -6.27
CA TYR A 35 14.42 -2.41 -4.85
C TYR A 35 13.22 -3.31 -4.55
N GLN A 36 12.02 -2.90 -5.00
CA GLN A 36 10.80 -3.67 -4.76
C GLN A 36 10.81 -4.32 -3.38
N GLN A 37 11.48 -3.63 -2.48
CA GLN A 37 11.62 -4.05 -1.10
C GLN A 37 11.78 -2.78 -0.29
N ASP A 38 12.49 -1.83 -0.88
CA ASP A 38 12.67 -0.53 -0.29
C ASP A 38 11.41 0.28 -0.48
N LEU A 39 10.54 -0.16 -1.41
CA LEU A 39 9.28 0.53 -1.66
C LEU A 39 8.31 0.27 -0.51
N ASP A 40 8.45 -0.88 0.12
CA ASP A 40 7.58 -1.25 1.24
C ASP A 40 7.69 -0.23 2.37
N ARG A 41 8.86 0.37 2.52
CA ARG A 41 9.06 1.36 3.58
C ARG A 41 8.08 2.52 3.43
N GLU A 42 7.82 2.92 2.19
CA GLU A 42 6.89 4.01 1.92
C GLU A 42 5.47 3.55 2.19
N LEU A 43 5.13 2.36 1.69
CA LEU A 43 3.81 1.80 1.89
C LEU A 43 3.58 1.53 3.37
N PHE A 44 4.63 1.13 4.07
CA PHE A 44 4.53 0.85 5.49
C PHE A 44 4.14 2.11 6.25
N LYS A 45 4.49 3.27 5.71
CA LYS A 45 4.15 4.55 6.32
C LYS A 45 2.70 4.92 6.05
N LEU A 46 2.01 4.10 5.25
CA LEU A 46 0.62 4.35 4.94
C LEU A 46 -0.26 3.67 5.98
N LYS A 47 0.01 2.40 6.24
CA LYS A 47 -0.74 1.65 7.24
C LYS A 47 -0.71 2.38 8.58
N GLN A 48 0.33 3.20 8.78
CA GLN A 48 0.47 3.96 10.02
C GLN A 48 -0.48 5.15 10.03
N MET A 49 -0.55 5.86 8.90
CA MET A 49 -1.42 7.02 8.80
C MET A 49 -2.89 6.61 8.82
N TYR A 50 -3.16 5.40 8.34
CA TYR A 50 -4.52 4.88 8.32
C TYR A 50 -4.90 4.31 9.68
N GLY A 51 -3.91 3.77 10.37
CA GLY A 51 -4.15 3.19 11.69
C GLY A 51 -4.22 4.25 12.77
N LYS A 52 -3.62 5.41 12.51
CA LYS A 52 -3.62 6.50 13.47
C LYS A 52 -4.87 7.35 13.33
N ALA A 53 -5.41 7.41 12.11
CA ALA A 53 -6.62 8.18 11.85
C ALA A 53 -7.86 7.49 12.42
N ASP A 54 -8.44 6.59 11.63
CA ASP A 54 -9.63 5.86 12.05
C ASP A 54 -10.11 4.92 10.95
N MET A 55 -10.82 5.47 9.97
CA MET A 55 -11.34 4.69 8.86
C MET A 55 -12.25 5.54 7.97
N ASN A 56 -11.83 6.78 7.73
CA ASN A 56 -12.61 7.70 6.90
C ASN A 56 -12.08 7.75 5.48
N THR A 57 -10.75 7.86 5.34
CA THR A 57 -10.12 7.91 4.04
C THR A 57 -9.93 6.51 3.44
N PHE A 58 -10.36 5.49 4.17
CA PHE A 58 -10.22 4.11 3.72
C PHE A 58 -10.63 3.97 2.24
N PRO A 59 -9.65 3.93 1.34
CA PRO A 59 -9.89 3.80 -0.09
C PRO A 59 -9.85 2.36 -0.57
N ASN A 60 -8.69 1.72 -0.45
CA ASN A 60 -8.52 0.34 -0.87
C ASN A 60 -7.51 -0.39 0.01
N PHE A 61 -7.26 0.15 1.20
CA PHE A 61 -6.31 -0.46 2.13
C PHE A 61 -7.00 -1.50 3.01
N THR A 62 -8.33 -1.50 2.99
CA THR A 62 -9.11 -2.45 3.77
C THR A 62 -9.14 -3.82 3.11
N PHE A 63 -9.17 -3.83 1.78
CA PHE A 63 -9.21 -5.07 1.01
C PHE A 63 -10.21 -6.06 1.63
N GLU A 64 -11.41 -5.57 1.92
CA GLU A 64 -12.45 -6.39 2.52
C GLU A 64 -12.05 -6.82 3.93
N ASP A 65 -11.29 -5.96 4.62
CA ASP A 65 -10.84 -6.26 5.97
C ASP A 65 -12.04 -6.53 6.89
N PRO A 66 -11.77 -6.98 8.13
CA PRO A 66 -12.82 -7.29 9.10
C PRO A 66 -13.39 -6.04 9.78
N LYS A 67 -12.81 -4.88 9.47
CA LYS A 67 -13.25 -3.63 10.05
C LYS A 67 -14.70 -3.31 9.66
N PHE A 68 -15.20 -4.00 8.63
CA PHE A 68 -16.56 -3.78 8.16
C PHE A 68 -17.37 -5.08 8.15
N GLU A 69 -16.98 -6.01 9.01
CA GLU A 69 -17.68 -7.30 9.09
C GLU A 69 -17.06 -8.18 10.16
N VAL A 70 -17.64 -9.38 10.34
CA VAL A 70 -17.15 -10.34 11.33
C VAL A 70 -16.87 -9.66 12.67
N VAL A 71 -17.63 -8.60 12.95
CA VAL A 71 -17.49 -7.85 14.19
C VAL A 71 -18.50 -6.72 14.28
N GLU A 72 -19.76 -7.07 14.47
CA GLU A 72 -20.84 -6.08 14.57
C GLU A 72 -20.60 -5.15 15.75
N LYS A 73 -20.02 -5.68 16.82
CA LYS A 73 -19.74 -4.90 18.01
C LYS A 73 -18.35 -5.21 18.56
N PRO A 74 -17.30 -4.63 17.96
CA PRO A 74 -15.92 -4.86 18.40
C PRO A 74 -15.70 -4.45 19.85
N GLN A 75 -15.67 -3.14 20.10
CA GLN A 75 -15.46 -2.62 21.45
C GLN A 75 -15.55 -1.10 21.47
N SER A 76 -14.55 -0.45 20.86
CA SER A 76 -14.52 1.00 20.81
C SER A 76 -13.56 1.49 19.72
N ASN A 1 8.10 -5.73 9.16
CA ASN A 1 8.68 -4.66 8.31
C ASN A 1 9.81 -5.21 7.45
N LYS A 2 10.76 -5.92 8.07
CA LYS A 2 11.88 -6.49 7.36
C LYS A 2 11.74 -8.00 7.23
N GLU A 3 11.29 -8.64 8.31
CA GLU A 3 11.10 -10.08 8.32
C GLU A 3 9.79 -10.47 7.67
N LEU A 4 8.76 -9.64 7.88
CA LEU A 4 7.45 -9.89 7.32
C LEU A 4 6.84 -11.16 7.89
N ASP A 5 5.84 -10.98 8.74
CA ASP A 5 5.15 -12.10 9.36
C ASP A 5 4.47 -12.96 8.30
N PRO A 6 3.83 -14.07 8.72
CA PRO A 6 3.15 -14.97 7.79
C PRO A 6 1.73 -14.52 7.47
N VAL A 7 1.57 -13.22 7.24
CA VAL A 7 0.27 -12.66 6.91
C VAL A 7 0.42 -11.28 6.27
N GLN A 8 1.09 -10.37 6.97
CA GLN A 8 1.31 -9.03 6.44
C GLN A 8 1.85 -9.11 5.01
N LYS A 9 2.54 -10.20 4.70
CA LYS A 9 3.09 -10.39 3.37
C LYS A 9 1.98 -10.30 2.33
N LEU A 10 0.77 -10.69 2.74
CA LEU A 10 -0.39 -10.66 1.85
C LEU A 10 -0.70 -9.24 1.39
N PHE A 11 -0.77 -8.32 2.33
CA PHE A 11 -1.06 -6.93 2.01
C PHE A 11 0.10 -6.31 1.26
N VAL A 12 1.31 -6.79 1.56
CA VAL A 12 2.50 -6.29 0.90
C VAL A 12 2.47 -6.64 -0.58
N ASP A 13 1.75 -7.71 -0.93
CA ASP A 13 1.63 -8.15 -2.30
C ASP A 13 0.43 -7.52 -2.99
N LYS A 14 -0.20 -6.54 -2.34
CA LYS A 14 -1.34 -5.85 -2.91
C LYS A 14 -0.99 -4.39 -3.04
N ILE A 15 -0.26 -3.89 -2.06
CA ILE A 15 0.18 -2.53 -2.08
C ILE A 15 1.33 -2.38 -3.08
N ARG A 16 1.93 -3.51 -3.46
CA ARG A 16 3.00 -3.47 -4.42
C ARG A 16 2.41 -3.60 -5.82
N GLU A 17 1.08 -3.62 -5.89
CA GLU A 17 0.37 -3.74 -7.16
C GLU A 17 -0.37 -2.45 -7.51
N TYR A 18 -0.68 -1.66 -6.50
CA TYR A 18 -1.37 -0.39 -6.69
C TYR A 18 -0.35 0.76 -6.70
N ARG A 19 0.77 0.56 -6.01
CA ARG A 19 1.81 1.57 -5.96
C ARG A 19 2.70 1.44 -7.18
N THR A 20 2.81 0.21 -7.66
CA THR A 20 3.59 -0.10 -8.84
C THR A 20 3.05 0.70 -10.03
N LYS A 21 1.73 0.87 -10.06
CA LYS A 21 1.09 1.62 -11.13
C LYS A 21 1.46 3.09 -11.06
N ARG A 22 1.80 3.56 -9.86
CA ARG A 22 2.17 4.95 -9.66
C ARG A 22 3.69 5.10 -9.55
N GLN A 23 4.43 4.07 -9.94
CA GLN A 23 5.89 4.10 -9.89
C GLN A 23 6.44 5.34 -10.60
N THR A 24 5.66 5.87 -11.55
CA THR A 24 6.08 7.05 -12.29
C THR A 24 6.40 8.22 -11.37
N SER A 25 5.89 8.17 -10.15
CA SER A 25 6.11 9.23 -9.17
C SER A 25 7.58 9.68 -9.16
N GLY A 26 8.46 8.81 -8.68
CA GLY A 26 9.87 9.15 -8.63
C GLY A 26 10.45 9.01 -7.24
N GLY A 27 10.52 7.79 -6.74
CA GLY A 27 11.07 7.56 -5.41
C GLY A 27 11.98 6.35 -5.37
N PRO A 28 11.53 5.22 -4.80
CA PRO A 28 12.32 4.00 -4.70
C PRO A 28 12.32 3.21 -6.00
N VAL A 29 11.14 3.12 -6.64
CA VAL A 29 11.02 2.40 -7.89
C VAL A 29 11.75 3.14 -9.01
N ASP A 30 12.08 2.42 -10.07
CA ASP A 30 12.81 3.01 -11.19
C ASP A 30 14.17 3.50 -10.72
N ALA A 31 14.61 2.98 -9.56
CA ALA A 31 15.90 3.34 -8.99
C ALA A 31 16.89 2.18 -9.11
N GLY A 32 16.67 1.33 -10.11
CA GLY A 32 17.53 0.19 -10.32
C GLY A 32 17.05 -1.02 -9.54
N PRO A 33 16.92 -2.19 -10.18
CA PRO A 33 16.46 -3.42 -9.50
C PRO A 33 17.30 -3.75 -8.27
N GLU A 34 16.95 -3.12 -7.16
CA GLU A 34 17.66 -3.34 -5.90
C GLU A 34 17.30 -2.25 -4.89
N TYR A 35 16.13 -2.39 -4.29
CA TYR A 35 15.63 -1.42 -3.32
C TYR A 35 14.30 -1.88 -2.73
N GLN A 36 14.02 -3.19 -2.81
CA GLN A 36 12.76 -3.74 -2.30
C GLN A 36 12.46 -3.25 -0.88
N GLN A 37 13.49 -2.71 -0.21
CA GLN A 37 13.33 -2.21 1.14
C GLN A 37 12.93 -0.73 1.14
N ASP A 38 13.04 -0.07 -0.02
CA ASP A 38 12.70 1.33 -0.13
C ASP A 38 11.25 1.50 -0.56
N LEU A 39 10.75 0.52 -1.31
CA LEU A 39 9.36 0.57 -1.78
C LEU A 39 8.42 0.00 -0.72
N ASP A 40 8.93 -0.94 0.07
CA ASP A 40 8.14 -1.55 1.13
C ASP A 40 8.11 -0.66 2.36
N ARG A 41 9.16 0.14 2.54
CA ARG A 41 9.24 1.04 3.68
C ARG A 41 8.33 2.24 3.47
N GLU A 42 8.24 2.71 2.24
CA GLU A 42 7.39 3.86 1.92
C GLU A 42 5.92 3.47 1.98
N LEU A 43 5.60 2.30 1.45
CA LEU A 43 4.23 1.82 1.48
C LEU A 43 3.86 1.42 2.89
N PHE A 44 4.82 0.83 3.60
CA PHE A 44 4.61 0.40 4.97
C PHE A 44 4.23 1.59 5.85
N LYS A 45 4.64 2.78 5.42
CA LYS A 45 4.34 4.00 6.18
C LYS A 45 2.85 4.31 6.15
N LEU A 46 2.14 3.82 5.14
CA LEU A 46 0.71 4.06 5.02
C LEU A 46 -0.05 3.30 6.10
N LYS A 47 0.28 2.02 6.27
CA LYS A 47 -0.39 1.20 7.28
C LYS A 47 -0.26 1.83 8.67
N GLN A 48 0.80 2.62 8.86
CA GLN A 48 1.03 3.28 10.14
C GLN A 48 0.09 4.47 10.31
N MET A 49 -0.20 5.14 9.20
CA MET A 49 -1.11 6.29 9.23
C MET A 49 -2.55 5.81 9.24
N TYR A 50 -2.80 4.68 8.59
CA TYR A 50 -4.14 4.11 8.52
C TYR A 50 -4.51 3.47 9.86
N GLY A 51 -3.50 3.00 10.59
CA GLY A 51 -3.74 2.38 11.87
C GLY A 51 -4.13 3.39 12.93
N LYS A 52 -3.65 4.62 12.77
CA LYS A 52 -3.95 5.68 13.73
C LYS A 52 -5.07 6.58 13.20
N ALA A 53 -5.03 6.88 11.91
CA ALA A 53 -6.05 7.72 11.28
C ALA A 53 -7.41 7.04 11.31
N ASP A 54 -7.40 5.70 11.35
CA ASP A 54 -8.64 4.94 11.37
C ASP A 54 -9.44 5.15 10.09
N MET A 55 -8.73 5.28 8.97
CA MET A 55 -9.38 5.49 7.68
C MET A 55 -10.23 6.75 7.70
N ASN A 56 -9.81 7.73 8.48
CA ASN A 56 -10.53 9.00 8.58
C ASN A 56 -9.93 10.04 7.66
N THR A 57 -9.61 9.62 6.44
CA THR A 57 -9.02 10.52 5.45
C THR A 57 -8.95 9.85 4.08
N PHE A 58 -8.58 8.57 4.08
CA PHE A 58 -8.47 7.80 2.84
C PHE A 58 -9.18 6.46 2.96
N PRO A 59 -9.51 5.83 1.83
CA PRO A 59 -10.19 4.53 1.82
C PRO A 59 -9.51 3.51 2.72
N ASN A 60 -8.21 3.32 2.51
CA ASN A 60 -7.41 2.38 3.29
C ASN A 60 -6.03 2.21 2.67
N PHE A 61 -5.97 2.32 1.34
CA PHE A 61 -4.72 2.18 0.62
C PHE A 61 -4.86 2.65 -0.83
N THR A 62 -4.47 3.89 -1.08
CA THR A 62 -4.56 4.46 -2.42
C THR A 62 -3.95 5.86 -2.44
N PHE A 63 -4.27 6.67 -1.44
CA PHE A 63 -3.77 8.04 -1.37
C PHE A 63 -4.47 8.91 -2.39
N GLU A 64 -4.40 8.49 -3.65
CA GLU A 64 -5.04 9.22 -4.74
C GLU A 64 -5.09 8.36 -6.00
N ASP A 65 -5.15 7.04 -5.82
CA ASP A 65 -5.20 6.13 -6.96
C ASP A 65 -6.66 5.74 -7.28
N PRO A 66 -7.10 4.44 -7.24
CA PRO A 66 -8.49 4.08 -7.55
C PRO A 66 -9.51 5.06 -7.01
N LYS A 67 -9.18 5.72 -5.91
CA LYS A 67 -10.08 6.69 -5.32
C LYS A 67 -10.31 7.86 -6.29
N PHE A 68 -9.66 7.79 -7.46
CA PHE A 68 -9.80 8.85 -8.46
C PHE A 68 -11.24 9.00 -8.92
N GLU A 69 -12.06 7.98 -8.64
CA GLU A 69 -13.48 7.99 -9.02
C GLU A 69 -13.65 7.68 -10.50
N VAL A 70 -14.17 6.50 -10.80
CA VAL A 70 -14.39 6.08 -12.18
C VAL A 70 -15.76 6.54 -12.68
N VAL A 71 -16.72 6.64 -11.77
CA VAL A 71 -18.06 7.06 -12.13
C VAL A 71 -18.29 8.54 -11.81
N GLU A 72 -17.20 9.32 -11.86
CA GLU A 72 -17.27 10.75 -11.58
C GLU A 72 -17.56 11.00 -10.11
N LYS A 73 -18.76 10.64 -9.66
CA LYS A 73 -19.15 10.83 -8.27
C LYS A 73 -20.23 9.84 -7.87
N PRO A 74 -19.84 8.69 -7.28
CA PRO A 74 -20.79 7.66 -6.86
C PRO A 74 -21.91 8.23 -5.99
N GLN A 75 -22.81 7.36 -5.54
CA GLN A 75 -23.92 7.77 -4.69
C GLN A 75 -23.47 7.98 -3.25
N SER A 76 -22.67 7.05 -2.74
CA SER A 76 -22.17 7.12 -1.38
C SER A 76 -20.97 6.21 -1.19
#